data_8Y9Y
#
_entry.id   8Y9Y
#
_cell.length_a   1.00
_cell.length_b   1.00
_cell.length_c   1.00
_cell.angle_alpha   90.00
_cell.angle_beta   90.00
_cell.angle_gamma   90.00
#
_symmetry.space_group_name_H-M   'P 1'
#
loop_
_entity.id
_entity.type
_entity.pdbx_description
1 polymer 'Protein translocase subunit SecA'
2 polymer 'Protein translocase subunit SecY'
3 polymer 'Protein translocase subunit SecE'
4 polymer 'Substrate FtsQ-LacY(+1C)'
5 non-polymer 'MAGNESIUM ION'
6 non-polymer 'BERYLLIUM TRIFLUORIDE ION'
7 non-polymer "ADENOSINE-5'-DIPHOSPHATE"
#
loop_
_entity_poly.entity_id
_entity_poly.type
_entity_poly.pdbx_seq_one_letter_code
_entity_poly.pdbx_strand_id
1 'polypeptide(L)'
;MLGILNKMFDPTKRTLNRYEKIANDIDAIRGDYENLSDDALKHKTIEFKERLEKGATTDDLLVEAFAVVREASRRVTGMF
PFKVQLMGGVALHDGNIAEMKTGEGKTLTSTLPVYLNALTGKGVHVVTVNEYLASRDAEQMGKIFEFLGLTVGLNLNSMS
KDEKREAYAADITYSTNNELGFDYLRDNMVLYKEQMVQRPLHFAVIDEVDSILIDEARTPLIISGQAAKSTKLYVQANAF
VRTLKAEKDYTYDIKTKAVQLTEEGMTKAEKAFGIDNLFDVKHVALNHHINQALKAHVAMQKDVDYVVEDGQVVIVDSFT
GRLMKGRRYSEGLHQAIEAKEGLEIQNESMTLATITFQNYFRMYEKLAGMTGTAKTEEEEFRNIYNMQVVTIPTNRPVVR
DDRPDLIYRTMEGKFKAVAEDVAQRYMTGQPVLVGTVAVETSELISKLLKNKGIPHQVLNAKNHEREAQIIEEAGQKGAV
TIATNMAGRGTDIKLGEGVKELGGLAVVGTERHESRRIDNQLRGRSGRQGDPGITQFYLSMEDELMRRFGAERTMAMLDR
FGMDDSTPIQSKMVSRAVESSQKRVEGNNFDSRKQLLQYDDVLRQQREVIYKQRFEVIDSENLREIVENMIKSSLERAIA
AYTPREELPEEWKLDGLVDLINTTYLDEGALEKSDIFGKEPDEMLELIMDRIITKYNEKEEQFGKEQMREFEKVIVLRAV
DSKWMDHIDAMDQLRQGIHLRAYAQTNPLREYQMEGFAMFEHMIESIEDEVAKFVMKA
;
A
2 'polypeptide(L)'
;MFRTISNFMRVSDIRNKIIFTLLMLIVFRIGTFIPVPSVNTDVLKLQDQLNAFGVLNIFCGGALQNFSIFAMGVMPYITA
SIIVQLLQMDVVPKFAEWSKQGEMGRRKLAQFTRYFTIVLGFIQALGMSYGFNNLAGGMLIQNPGIGTYLLIAVVLTAGT
AFLMWLGEQITAKGVGNGISIIIFAGIVSGIPTILNQIYAQTFENVGEDLTLNIVRLLLVALAVVAVIVGVIYIQQAFRK
IPIQYAKRLEGRNPVGGHSTHLPLKVNPAGVIPVIFAVSFLIAPPTIASFFGTNDVTLWIRRTFDYTHPVGMTIYVVLII
AFTYFYAFVQVNPEQMADNLKKQGGYIPGIRPGKNTQEYVTRILYRLTLVGSLFLAFIAVLPVFFVNFANLPPSAQIGGT
SLLIVVGVALETMKQLESQLVKRHYRGFIK
;
Y
3 'polypeptide(L)' MQRVTNFFKEVVRELKKVSWPNRKELVNYTAVVLATVAFFTVFFAVIDLGISQLIRLVFEGGHHHHHHHH E
4 'polypeptide(L)' MAKKTILFLLTVLTTVLVSGWVVLGCQYEDGSSGVVILKTLHMFEVPFLLVGAFSISGDGDSPHSYHSGDGDK B
#
loop_
_chem_comp.id
_chem_comp.type
_chem_comp.name
_chem_comp.formula
ADP non-polymer ADENOSINE-5'-DIPHOSPHATE 'C10 H15 N5 O10 P2'
BEF non-polymer 'BERYLLIUM TRIFLUORIDE ION' 'Be F3 -1'
MG non-polymer 'MAGNESIUM ION' 'Mg 2'
#
# COMPACT_ATOMS: atom_id res chain seq x y z
N ARG A 14 -24.70 -21.19 -11.37
CA ARG A 14 -24.51 -21.05 -9.94
C ARG A 14 -23.67 -22.20 -9.41
N THR A 15 -22.97 -21.94 -8.30
CA THR A 15 -22.18 -22.94 -7.61
C THR A 15 -22.90 -23.55 -6.43
N LEU A 16 -23.98 -22.94 -5.95
CA LEU A 16 -24.70 -23.47 -4.80
C LEU A 16 -25.48 -24.73 -5.15
N ASN A 17 -26.03 -24.80 -6.36
CA ASN A 17 -26.82 -25.96 -6.73
C ASN A 17 -25.95 -27.18 -6.94
N ARG A 18 -24.68 -26.98 -7.30
CA ARG A 18 -23.76 -28.10 -7.36
C ARG A 18 -23.53 -28.69 -5.98
N TYR A 19 -23.42 -27.83 -4.96
CA TYR A 19 -23.19 -28.32 -3.61
C TYR A 19 -24.43 -28.98 -3.04
N GLU A 20 -25.63 -28.52 -3.44
CA GLU A 20 -26.83 -29.22 -3.03
C GLU A 20 -26.96 -30.57 -3.72
N LYS A 21 -26.52 -30.67 -4.98
CA LYS A 21 -26.58 -31.96 -5.66
C LYS A 21 -25.58 -32.95 -5.07
N ILE A 22 -24.41 -32.46 -4.63
CA ILE A 22 -23.45 -33.37 -4.00
C ILE A 22 -23.91 -33.77 -2.61
N ALA A 23 -24.57 -32.86 -1.88
CA ALA A 23 -25.11 -33.21 -0.57
C ALA A 23 -26.20 -34.25 -0.68
N ASN A 24 -27.02 -34.18 -1.72
CA ASN A 24 -28.00 -35.23 -1.95
C ASN A 24 -27.35 -36.55 -2.34
N ASP A 25 -26.24 -36.50 -3.08
CA ASP A 25 -25.51 -37.73 -3.39
C ASP A 25 -24.94 -38.38 -2.13
N ILE A 26 -24.44 -37.57 -1.19
CA ILE A 26 -23.90 -38.09 0.06
C ILE A 26 -25.00 -38.72 0.91
N ASP A 27 -26.20 -38.15 0.88
CA ASP A 27 -27.32 -38.79 1.57
C ASP A 27 -27.69 -40.14 0.92
N ALA A 28 -27.63 -40.19 -0.41
CA ALA A 28 -27.91 -41.44 -1.13
C ALA A 28 -26.93 -42.55 -0.76
N ILE A 29 -25.64 -42.23 -0.68
CA ILE A 29 -24.65 -43.24 -0.31
C ILE A 29 -24.77 -43.59 1.19
N ARG A 30 -25.21 -42.61 2.00
CA ARG A 30 -25.43 -42.82 3.43
C ARG A 30 -26.47 -43.89 3.65
N GLY A 31 -27.42 -44.02 2.72
CA GLY A 31 -28.39 -45.12 2.78
C GLY A 31 -27.76 -46.50 2.93
N ASP A 32 -26.63 -46.74 2.25
CA ASP A 32 -25.97 -48.03 2.43
C ASP A 32 -24.88 -48.01 3.51
N TYR A 33 -24.38 -46.84 3.88
CA TYR A 33 -23.23 -46.82 4.80
C TYR A 33 -23.55 -47.06 6.27
N GLU A 34 -24.79 -47.33 6.67
CA GLU A 34 -25.09 -47.23 8.09
C GLU A 34 -24.82 -48.51 8.87
N ASN A 35 -25.04 -49.68 8.27
CA ASN A 35 -24.99 -50.92 9.02
C ASN A 35 -23.61 -51.54 9.09
N LEU A 36 -22.58 -50.84 8.62
CA LEU A 36 -21.23 -51.36 8.67
C LEU A 36 -20.72 -51.32 10.10
N SER A 37 -20.19 -52.44 10.57
CA SER A 37 -19.65 -52.50 11.92
C SER A 37 -18.36 -51.71 12.03
N ASP A 38 -17.99 -51.38 13.25
CA ASP A 38 -16.65 -50.84 13.47
C ASP A 38 -15.63 -51.94 13.22
N ASP A 39 -14.42 -51.52 12.83
CA ASP A 39 -13.33 -52.28 12.21
C ASP A 39 -13.69 -52.70 10.79
N ALA A 40 -14.78 -52.19 10.23
CA ALA A 40 -15.02 -52.23 8.80
C ALA A 40 -15.09 -50.82 8.22
N LEU A 41 -14.81 -49.79 9.03
CA LEU A 41 -14.66 -48.42 8.58
C LEU A 41 -13.22 -47.96 8.54
N LYS A 42 -12.41 -48.40 9.51
CA LYS A 42 -10.96 -48.22 9.41
C LYS A 42 -10.41 -48.89 8.17
N HIS A 43 -10.98 -50.03 7.79
CA HIS A 43 -10.65 -50.60 6.51
C HIS A 43 -11.14 -49.74 5.36
N LYS A 44 -12.17 -48.91 5.56
CA LYS A 44 -12.56 -48.02 4.48
C LYS A 44 -11.57 -46.89 4.30
N THR A 45 -10.92 -46.43 5.38
CA THR A 45 -9.81 -45.50 5.19
C THR A 45 -8.64 -46.16 4.46
N ILE A 46 -8.36 -47.43 4.80
CA ILE A 46 -7.30 -48.18 4.10
C ILE A 46 -7.62 -48.32 2.61
N GLU A 47 -8.88 -48.62 2.29
CA GLU A 47 -9.31 -48.75 0.89
C GLU A 47 -9.23 -47.42 0.16
N PHE A 48 -9.55 -46.31 0.85
CA PHE A 48 -9.46 -45.00 0.23
C PHE A 48 -8.02 -44.63 -0.08
N LYS A 49 -7.08 -45.00 0.80
CA LYS A 49 -5.68 -44.72 0.51
C LYS A 49 -5.17 -45.57 -0.65
N GLU A 50 -5.63 -46.82 -0.74
CA GLU A 50 -5.24 -47.68 -1.87
C GLU A 50 -5.81 -47.16 -3.19
N ARG A 51 -7.08 -46.76 -3.20
CA ARG A 51 -7.70 -46.23 -4.41
C ARG A 51 -7.13 -44.87 -4.79
N LEU A 52 -6.67 -44.11 -3.81
CA LEU A 52 -6.08 -42.82 -4.11
C LEU A 52 -4.67 -42.96 -4.62
N GLU A 53 -3.98 -44.04 -4.24
CA GLU A 53 -2.68 -44.31 -4.81
C GLU A 53 -2.79 -44.89 -6.22
N LYS A 54 -3.79 -45.74 -6.45
CA LYS A 54 -3.92 -46.46 -7.71
C LYS A 54 -4.17 -45.56 -8.91
N GLY A 55 -5.35 -44.94 -8.99
CA GLY A 55 -5.58 -44.01 -10.08
C GLY A 55 -6.48 -42.81 -9.83
N ALA A 56 -7.03 -42.68 -8.64
CA ALA A 56 -8.13 -41.74 -8.44
C ALA A 56 -7.60 -40.39 -7.96
N THR A 57 -8.48 -39.39 -8.05
CA THR A 57 -8.22 -38.08 -7.49
C THR A 57 -8.99 -37.93 -6.20
N THR A 58 -8.94 -36.74 -5.62
CA THR A 58 -9.69 -36.47 -4.40
C THR A 58 -11.10 -35.99 -4.68
N ASP A 59 -11.51 -35.84 -5.94
CA ASP A 59 -12.88 -35.42 -6.20
C ASP A 59 -13.85 -36.60 -6.20
N ASP A 60 -13.49 -37.67 -6.91
CA ASP A 60 -14.36 -38.84 -7.04
C ASP A 60 -14.66 -39.45 -5.68
N LEU A 61 -13.58 -39.80 -4.96
CA LEU A 61 -13.63 -40.26 -3.58
C LEU A 61 -14.43 -39.36 -2.66
N LEU A 62 -14.51 -38.05 -3.00
CA LEU A 62 -15.28 -37.03 -2.30
C LEU A 62 -16.63 -37.52 -1.86
N VAL A 63 -17.41 -38.07 -2.79
CA VAL A 63 -18.77 -38.46 -2.44
C VAL A 63 -18.75 -39.56 -1.40
N GLU A 64 -17.97 -40.60 -1.67
CA GLU A 64 -17.86 -41.73 -0.76
C GLU A 64 -17.24 -41.30 0.56
N ALA A 65 -16.23 -40.41 0.50
CA ALA A 65 -15.49 -40.09 1.70
C ALA A 65 -16.37 -39.31 2.65
N PHE A 66 -17.24 -38.46 2.11
CA PHE A 66 -18.04 -37.63 2.99
C PHE A 66 -19.06 -38.49 3.71
N ALA A 67 -19.57 -39.52 3.03
CA ALA A 67 -20.53 -40.41 3.65
C ALA A 67 -19.90 -41.18 4.78
N VAL A 68 -18.62 -41.57 4.60
CA VAL A 68 -17.92 -42.32 5.63
C VAL A 68 -17.79 -41.49 6.88
N VAL A 69 -17.46 -40.19 6.71
CA VAL A 69 -17.23 -39.34 7.86
C VAL A 69 -18.51 -39.13 8.63
N ARG A 70 -19.64 -39.08 7.90
CA ARG A 70 -20.93 -38.85 8.57
C ARG A 70 -21.23 -39.99 9.50
N GLU A 71 -20.97 -41.21 9.04
CA GLU A 71 -21.25 -42.37 9.88
C GLU A 71 -20.30 -42.40 11.06
N ALA A 72 -19.02 -42.11 10.79
CA ALA A 72 -18.02 -42.08 11.85
C ALA A 72 -18.37 -41.03 12.87
N SER A 73 -18.89 -39.89 12.38
CA SER A 73 -19.21 -38.76 13.26
C SER A 73 -20.24 -39.16 14.28
N ARG A 74 -21.27 -39.89 13.83
CA ARG A 74 -22.36 -40.27 14.71
C ARG A 74 -21.84 -41.17 15.81
N ARG A 75 -21.04 -42.17 15.43
CA ARG A 75 -20.59 -43.18 16.37
C ARG A 75 -19.62 -42.61 17.38
N VAL A 76 -18.90 -41.54 17.00
CA VAL A 76 -17.98 -40.99 17.98
C VAL A 76 -18.65 -39.92 18.81
N THR A 77 -19.61 -39.20 18.24
CA THR A 77 -20.02 -37.96 18.91
C THR A 77 -21.51 -37.84 19.13
N GLY A 78 -22.32 -38.66 18.49
CA GLY A 78 -23.75 -38.47 18.53
C GLY A 78 -24.25 -37.31 17.71
N MET A 79 -23.39 -36.64 16.96
CA MET A 79 -23.78 -35.55 16.08
C MET A 79 -23.76 -36.06 14.64
N PHE A 80 -24.84 -35.97 14.01
CA PHE A 80 -24.90 -36.23 12.59
C PHE A 80 -24.75 -34.93 11.84
N PRO A 81 -24.01 -34.91 10.76
CA PRO A 81 -23.95 -33.71 9.94
C PRO A 81 -25.27 -33.50 9.22
N PHE A 82 -25.67 -32.25 9.14
CA PHE A 82 -26.85 -31.87 8.38
C PHE A 82 -26.51 -31.82 6.90
N LYS A 83 -27.45 -31.38 6.08
CA LYS A 83 -27.13 -31.25 4.67
C LYS A 83 -26.32 -29.99 4.40
N VAL A 84 -26.52 -28.94 5.19
CA VAL A 84 -25.75 -27.73 4.99
C VAL A 84 -24.33 -27.88 5.47
N GLN A 85 -24.07 -28.80 6.40
CA GLN A 85 -22.70 -29.10 6.77
C GLN A 85 -22.00 -29.85 5.66
N LEU A 86 -22.72 -30.66 4.90
CA LEU A 86 -22.13 -31.29 3.74
C LEU A 86 -21.87 -30.28 2.62
N MET A 87 -22.75 -29.29 2.47
CA MET A 87 -22.50 -28.24 1.49
C MET A 87 -21.29 -27.41 1.88
N GLY A 88 -21.11 -27.18 3.18
CA GLY A 88 -19.91 -26.50 3.65
C GLY A 88 -18.65 -27.32 3.46
N GLY A 89 -18.75 -28.63 3.61
CA GLY A 89 -17.61 -29.48 3.35
C GLY A 89 -17.22 -29.49 1.89
N VAL A 90 -18.19 -29.53 0.98
CA VAL A 90 -17.86 -29.51 -0.44
C VAL A 90 -17.30 -28.15 -0.83
N ALA A 91 -17.82 -27.07 -0.24
CA ALA A 91 -17.30 -25.75 -0.57
C ALA A 91 -15.91 -25.51 -0.02
N LEU A 92 -15.59 -26.08 1.14
CA LEU A 92 -14.24 -26.03 1.67
C LEU A 92 -13.28 -26.92 0.90
N HIS A 93 -13.77 -27.98 0.28
CA HIS A 93 -12.86 -28.84 -0.44
C HIS A 93 -12.40 -28.19 -1.74
N ASP A 94 -13.22 -27.33 -2.34
CA ASP A 94 -12.87 -26.73 -3.62
C ASP A 94 -11.85 -25.60 -3.49
N GLY A 95 -11.49 -25.19 -2.28
CA GLY A 95 -10.64 -24.05 -2.10
C GLY A 95 -11.37 -22.75 -1.89
N ASN A 96 -12.64 -22.80 -1.54
CA ASN A 96 -13.47 -21.62 -1.35
C ASN A 96 -13.59 -21.31 0.12
N ILE A 97 -14.39 -20.31 0.44
CA ILE A 97 -14.64 -19.90 1.82
C ILE A 97 -16.09 -20.19 2.13
N ALA A 98 -16.33 -21.16 2.98
CA ALA A 98 -17.70 -21.45 3.38
C ALA A 98 -18.12 -20.43 4.42
N GLU A 99 -19.04 -19.55 4.08
CA GLU A 99 -19.63 -18.66 5.06
C GLU A 99 -20.89 -19.33 5.58
N MET A 100 -20.77 -20.04 6.68
CA MET A 100 -21.92 -20.56 7.40
C MET A 100 -22.08 -19.71 8.64
N LYS A 101 -23.33 -19.46 9.04
CA LYS A 101 -23.59 -18.53 10.12
C LYS A 101 -23.06 -19.04 11.44
N THR A 102 -22.78 -18.11 12.34
CA THR A 102 -22.14 -18.42 13.60
C THR A 102 -23.09 -19.18 14.49
N GLY A 103 -22.74 -20.42 14.78
CA GLY A 103 -23.58 -21.32 15.54
C GLY A 103 -24.04 -22.50 14.75
N GLU A 104 -23.79 -22.52 13.45
CA GLU A 104 -24.33 -23.55 12.57
C GLU A 104 -23.36 -24.69 12.34
N GLY A 105 -22.54 -25.02 13.32
CA GLY A 105 -21.71 -26.20 13.24
C GLY A 105 -20.57 -26.12 12.25
N LYS A 106 -19.67 -25.15 12.38
CA LYS A 106 -18.54 -25.10 11.46
C LYS A 106 -17.35 -25.90 11.92
N THR A 107 -17.56 -26.92 12.75
CA THR A 107 -16.49 -27.78 13.20
C THR A 107 -16.62 -29.20 12.67
N LEU A 108 -17.80 -29.64 12.29
CA LEU A 108 -17.91 -30.89 11.54
C LEU A 108 -17.69 -30.67 10.04
N THR A 109 -17.98 -29.48 9.54
CA THR A 109 -17.62 -29.20 8.18
C THR A 109 -16.13 -28.93 8.02
N SER A 110 -15.39 -28.80 9.10
CA SER A 110 -13.94 -28.88 9.01
C SER A 110 -13.45 -30.27 9.30
N THR A 111 -14.35 -31.24 9.41
CA THR A 111 -13.98 -32.63 9.53
C THR A 111 -14.16 -33.37 8.22
N LEU A 112 -15.07 -32.90 7.35
CA LEU A 112 -15.24 -33.59 6.08
C LEU A 112 -14.09 -33.38 5.08
N PRO A 113 -13.73 -32.14 4.68
CA PRO A 113 -12.64 -32.03 3.70
C PRO A 113 -11.27 -32.22 4.28
N VAL A 114 -11.10 -32.09 5.59
CA VAL A 114 -9.85 -32.43 6.24
C VAL A 114 -9.57 -33.91 6.12
N TYR A 115 -10.61 -34.73 6.31
CA TYR A 115 -10.47 -36.17 6.08
C TYR A 115 -10.20 -36.47 4.64
N LEU A 116 -10.86 -35.78 3.71
CA LEU A 116 -10.66 -36.12 2.31
C LEU A 116 -9.27 -35.73 1.82
N ASN A 117 -8.76 -34.57 2.22
CA ASN A 117 -7.45 -34.13 1.80
C ASN A 117 -6.34 -34.54 2.75
N ALA A 118 -6.64 -35.37 3.74
CA ALA A 118 -5.60 -35.93 4.59
C ALA A 118 -5.25 -37.35 4.20
N LEU A 119 -5.89 -37.89 3.18
CA LEU A 119 -5.70 -39.29 2.83
C LEU A 119 -4.44 -39.53 2.02
N THR A 120 -4.00 -38.55 1.24
CA THR A 120 -2.78 -38.74 0.45
C THR A 120 -1.54 -38.80 1.32
N GLY A 121 -1.55 -38.16 2.48
CA GLY A 121 -0.45 -38.23 3.40
C GLY A 121 0.35 -36.96 3.51
N LYS A 122 0.05 -35.95 2.69
CA LYS A 122 0.88 -34.75 2.68
C LYS A 122 0.61 -33.87 3.88
N GLY A 123 -0.54 -34.01 4.53
CA GLY A 123 -0.78 -33.32 5.77
C GLY A 123 -1.66 -32.09 5.66
N VAL A 124 -2.57 -31.91 6.61
CA VAL A 124 -3.55 -30.84 6.60
C VAL A 124 -3.34 -30.01 7.85
N HIS A 125 -3.20 -28.71 7.69
CA HIS A 125 -3.09 -27.80 8.82
C HIS A 125 -4.44 -27.15 9.05
N VAL A 126 -5.02 -27.37 10.22
CA VAL A 126 -6.27 -26.74 10.59
C VAL A 126 -5.94 -25.61 11.55
N VAL A 127 -6.08 -24.39 11.09
CA VAL A 127 -5.70 -23.19 11.80
C VAL A 127 -6.91 -22.68 12.55
N THR A 128 -6.70 -22.14 13.74
CA THR A 128 -7.77 -21.51 14.49
C THR A 128 -7.25 -20.18 15.00
N VAL A 129 -7.92 -19.55 15.94
CA VAL A 129 -7.48 -18.21 16.30
C VAL A 129 -6.60 -18.23 17.54
N ASN A 130 -6.91 -19.05 18.53
CA ASN A 130 -6.14 -19.13 19.76
C ASN A 130 -6.00 -20.59 20.14
N GLU A 131 -5.48 -20.85 21.33
CA GLU A 131 -5.15 -22.22 21.71
C GLU A 131 -6.26 -22.91 22.47
N TYR A 132 -7.22 -22.16 23.03
CA TYR A 132 -8.41 -22.78 23.58
C TYR A 132 -9.26 -23.41 22.50
N LEU A 133 -9.45 -22.72 21.38
CA LEU A 133 -10.24 -23.28 20.30
C LEU A 133 -9.50 -24.38 19.57
N ALA A 134 -8.17 -24.26 19.45
CA ALA A 134 -7.38 -25.32 18.82
C ALA A 134 -7.40 -26.59 19.66
N SER A 135 -7.21 -26.49 20.97
CA SER A 135 -7.28 -27.68 21.82
C SER A 135 -8.69 -28.23 21.89
N ARG A 136 -9.68 -27.34 21.90
CA ARG A 136 -11.09 -27.71 21.96
C ARG A 136 -11.50 -28.49 20.72
N ASP A 137 -11.12 -28.01 19.54
CA ASP A 137 -11.44 -28.73 18.32
C ASP A 137 -10.60 -29.98 18.18
N ALA A 138 -9.36 -29.94 18.68
CA ALA A 138 -8.44 -31.06 18.49
C ALA A 138 -8.88 -32.27 19.29
N GLU A 139 -9.42 -32.08 20.49
CA GLU A 139 -9.88 -33.21 21.28
C GLU A 139 -11.06 -33.93 20.64
N GLN A 140 -12.13 -33.20 20.32
CA GLN A 140 -13.34 -33.82 19.77
C GLN A 140 -13.12 -34.36 18.36
N MET A 141 -12.60 -33.53 17.47
CA MET A 141 -12.39 -33.98 16.11
C MET A 141 -11.27 -34.99 16.05
N GLY A 142 -10.35 -34.98 17.01
CA GLY A 142 -9.35 -36.02 17.07
C GLY A 142 -9.93 -37.34 17.49
N LYS A 143 -10.98 -37.32 18.30
CA LYS A 143 -11.72 -38.56 18.56
C LYS A 143 -12.34 -39.10 17.28
N ILE A 144 -12.93 -38.22 16.47
CA ILE A 144 -13.51 -38.66 15.18
C ILE A 144 -12.43 -39.20 14.24
N PHE A 145 -11.28 -38.54 14.16
CA PHE A 145 -10.27 -38.94 13.19
C PHE A 145 -9.47 -40.15 13.66
N GLU A 146 -9.13 -40.22 14.94
CA GLU A 146 -8.47 -41.40 15.47
C GLU A 146 -9.39 -42.60 15.51
N PHE A 147 -10.70 -42.40 15.45
CA PHE A 147 -11.60 -43.52 15.16
C PHE A 147 -11.29 -44.11 13.79
N LEU A 148 -11.11 -43.27 12.77
CA LEU A 148 -11.00 -43.71 11.39
C LEU A 148 -9.59 -44.06 10.96
N GLY A 149 -8.64 -44.12 11.87
CA GLY A 149 -7.32 -44.60 11.53
C GLY A 149 -6.32 -43.57 11.08
N LEU A 150 -6.66 -42.29 11.12
CA LEU A 150 -5.71 -41.21 10.87
C LEU A 150 -5.15 -40.70 12.18
N THR A 151 -4.00 -40.06 12.10
CA THR A 151 -3.37 -39.45 13.26
C THR A 151 -3.82 -38.00 13.37
N VAL A 152 -3.78 -37.45 14.57
CA VAL A 152 -4.03 -36.03 14.79
C VAL A 152 -2.93 -35.49 15.69
N GLY A 153 -2.27 -34.42 15.25
CA GLY A 153 -1.32 -33.72 16.07
C GLY A 153 -1.88 -32.37 16.45
N LEU A 154 -1.41 -31.82 17.56
CA LEU A 154 -1.83 -30.49 18.00
C LEU A 154 -0.59 -29.72 18.38
N ASN A 155 -0.35 -28.61 17.70
CA ASN A 155 0.91 -27.88 17.80
C ASN A 155 0.66 -26.62 18.62
N LEU A 156 1.28 -26.54 19.78
CA LEU A 156 1.09 -25.44 20.71
C LEU A 156 2.37 -24.64 20.86
N ASN A 157 2.29 -23.59 21.66
CA ASN A 157 3.41 -22.68 21.87
C ASN A 157 4.44 -23.25 22.83
N SER A 158 4.02 -24.14 23.72
CA SER A 158 4.84 -24.63 24.81
C SER A 158 5.58 -25.90 24.46
N MET A 159 5.49 -26.37 23.23
CA MET A 159 6.09 -27.64 22.86
C MET A 159 7.55 -27.45 22.50
N SER A 160 8.35 -28.47 22.76
CA SER A 160 9.72 -28.46 22.29
C SER A 160 9.74 -28.84 20.81
N LYS A 161 10.90 -28.69 20.18
CA LYS A 161 11.00 -28.93 18.74
C LYS A 161 10.84 -30.39 18.38
N ASP A 162 11.08 -31.32 19.30
CA ASP A 162 10.83 -32.72 18.99
C ASP A 162 9.34 -33.03 19.02
N GLU A 163 8.61 -32.46 19.97
CA GLU A 163 7.16 -32.65 19.97
C GLU A 163 6.49 -31.91 18.82
N LYS A 164 7.03 -30.76 18.42
CA LYS A 164 6.51 -30.09 17.24
C LYS A 164 6.82 -30.87 15.99
N ARG A 165 7.98 -31.51 15.93
CA ARG A 165 8.27 -32.34 14.76
C ARG A 165 7.39 -33.57 14.72
N GLU A 166 6.97 -34.07 15.88
CA GLU A 166 6.04 -35.19 15.88
C GLU A 166 4.60 -34.77 15.70
N ALA A 167 4.28 -33.47 15.86
CA ALA A 167 2.95 -32.97 15.59
C ALA A 167 2.72 -32.73 14.11
N TYR A 168 3.70 -32.16 13.43
CA TYR A 168 3.58 -31.97 11.98
C TYR A 168 3.79 -33.23 11.19
N ALA A 169 4.27 -34.30 11.81
CA ALA A 169 4.37 -35.59 11.15
C ALA A 169 3.09 -36.40 11.26
N ALA A 170 2.09 -35.88 11.94
CA ALA A 170 0.77 -36.47 11.96
C ALA A 170 0.00 -36.09 10.70
N ASP A 171 -1.12 -36.74 10.48
CA ASP A 171 -1.85 -36.53 9.25
C ASP A 171 -2.65 -35.23 9.27
N ILE A 172 -3.12 -34.81 10.44
CA ILE A 172 -3.88 -33.59 10.62
C ILE A 172 -3.26 -32.83 11.77
N THR A 173 -2.94 -31.56 11.56
CA THR A 173 -2.32 -30.74 12.57
C THR A 173 -3.28 -29.62 12.95
N TYR A 174 -3.51 -29.44 14.24
CA TYR A 174 -4.29 -28.31 14.73
C TYR A 174 -3.35 -27.31 15.35
N SER A 175 -3.37 -26.08 14.86
CA SER A 175 -2.46 -25.08 15.40
C SER A 175 -3.12 -23.73 15.32
N THR A 176 -2.48 -22.74 15.91
CA THR A 176 -2.96 -21.39 15.73
C THR A 176 -2.24 -20.79 14.54
N ASN A 177 -2.55 -19.57 14.19
CA ASN A 177 -1.89 -18.98 13.04
C ASN A 177 -0.51 -18.46 13.39
N ASN A 178 -0.34 -18.01 14.63
CA ASN A 178 0.95 -17.52 15.10
C ASN A 178 1.97 -18.64 15.14
N GLU A 179 1.56 -19.81 15.59
CA GLU A 179 2.51 -20.91 15.70
C GLU A 179 2.91 -21.45 14.34
N LEU A 180 2.00 -21.45 13.38
CA LEU A 180 2.36 -21.85 12.04
C LEU A 180 3.34 -20.87 11.41
N GLY A 181 3.10 -19.58 11.61
CA GLY A 181 4.02 -18.59 11.08
C GLY A 181 5.39 -18.63 11.72
N PHE A 182 5.44 -18.84 13.03
CA PHE A 182 6.73 -18.86 13.71
C PHE A 182 7.49 -20.13 13.45
N ASP A 183 6.83 -21.27 13.30
CA ASP A 183 7.53 -22.47 12.88
C ASP A 183 8.05 -22.36 11.47
N TYR A 184 7.34 -21.64 10.59
CA TYR A 184 7.90 -21.38 9.28
C TYR A 184 9.14 -20.52 9.36
N LEU A 185 9.13 -19.47 10.17
CA LEU A 185 10.27 -18.56 10.22
C LEU A 185 11.44 -19.17 10.95
N ARG A 186 11.21 -20.09 11.86
CA ARG A 186 12.29 -20.79 12.52
C ARG A 186 12.78 -21.98 11.74
N ASP A 187 12.04 -22.43 10.73
CA ASP A 187 12.57 -23.44 9.82
C ASP A 187 13.63 -22.90 8.90
N ASN A 188 13.66 -21.59 8.67
CA ASN A 188 14.64 -20.97 7.81
C ASN A 188 15.69 -20.23 8.61
N MET A 189 15.92 -20.68 9.82
CA MET A 189 17.05 -20.23 10.62
C MET A 189 17.78 -21.42 11.22
N VAL A 190 17.53 -22.62 10.73
CA VAL A 190 18.17 -23.84 11.20
C VAL A 190 19.56 -23.93 10.59
N LEU A 191 20.37 -24.84 11.13
CA LEU A 191 21.66 -25.17 10.56
C LEU A 191 21.70 -26.54 9.90
N TYR A 192 20.73 -27.40 10.15
CA TYR A 192 20.64 -28.71 9.53
C TYR A 192 19.27 -28.87 8.90
N LYS A 193 19.17 -29.81 7.96
CA LYS A 193 17.88 -30.10 7.34
C LYS A 193 16.95 -30.82 8.30
N GLU A 194 17.50 -31.57 9.25
CA GLU A 194 16.71 -32.32 10.21
C GLU A 194 16.54 -31.58 11.52
N GLN A 195 16.51 -30.26 11.48
CA GLN A 195 16.01 -29.46 12.57
C GLN A 195 14.71 -28.76 12.21
N MET A 196 14.28 -28.84 10.96
CA MET A 196 13.04 -28.22 10.54
C MET A 196 11.87 -29.07 11.03
N VAL A 197 10.84 -28.40 11.53
CA VAL A 197 9.67 -29.09 12.06
C VAL A 197 8.61 -29.31 10.99
N GLN A 198 8.40 -28.34 10.11
CA GLN A 198 7.27 -28.40 9.20
C GLN A 198 7.57 -29.30 8.01
N ARG A 199 6.52 -29.92 7.53
CA ARG A 199 6.54 -30.61 6.25
C ARG A 199 6.27 -29.59 5.15
N PRO A 200 6.47 -29.94 3.88
CA PRO A 200 6.05 -29.04 2.80
C PRO A 200 4.56 -28.75 2.84
N LEU A 201 4.22 -27.48 2.63
CA LEU A 201 2.89 -26.96 2.94
C LEU A 201 1.89 -27.39 1.89
N HIS A 202 0.79 -27.99 2.34
CA HIS A 202 -0.13 -28.66 1.44
C HIS A 202 -1.55 -28.09 1.46
N PHE A 203 -2.17 -27.96 2.62
CA PHE A 203 -3.59 -27.63 2.67
C PHE A 203 -3.88 -27.02 4.02
N ALA A 204 -4.40 -25.81 4.03
CA ALA A 204 -4.75 -25.14 5.27
C ALA A 204 -6.24 -24.91 5.27
N VAL A 205 -6.90 -25.46 6.23
CA VAL A 205 -8.24 -25.06 6.55
C VAL A 205 -8.14 -24.05 7.65
N ILE A 206 -8.91 -22.99 7.60
CA ILE A 206 -8.73 -21.86 8.49
C ILE A 206 -10.08 -21.60 9.13
N ASP A 207 -10.26 -21.99 10.38
CA ASP A 207 -11.41 -21.49 11.12
C ASP A 207 -11.26 -20.01 11.34
N GLU A 208 -12.36 -19.29 11.19
CA GLU A 208 -12.45 -17.84 11.36
C GLU A 208 -11.47 -17.12 10.44
N VAL A 209 -11.76 -17.23 9.14
CA VAL A 209 -10.89 -16.71 8.09
C VAL A 209 -10.83 -15.20 8.14
N ASP A 210 -11.93 -14.56 8.52
CA ASP A 210 -11.93 -13.10 8.55
C ASP A 210 -10.97 -12.57 9.58
N SER A 211 -10.90 -13.24 10.74
CA SER A 211 -10.02 -12.82 11.81
C SER A 211 -8.56 -13.04 11.48
N ILE A 212 -8.26 -14.08 10.72
CA ILE A 212 -6.87 -14.45 10.47
C ILE A 212 -6.35 -13.80 9.21
N LEU A 213 -7.10 -13.87 8.14
CA LEU A 213 -6.63 -13.37 6.86
C LEU A 213 -7.03 -11.93 6.59
N ILE A 214 -8.05 -11.40 7.25
CA ILE A 214 -8.50 -10.02 7.04
C ILE A 214 -8.15 -9.15 8.24
N ASP A 215 -8.52 -9.59 9.43
CA ASP A 215 -8.31 -8.73 10.60
C ASP A 215 -6.85 -8.68 10.99
N GLU A 216 -6.28 -9.81 11.42
CA GLU A 216 -4.94 -9.77 11.98
C GLU A 216 -3.86 -10.03 10.95
N ALA A 217 -4.17 -9.90 9.67
CA ALA A 217 -3.14 -9.81 8.65
C ALA A 217 -2.71 -8.38 8.43
N ARG A 218 -3.15 -7.46 9.28
CA ARG A 218 -2.67 -6.09 9.35
C ARG A 218 -1.29 -6.01 9.96
N THR A 219 -0.86 -7.04 10.69
CA THR A 219 0.37 -7.09 11.45
C THR A 219 1.28 -8.20 10.96
N PRO A 220 2.59 -8.00 10.98
CA PRO A 220 3.51 -9.05 10.58
C PRO A 220 4.00 -9.90 11.75
N LEU A 221 4.50 -11.07 11.40
CA LEU A 221 5.20 -11.94 12.33
C LEU A 221 6.69 -11.63 12.27
N ILE A 222 7.26 -11.24 13.40
CA ILE A 222 8.64 -10.84 13.51
C ILE A 222 9.28 -11.74 14.55
N ILE A 223 10.40 -12.36 14.19
CA ILE A 223 11.19 -13.13 15.15
C ILE A 223 12.48 -12.39 15.36
N SER A 224 12.81 -12.11 16.61
CA SER A 224 13.93 -11.25 16.94
C SER A 224 14.78 -11.85 18.03
N GLY A 225 16.08 -11.86 17.84
CA GLY A 225 16.99 -12.19 18.91
C GLY A 225 17.48 -10.96 19.61
N GLN A 226 18.16 -11.15 20.74
CA GLN A 226 18.45 -10.04 21.63
C GLN A 226 19.86 -9.51 21.44
N ALA A 227 19.97 -8.19 21.36
CA ALA A 227 21.23 -7.48 21.27
C ALA A 227 21.68 -7.08 22.67
N ALA A 228 22.60 -6.15 22.77
CA ALA A 228 23.17 -5.75 24.04
C ALA A 228 22.26 -4.79 24.79
N LYS A 229 22.32 -4.85 26.11
CA LYS A 229 21.40 -4.12 26.97
C LYS A 229 21.79 -2.66 27.08
N SER A 230 20.79 -1.78 27.14
CA SER A 230 20.95 -0.42 27.62
C SER A 230 19.95 -0.20 28.76
N THR A 231 20.37 0.54 29.77
CA THR A 231 19.50 0.81 30.92
C THR A 231 19.58 2.25 31.40
N LYS A 232 20.65 2.99 31.09
CA LYS A 232 20.83 4.32 31.66
C LYS A 232 19.84 5.32 31.07
N LEU A 233 19.69 5.31 29.76
CA LEU A 233 18.85 6.31 29.13
C LEU A 233 17.36 6.01 29.28
N TYR A 234 16.97 4.75 29.48
CA TYR A 234 15.57 4.44 29.74
C TYR A 234 15.13 5.00 31.08
N VAL A 235 15.97 4.88 32.10
CA VAL A 235 15.62 5.43 33.40
C VAL A 235 15.73 6.95 33.39
N GLN A 236 16.67 7.52 32.62
CA GLN A 236 16.76 8.97 32.57
C GLN A 236 15.56 9.60 31.85
N ALA A 237 15.15 9.02 30.73
CA ALA A 237 13.99 9.52 30.02
C ALA A 237 12.70 9.25 30.77
N ASN A 238 12.64 8.18 31.56
CA ASN A 238 11.53 7.96 32.48
C ASN A 238 11.44 9.06 33.52
N ALA A 239 12.56 9.35 34.19
CA ALA A 239 12.55 10.33 35.26
C ALA A 239 12.30 11.73 34.74
N PHE A 240 12.60 11.98 33.47
CA PHE A 240 12.24 13.26 32.88
C PHE A 240 10.76 13.31 32.53
N VAL A 241 10.24 12.29 31.85
CA VAL A 241 8.88 12.32 31.33
C VAL A 241 7.84 12.27 32.45
N ARG A 242 8.21 11.70 33.60
CA ARG A 242 7.28 11.57 34.71
C ARG A 242 6.85 12.93 35.28
N THR A 243 7.70 13.94 35.22
CA THR A 243 7.34 15.30 35.60
C THR A 243 7.15 16.19 34.38
N LEU A 244 5.99 16.08 33.70
CA LEU A 244 5.86 16.79 32.43
C LEU A 244 4.48 17.37 32.09
N LYS A 245 3.56 17.56 33.05
CA LYS A 245 2.50 18.57 32.88
C LYS A 245 1.56 18.43 31.68
N ALA A 246 0.57 17.52 31.77
CA ALA A 246 -0.02 16.80 30.65
C ALA A 246 -0.52 17.68 29.50
N GLU A 247 -0.90 18.92 29.75
CA GLU A 247 -1.45 19.74 28.67
C GLU A 247 -0.51 20.83 28.19
N LYS A 248 0.52 21.17 28.97
CA LYS A 248 1.40 22.27 28.62
C LYS A 248 2.68 21.83 27.96
N ASP A 249 3.17 20.62 28.26
CA ASP A 249 4.45 20.18 27.73
C ASP A 249 4.35 19.03 26.74
N TYR A 250 3.22 18.37 26.60
CA TYR A 250 3.03 17.46 25.49
C TYR A 250 1.59 17.51 25.03
N THR A 251 1.38 17.09 23.79
CA THR A 251 0.04 16.94 23.23
C THR A 251 -0.15 15.48 22.88
N TYR A 252 -1.19 14.88 23.44
CA TYR A 252 -1.59 13.53 23.11
C TYR A 252 -2.72 13.65 22.09
N ASP A 253 -2.37 13.50 20.81
CA ASP A 253 -3.37 13.32 19.78
C ASP A 253 -4.11 12.02 20.02
N ILE A 254 -5.44 12.12 20.10
CA ILE A 254 -6.26 10.97 20.45
C ILE A 254 -6.87 10.30 19.22
N LYS A 255 -6.95 11.00 18.08
CA LYS A 255 -7.49 10.42 16.86
C LYS A 255 -6.60 9.29 16.37
N THR A 256 -5.32 9.58 16.17
CA THR A 256 -4.26 8.58 16.12
C THR A 256 -3.40 8.77 17.35
N LYS A 257 -3.18 7.69 18.11
CA LYS A 257 -2.64 7.79 19.47
C LYS A 257 -1.19 8.20 19.41
N ALA A 258 -0.95 9.50 19.26
CA ALA A 258 0.39 9.99 18.97
C ALA A 258 0.72 11.13 19.90
N VAL A 259 1.86 11.03 20.58
CA VAL A 259 2.24 12.00 21.60
C VAL A 259 3.46 12.75 21.12
N GLN A 260 3.39 14.08 21.16
CA GLN A 260 4.56 14.87 20.84
C GLN A 260 4.81 15.92 21.90
N LEU A 261 6.06 16.34 22.02
CA LEU A 261 6.37 17.46 22.89
C LEU A 261 5.91 18.77 22.26
N THR A 262 5.82 19.80 23.08
CA THR A 262 5.62 21.17 22.62
C THR A 262 6.88 21.97 22.86
N GLU A 263 6.78 23.27 22.57
CA GLU A 263 7.94 24.14 22.64
C GLU A 263 8.40 24.33 24.08
N GLU A 264 7.47 24.37 25.02
CA GLU A 264 7.88 24.34 26.42
C GLU A 264 8.43 22.99 26.80
N GLY A 265 7.89 21.92 26.21
CA GLY A 265 8.43 20.60 26.48
C GLY A 265 9.79 20.38 25.89
N MET A 266 10.02 20.87 24.67
CA MET A 266 11.35 20.78 24.07
C MET A 266 12.35 21.63 24.82
N THR A 267 11.92 22.79 25.33
CA THR A 267 12.83 23.62 26.11
C THR A 267 13.19 22.98 27.44
N LYS A 268 12.22 22.32 28.08
CA LYS A 268 12.50 21.62 29.33
C LYS A 268 13.36 20.38 29.09
N ALA A 269 13.19 19.72 27.95
CA ALA A 269 14.04 18.58 27.62
C ALA A 269 15.46 19.01 27.34
N GLU A 270 15.65 20.19 26.76
CA GLU A 270 16.99 20.67 26.52
C GLU A 270 17.64 21.20 27.79
N LYS A 271 16.85 21.73 28.73
CA LYS A 271 17.45 22.25 29.94
C LYS A 271 17.58 21.22 31.05
N ALA A 272 16.96 20.05 30.91
CA ALA A 272 17.12 19.01 31.91
C ALA A 272 18.23 18.02 31.58
N PHE A 273 18.72 18.01 30.35
CA PHE A 273 19.79 17.11 29.94
C PHE A 273 21.10 17.81 29.64
N GLY A 274 21.13 19.13 29.71
CA GLY A 274 22.35 19.88 29.47
C GLY A 274 22.71 20.05 28.02
N ILE A 275 21.94 19.53 27.08
CA ILE A 275 22.21 19.68 25.66
C ILE A 275 21.74 21.06 25.23
N ASP A 276 22.13 21.48 24.03
CA ASP A 276 21.71 22.76 23.50
C ASP A 276 20.59 22.67 22.49
N ASN A 277 20.65 21.70 21.57
CA ASN A 277 19.58 21.45 20.63
C ASN A 277 19.21 19.98 20.70
N LEU A 278 17.97 19.68 21.07
CA LEU A 278 17.51 18.31 21.18
C LEU A 278 17.42 17.65 19.81
N PHE A 279 17.27 18.44 18.76
CA PHE A 279 17.00 17.94 17.41
C PHE A 279 18.23 18.01 16.54
N ASP A 280 19.38 17.70 17.12
CA ASP A 280 20.64 17.60 16.37
C ASP A 280 20.68 16.26 15.65
N VAL A 281 21.84 15.91 15.11
CA VAL A 281 22.10 14.54 14.71
C VAL A 281 23.02 13.84 15.70
N LYS A 282 23.50 14.56 16.70
CA LYS A 282 24.22 13.97 17.82
C LYS A 282 23.29 13.38 18.85
N HIS A 283 22.07 13.91 18.96
CA HIS A 283 21.14 13.45 19.98
C HIS A 283 19.93 12.82 19.34
N VAL A 284 20.13 11.94 18.37
CA VAL A 284 19.00 11.17 17.89
C VAL A 284 18.63 10.09 18.90
N ALA A 285 19.59 9.64 19.71
CA ALA A 285 19.30 8.61 20.71
C ALA A 285 18.51 9.17 21.88
N LEU A 286 18.86 10.35 22.36
CA LEU A 286 18.11 10.92 23.47
C LEU A 286 16.73 11.35 23.03
N ASN A 287 16.59 11.81 21.80
CA ASN A 287 15.28 12.16 21.29
C ASN A 287 14.43 10.92 21.08
N HIS A 288 15.03 9.80 20.69
CA HIS A 288 14.29 8.56 20.58
C HIS A 288 13.82 8.07 21.94
N HIS A 289 14.65 8.24 22.97
CA HIS A 289 14.24 7.76 24.28
C HIS A 289 13.17 8.63 24.89
N ILE A 290 13.20 9.94 24.65
CA ILE A 290 12.14 10.79 25.16
C ILE A 290 10.84 10.53 24.43
N ASN A 291 10.91 10.23 23.13
CA ASN A 291 9.70 9.88 22.39
C ASN A 291 9.08 8.58 22.86
N GLN A 292 9.90 7.54 23.07
CA GLN A 292 9.31 6.26 23.47
C GLN A 292 8.92 6.23 24.93
N ALA A 293 9.56 7.03 25.79
CA ALA A 293 9.07 7.16 27.16
C ALA A 293 7.79 7.96 27.23
N LEU A 294 7.63 8.94 26.34
CA LEU A 294 6.37 9.67 26.25
C LEU A 294 5.23 8.78 25.80
N LYS A 295 5.46 7.96 24.78
CA LYS A 295 4.43 7.04 24.31
C LYS A 295 4.10 5.99 25.35
N ALA A 296 5.11 5.43 26.02
CA ALA A 296 4.86 4.45 27.06
C ALA A 296 4.21 5.04 28.29
N HIS A 297 4.34 6.33 28.52
CA HIS A 297 3.69 6.91 29.69
C HIS A 297 2.26 7.31 29.45
N VAL A 298 1.96 7.99 28.35
CA VAL A 298 0.62 8.53 28.20
C VAL A 298 -0.21 7.84 27.12
N ALA A 299 0.41 7.25 26.11
CA ALA A 299 -0.37 6.62 25.06
C ALA A 299 -0.63 5.16 25.29
N MET A 300 -0.11 4.57 26.37
CA MET A 300 -0.32 3.16 26.68
C MET A 300 -0.70 3.01 28.13
N GLN A 301 -1.91 2.52 28.38
CA GLN A 301 -2.41 2.42 29.73
C GLN A 301 -2.28 1.00 30.22
N LYS A 302 -2.33 0.83 31.55
CA LYS A 302 -1.75 -0.34 32.18
C LYS A 302 -2.54 -1.60 31.90
N ASP A 303 -3.81 -1.63 32.24
CA ASP A 303 -4.54 -2.87 32.04
C ASP A 303 -5.22 -2.95 30.69
N VAL A 304 -5.11 -1.93 29.85
CA VAL A 304 -5.79 -1.96 28.57
C VAL A 304 -5.01 -2.78 27.56
N ASP A 305 -3.71 -2.48 27.37
CA ASP A 305 -2.95 -3.17 26.34
C ASP A 305 -1.63 -3.74 26.83
N TYR A 306 -1.45 -3.93 28.13
CA TYR A 306 -0.51 -4.89 28.66
C TYR A 306 -1.02 -5.30 30.03
N VAL A 307 -0.20 -6.00 30.80
CA VAL A 307 -0.42 -6.25 32.22
C VAL A 307 0.94 -6.25 32.89
N VAL A 308 0.95 -6.45 34.19
CA VAL A 308 2.16 -6.80 34.91
C VAL A 308 1.91 -8.13 35.59
N GLU A 309 2.74 -9.12 35.26
CA GLU A 309 2.52 -10.50 35.72
C GLU A 309 3.84 -11.05 36.21
N ASP A 310 3.99 -11.11 37.54
CA ASP A 310 5.17 -11.63 38.23
C ASP A 310 6.45 -10.86 37.83
N GLY A 311 6.35 -9.53 37.87
CA GLY A 311 7.49 -8.71 37.56
C GLY A 311 7.85 -8.62 36.10
N GLN A 312 6.91 -8.86 35.20
CA GLN A 312 7.15 -8.77 33.78
C GLN A 312 5.98 -8.10 33.10
N VAL A 313 6.25 -7.39 32.02
CA VAL A 313 5.20 -6.75 31.22
C VAL A 313 4.79 -7.73 30.15
N VAL A 314 3.53 -8.15 30.17
CA VAL A 314 2.98 -9.12 29.24
C VAL A 314 1.95 -8.42 28.40
N ILE A 315 2.14 -8.38 27.10
CA ILE A 315 1.24 -7.58 26.30
C ILE A 315 -0.01 -8.38 26.01
N VAL A 316 -1.15 -7.71 26.02
CA VAL A 316 -2.46 -8.32 25.80
C VAL A 316 -2.76 -8.15 24.33
N ASP A 317 -3.10 -9.26 23.66
CA ASP A 317 -3.30 -9.26 22.22
C ASP A 317 -4.47 -8.37 21.83
N SER A 318 -4.30 -7.64 20.75
CA SER A 318 -5.28 -6.62 20.37
C SER A 318 -6.55 -7.24 19.85
N PHE A 319 -6.45 -8.39 19.19
CA PHE A 319 -7.57 -9.06 18.54
C PHE A 319 -8.22 -10.10 19.44
N THR A 320 -7.43 -10.98 20.04
CA THR A 320 -7.97 -12.04 20.87
C THR A 320 -8.06 -11.70 22.35
N GLY A 321 -7.36 -10.69 22.82
CA GLY A 321 -7.47 -10.33 24.21
C GLY A 321 -6.79 -11.28 25.16
N ARG A 322 -5.83 -12.08 24.68
CA ARG A 322 -5.11 -13.04 25.47
C ARG A 322 -3.70 -12.55 25.73
N LEU A 323 -3.08 -13.08 26.76
CA LEU A 323 -1.70 -12.72 27.07
C LEU A 323 -0.76 -13.36 26.06
N MET A 324 0.00 -12.53 25.37
CA MET A 324 1.02 -12.99 24.43
C MET A 324 2.32 -13.01 25.20
N LYS A 325 2.65 -14.15 25.80
CA LYS A 325 3.70 -14.18 26.82
C LYS A 325 5.09 -14.28 26.24
N GLY A 326 5.24 -14.41 24.93
CA GLY A 326 6.57 -14.34 24.37
C GLY A 326 6.84 -13.02 23.67
N ARG A 327 5.80 -12.40 23.15
CA ARG A 327 5.95 -11.23 22.32
C ARG A 327 6.26 -10.00 23.15
N ARG A 328 7.02 -9.09 22.56
CA ARG A 328 7.52 -7.90 23.22
C ARG A 328 7.41 -6.74 22.25
N TYR A 329 7.19 -5.55 22.77
CA TYR A 329 7.09 -4.37 21.92
C TYR A 329 8.46 -4.02 21.37
N SER A 330 8.51 -3.56 20.15
CA SER A 330 9.78 -3.32 19.49
C SER A 330 10.02 -1.84 19.39
N GLU A 331 11.17 -1.49 18.83
CA GLU A 331 11.71 -0.13 18.78
C GLU A 331 11.84 0.47 20.16
N GLY A 332 12.20 -0.34 21.14
CA GLY A 332 12.52 0.17 22.45
C GLY A 332 11.34 0.66 23.26
N LEU A 333 10.14 0.19 22.97
CA LEU A 333 8.97 0.59 23.73
C LEU A 333 8.72 -0.32 24.90
N HIS A 334 9.11 -1.58 24.80
CA HIS A 334 8.88 -2.48 25.91
C HIS A 334 9.77 -2.15 27.09
N GLN A 335 10.98 -1.67 26.82
CA GLN A 335 11.85 -1.28 27.91
C GLN A 335 11.41 0.03 28.52
N ALA A 336 10.70 0.86 27.77
CA ALA A 336 10.16 2.09 28.33
C ALA A 336 8.95 1.82 29.21
N ILE A 337 8.17 0.79 28.90
CA ILE A 337 7.08 0.37 29.77
C ILE A 337 7.64 -0.33 31.00
N GLU A 338 8.68 -1.15 30.82
CA GLU A 338 9.33 -1.79 31.96
C GLU A 338 10.02 -0.78 32.86
N ALA A 339 10.50 0.32 32.31
CA ALA A 339 11.08 1.37 33.13
C ALA A 339 10.04 2.29 33.72
N LYS A 340 8.83 2.28 33.16
CA LYS A 340 7.74 3.07 33.71
C LYS A 340 7.30 2.55 35.07
N GLU A 341 7.35 1.24 35.27
CA GLU A 341 6.85 0.63 36.50
C GLU A 341 7.95 0.09 37.40
N GLY A 342 9.20 0.45 37.17
CA GLY A 342 10.25 -0.01 38.03
C GLY A 342 10.59 -1.47 37.94
N LEU A 343 10.17 -2.13 36.87
CA LEU A 343 10.57 -3.51 36.64
C LEU A 343 11.97 -3.53 36.05
N GLU A 344 12.56 -4.71 35.96
CA GLU A 344 13.91 -4.82 35.43
C GLU A 344 13.87 -4.69 33.92
N ILE A 345 14.79 -3.93 33.37
CA ILE A 345 14.84 -3.64 31.95
C ILE A 345 15.67 -4.71 31.26
N GLN A 346 15.15 -5.29 30.19
CA GLN A 346 15.78 -6.41 29.53
C GLN A 346 16.40 -5.97 28.21
N ASN A 347 17.05 -6.91 27.54
CA ASN A 347 17.92 -6.60 26.42
C ASN A 347 17.14 -6.21 25.19
N GLU A 348 17.73 -5.33 24.39
CA GLU A 348 17.06 -4.86 23.18
C GLU A 348 17.07 -5.94 22.10
N SER A 349 15.97 -6.02 21.37
CA SER A 349 15.79 -7.05 20.38
C SER A 349 16.44 -6.64 19.06
N MET A 350 16.39 -7.54 18.09
CA MET A 350 17.08 -7.37 16.82
C MET A 350 16.43 -8.33 15.85
N THR A 351 15.75 -7.82 14.83
CA THR A 351 14.87 -8.63 13.99
C THR A 351 15.67 -9.61 13.17
N LEU A 352 15.36 -10.89 13.30
CA LEU A 352 16.00 -11.92 12.50
C LEU A 352 15.16 -12.32 11.30
N ALA A 353 13.87 -12.56 11.48
CA ALA A 353 13.05 -12.98 10.36
C ALA A 353 11.71 -12.27 10.42
N THR A 354 11.03 -12.22 9.28
CA THR A 354 9.85 -11.38 9.15
C THR A 354 8.98 -11.93 8.04
N ILE A 355 7.67 -12.09 8.31
CA ILE A 355 6.72 -12.47 7.27
C ILE A 355 5.37 -11.83 7.62
N THR A 356 4.46 -11.80 6.66
CA THR A 356 3.09 -11.38 6.87
C THR A 356 2.17 -12.58 6.76
N PHE A 357 0.96 -12.46 7.30
CA PHE A 357 0.02 -13.57 7.19
C PHE A 357 -0.51 -13.74 5.77
N GLN A 358 -0.49 -12.70 4.96
CA GLN A 358 -0.87 -12.82 3.56
C GLN A 358 0.14 -13.66 2.80
N ASN A 359 1.41 -13.30 2.90
CA ASN A 359 2.44 -14.01 2.18
C ASN A 359 2.77 -15.35 2.81
N TYR A 360 2.38 -15.59 4.05
CA TYR A 360 2.52 -16.94 4.58
C TYR A 360 1.36 -17.81 4.15
N PHE A 361 0.14 -17.31 4.18
CA PHE A 361 -0.93 -18.21 3.77
C PHE A 361 -1.08 -18.28 2.26
N ARG A 362 -0.26 -17.56 1.51
CA ARG A 362 -0.24 -17.70 0.06
C ARG A 362 0.92 -18.53 -0.44
N MET A 363 1.48 -19.41 0.38
CA MET A 363 2.45 -20.39 -0.09
C MET A 363 1.98 -21.80 0.21
N TYR A 364 0.68 -22.02 0.18
CA TYR A 364 0.09 -23.20 0.79
C TYR A 364 -0.53 -24.17 -0.19
N GLU A 365 -0.46 -23.93 -1.49
CA GLU A 365 -0.81 -24.86 -2.57
C GLU A 365 -2.29 -25.18 -2.70
N LYS A 366 -3.04 -25.03 -1.62
CA LYS A 366 -4.51 -25.07 -1.62
C LYS A 366 -4.95 -24.53 -0.29
N LEU A 367 -5.71 -23.45 -0.27
CA LEU A 367 -6.04 -22.81 0.98
C LEU A 367 -7.54 -22.60 1.04
N ALA A 368 -8.17 -23.09 2.08
CA ALA A 368 -9.60 -23.07 2.24
C ALA A 368 -9.93 -22.23 3.44
N GLY A 369 -11.17 -22.27 3.87
CA GLY A 369 -11.49 -21.56 5.09
C GLY A 369 -12.98 -21.45 5.32
N MET A 370 -13.38 -21.32 6.56
CA MET A 370 -14.79 -21.15 6.85
C MET A 370 -14.93 -20.09 7.91
N THR A 371 -16.03 -19.37 7.86
CA THR A 371 -16.24 -18.27 8.81
C THR A 371 -17.71 -17.93 8.84
N GLY A 372 -18.04 -16.96 9.66
CA GLY A 372 -19.44 -16.61 9.85
C GLY A 372 -19.81 -15.27 9.27
N THR A 373 -18.81 -14.44 9.03
CA THR A 373 -19.01 -13.03 8.74
C THR A 373 -18.14 -12.58 7.57
N ALA A 374 -18.19 -13.28 6.44
CA ALA A 374 -17.26 -12.97 5.36
C ALA A 374 -17.86 -12.21 4.21
N LYS A 375 -19.18 -12.04 4.15
CA LYS A 375 -19.79 -11.50 2.93
C LYS A 375 -19.51 -10.02 2.75
N THR A 376 -19.06 -9.34 3.80
CA THR A 376 -18.57 -7.97 3.63
C THR A 376 -17.28 -7.94 2.84
N GLU A 377 -16.43 -8.96 3.01
CA GLU A 377 -15.06 -8.94 2.52
C GLU A 377 -14.85 -9.87 1.34
N GLU A 378 -15.85 -10.01 0.47
CA GLU A 378 -15.71 -10.88 -0.69
C GLU A 378 -14.71 -10.33 -1.68
N GLU A 379 -14.66 -9.01 -1.84
CA GLU A 379 -13.71 -8.41 -2.76
C GLU A 379 -12.28 -8.57 -2.28
N GLU A 380 -12.08 -8.57 -0.96
CA GLU A 380 -10.74 -8.74 -0.43
C GLU A 380 -10.30 -10.20 -0.49
N PHE A 381 -11.22 -11.12 -0.23
CA PHE A 381 -10.87 -12.52 -0.42
C PHE A 381 -10.69 -12.87 -1.89
N ARG A 382 -11.26 -12.11 -2.80
CA ARG A 382 -11.12 -12.42 -4.22
C ARG A 382 -9.86 -11.78 -4.82
N ASN A 383 -9.52 -10.56 -4.40
CA ASN A 383 -8.35 -9.91 -4.98
C ASN A 383 -7.06 -10.53 -4.48
N ILE A 384 -6.90 -10.67 -3.17
CA ILE A 384 -5.62 -11.13 -2.62
C ILE A 384 -5.48 -12.63 -2.78
N TYR A 385 -6.45 -13.41 -2.34
CA TYR A 385 -6.26 -14.85 -2.25
C TYR A 385 -6.90 -15.63 -3.38
N ASN A 386 -7.73 -14.98 -4.20
CA ASN A 386 -8.54 -15.64 -5.24
C ASN A 386 -9.42 -16.74 -4.66
N MET A 387 -10.07 -16.43 -3.55
CA MET A 387 -11.03 -17.29 -2.89
C MET A 387 -12.38 -16.62 -2.88
N GLN A 388 -13.43 -17.35 -3.24
CA GLN A 388 -14.75 -16.74 -3.33
C GLN A 388 -15.64 -17.24 -2.21
N VAL A 389 -16.32 -16.31 -1.56
CA VAL A 389 -17.17 -16.61 -0.42
C VAL A 389 -18.46 -17.28 -0.89
N VAL A 390 -18.70 -18.49 -0.45
CA VAL A 390 -19.92 -19.23 -0.74
C VAL A 390 -20.82 -19.16 0.48
N THR A 391 -21.96 -18.50 0.38
CA THR A 391 -22.86 -18.36 1.51
C THR A 391 -23.81 -19.55 1.57
N ILE A 392 -23.86 -20.20 2.73
CA ILE A 392 -24.47 -21.52 2.87
C ILE A 392 -25.68 -21.38 3.79
N PRO A 393 -26.82 -22.06 3.49
CA PRO A 393 -28.03 -21.94 4.31
C PRO A 393 -27.90 -22.43 5.75
N THR A 394 -28.97 -22.35 6.54
CA THR A 394 -28.81 -22.42 7.97
C THR A 394 -29.55 -23.54 8.67
N ASN A 395 -30.24 -24.43 7.96
CA ASN A 395 -30.82 -25.69 8.46
C ASN A 395 -31.97 -25.54 9.46
N ARG A 396 -32.13 -24.36 10.02
CA ARG A 396 -33.07 -23.99 11.06
C ARG A 396 -32.99 -22.48 11.10
N PRO A 397 -34.11 -21.76 11.12
CA PRO A 397 -34.04 -20.32 11.02
C PRO A 397 -33.53 -19.71 12.30
N VAL A 398 -32.81 -18.61 12.17
CA VAL A 398 -32.26 -17.92 13.34
C VAL A 398 -33.37 -17.13 14.02
N VAL A 399 -33.71 -17.52 15.24
CA VAL A 399 -34.73 -16.85 16.01
C VAL A 399 -34.10 -15.98 17.09
N ARG A 400 -32.85 -15.60 16.89
CA ARG A 400 -32.15 -14.76 17.85
C ARG A 400 -32.69 -13.35 17.78
N ASP A 401 -33.27 -12.90 18.88
CA ASP A 401 -33.81 -11.55 18.97
C ASP A 401 -32.66 -10.55 19.03
N ASP A 402 -32.59 -9.66 18.06
CA ASP A 402 -31.40 -8.86 17.84
C ASP A 402 -31.76 -7.39 17.94
N ARG A 403 -31.71 -6.85 19.15
CA ARG A 403 -32.22 -5.52 19.44
C ARG A 403 -31.21 -4.45 19.04
N PRO A 404 -31.68 -3.23 18.75
CA PRO A 404 -30.76 -2.15 18.36
C PRO A 404 -30.01 -1.59 19.56
N ASP A 405 -29.15 -0.63 19.29
CA ASP A 405 -28.26 -0.10 20.30
C ASP A 405 -29.00 0.82 21.26
N LEU A 406 -28.34 1.18 22.34
CA LEU A 406 -28.87 2.14 23.31
C LEU A 406 -27.76 3.12 23.63
N ILE A 407 -27.78 4.27 22.98
CA ILE A 407 -26.71 5.24 23.14
C ILE A 407 -26.99 6.10 24.37
N TYR A 408 -26.00 6.23 25.24
CA TYR A 408 -26.07 7.08 26.40
C TYR A 408 -25.09 8.23 26.24
N ARG A 409 -25.09 9.15 27.19
CA ARG A 409 -24.25 10.34 27.07
C ARG A 409 -22.92 10.23 27.78
N THR A 410 -22.84 9.46 28.84
CA THR A 410 -21.59 9.29 29.57
C THR A 410 -21.30 7.82 29.74
N MET A 411 -20.07 7.51 30.13
CA MET A 411 -19.71 6.13 30.37
C MET A 411 -20.33 5.60 31.65
N GLU A 412 -20.49 6.45 32.67
CA GLU A 412 -21.08 5.97 33.91
C GLU A 412 -22.57 5.73 33.77
N GLY A 413 -23.25 6.44 32.87
CA GLY A 413 -24.65 6.15 32.61
C GLY A 413 -24.83 4.83 31.90
N LYS A 414 -23.95 4.55 30.94
CA LYS A 414 -23.96 3.26 30.25
C LYS A 414 -23.71 2.12 31.22
N PHE A 415 -22.77 2.30 32.14
CA PHE A 415 -22.46 1.19 33.04
C PHE A 415 -23.50 1.00 34.12
N LYS A 416 -24.15 2.07 34.56
CA LYS A 416 -25.30 1.91 35.45
C LYS A 416 -26.45 1.20 34.75
N ALA A 417 -26.67 1.51 33.46
CA ALA A 417 -27.74 0.86 32.74
C ALA A 417 -27.45 -0.60 32.45
N VAL A 418 -26.19 -0.94 32.14
CA VAL A 418 -25.88 -2.33 31.84
C VAL A 418 -25.87 -3.16 33.12
N ALA A 419 -25.53 -2.55 34.26
CA ALA A 419 -25.66 -3.27 35.52
C ALA A 419 -27.11 -3.50 35.88
N GLU A 420 -27.97 -2.52 35.61
CA GLU A 420 -29.39 -2.71 35.91
C GLU A 420 -30.02 -3.73 34.98
N ASP A 421 -29.55 -3.81 33.74
CA ASP A 421 -30.06 -4.82 32.83
C ASP A 421 -29.66 -6.23 33.24
N VAL A 422 -28.40 -6.45 33.57
CA VAL A 422 -28.02 -7.79 34.02
C VAL A 422 -28.58 -8.10 35.40
N ALA A 423 -28.95 -7.08 36.18
CA ALA A 423 -29.61 -7.35 37.44
C ALA A 423 -31.04 -7.79 37.22
N GLN A 424 -31.74 -7.18 36.27
CA GLN A 424 -33.10 -7.61 35.99
C GLN A 424 -33.16 -8.92 35.22
N ARG A 425 -32.09 -9.29 34.53
CA ARG A 425 -32.04 -10.59 33.87
C ARG A 425 -31.57 -11.70 34.77
N TYR A 426 -30.79 -11.39 35.81
CA TYR A 426 -30.41 -12.41 36.76
C TYR A 426 -31.60 -12.85 37.60
N MET A 427 -32.59 -11.97 37.79
CA MET A 427 -33.69 -12.25 38.70
C MET A 427 -34.61 -13.34 38.17
N THR A 428 -34.65 -13.54 36.86
CA THR A 428 -35.46 -14.59 36.26
C THR A 428 -34.66 -15.83 35.93
N GLY A 429 -33.36 -15.85 36.21
CA GLY A 429 -32.56 -17.02 35.99
C GLY A 429 -31.92 -17.12 34.63
N GLN A 430 -32.07 -16.15 33.80
CA GLN A 430 -31.52 -16.24 32.47
C GLN A 430 -30.02 -15.97 32.50
N PRO A 431 -29.22 -16.73 31.76
CA PRO A 431 -27.79 -16.49 31.72
C PRO A 431 -27.46 -15.26 30.91
N VAL A 432 -26.57 -14.43 31.44
CA VAL A 432 -26.11 -13.23 30.78
C VAL A 432 -24.64 -13.38 30.46
N LEU A 433 -24.24 -12.89 29.30
CA LEU A 433 -22.83 -12.81 28.95
C LEU A 433 -22.54 -11.36 28.57
N VAL A 434 -21.90 -10.62 29.43
CA VAL A 434 -21.52 -9.26 29.13
C VAL A 434 -20.22 -9.26 28.36
N GLY A 435 -20.10 -8.42 27.36
CA GLY A 435 -18.92 -8.45 26.54
C GLY A 435 -18.20 -7.13 26.35
N THR A 436 -17.05 -6.97 26.98
CA THR A 436 -16.24 -5.78 26.90
C THR A 436 -15.04 -6.04 25.98
N VAL A 437 -14.12 -5.10 25.90
CA VAL A 437 -12.88 -5.33 25.16
C VAL A 437 -11.63 -5.16 26.02
N ALA A 438 -11.69 -4.51 27.18
CA ALA A 438 -10.50 -4.25 27.95
C ALA A 438 -10.48 -5.15 29.18
N VAL A 439 -9.35 -5.13 29.87
CA VAL A 439 -9.22 -5.89 31.10
C VAL A 439 -9.54 -5.01 32.29
N GLU A 440 -9.72 -3.72 32.08
CA GLU A 440 -10.11 -2.85 33.17
C GLU A 440 -11.58 -2.45 33.14
N THR A 441 -12.23 -2.45 31.98
CA THR A 441 -13.66 -2.21 32.00
C THR A 441 -14.40 -3.45 32.43
N SER A 442 -13.81 -4.63 32.24
CA SER A 442 -14.43 -5.86 32.71
C SER A 442 -14.36 -5.94 34.22
N GLU A 443 -13.28 -5.46 34.82
CA GLU A 443 -13.24 -5.41 36.28
C GLU A 443 -13.96 -4.20 36.85
N LEU A 444 -14.16 -3.15 36.07
CA LEU A 444 -15.05 -2.07 36.47
C LEU A 444 -16.50 -2.55 36.57
N ILE A 445 -16.98 -3.25 35.55
CA ILE A 445 -18.33 -3.79 35.65
C ILE A 445 -18.40 -4.97 36.62
N SER A 446 -17.27 -5.64 36.88
CA SER A 446 -17.26 -6.66 37.92
C SER A 446 -17.44 -6.04 39.30
N LYS A 447 -16.80 -4.91 39.56
CA LYS A 447 -17.04 -4.27 40.84
C LYS A 447 -18.36 -3.52 40.88
N LEU A 448 -18.98 -3.25 39.73
CA LEU A 448 -20.36 -2.79 39.74
C LEU A 448 -21.36 -3.91 39.98
N LEU A 449 -20.97 -5.16 39.77
CA LEU A 449 -21.86 -6.27 40.08
C LEU A 449 -21.52 -6.99 41.38
N LYS A 450 -20.40 -6.67 42.02
CA LYS A 450 -20.13 -7.18 43.36
C LYS A 450 -21.09 -6.55 44.36
N ASN A 451 -21.03 -5.22 44.50
CA ASN A 451 -22.17 -4.51 45.04
C ASN A 451 -23.30 -4.61 44.03
N LYS A 452 -24.53 -4.53 44.53
CA LYS A 452 -25.82 -5.00 44.02
C LYS A 452 -25.98 -6.51 44.21
N GLY A 453 -24.92 -7.22 44.60
CA GLY A 453 -25.01 -8.60 45.05
C GLY A 453 -25.42 -9.61 44.02
N ILE A 454 -24.66 -9.74 42.94
CA ILE A 454 -24.95 -10.66 41.85
C ILE A 454 -23.75 -11.58 41.68
N PRO A 455 -23.88 -12.88 41.91
CA PRO A 455 -22.72 -13.78 41.77
C PRO A 455 -22.40 -14.02 40.31
N HIS A 456 -21.19 -13.62 39.92
CA HIS A 456 -20.77 -13.61 38.53
C HIS A 456 -19.42 -14.31 38.39
N GLN A 457 -18.97 -14.43 37.15
CA GLN A 457 -17.62 -14.87 36.85
C GLN A 457 -17.04 -13.93 35.82
N VAL A 458 -15.73 -13.90 35.68
CA VAL A 458 -15.07 -12.95 34.79
C VAL A 458 -13.94 -13.66 34.08
N LEU A 459 -13.84 -13.43 32.77
CA LEU A 459 -12.86 -14.09 31.90
C LEU A 459 -12.00 -13.01 31.25
N ASN A 460 -10.99 -12.54 31.97
CA ASN A 460 -10.12 -11.50 31.50
C ASN A 460 -8.99 -12.11 30.71
N ALA A 461 -7.98 -11.30 30.38
CA ALA A 461 -6.72 -11.85 29.92
C ALA A 461 -6.00 -12.57 31.06
N LYS A 462 -6.16 -12.08 32.28
CA LYS A 462 -5.49 -12.62 33.45
C LYS A 462 -6.23 -13.80 34.09
N ASN A 463 -7.33 -14.25 33.52
CA ASN A 463 -8.08 -15.37 34.05
C ASN A 463 -8.17 -16.47 32.99
N HIS A 464 -7.06 -16.77 32.35
CA HIS A 464 -7.06 -17.72 31.25
C HIS A 464 -7.03 -19.16 31.70
N GLU A 465 -6.64 -19.43 32.95
CA GLU A 465 -6.47 -20.80 33.38
C GLU A 465 -7.79 -21.48 33.69
N ARG A 466 -8.80 -20.71 34.09
CA ARG A 466 -10.11 -21.26 34.42
C ARG A 466 -11.12 -21.03 33.30
N GLU A 467 -10.69 -21.11 32.05
CA GLU A 467 -11.57 -20.74 30.95
C GLU A 467 -12.58 -21.83 30.64
N ALA A 468 -12.17 -23.10 30.68
CA ALA A 468 -13.10 -24.17 30.36
C ALA A 468 -14.17 -24.32 31.43
N GLN A 469 -13.80 -24.14 32.71
CA GLN A 469 -14.77 -24.21 33.78
C GLN A 469 -15.68 -22.99 33.82
N ILE A 470 -15.29 -21.89 33.19
CA ILE A 470 -16.18 -20.74 33.08
C ILE A 470 -17.15 -20.93 31.93
N ILE A 471 -16.66 -21.43 30.79
CA ILE A 471 -17.51 -21.59 29.62
C ILE A 471 -18.48 -22.75 29.80
N GLU A 472 -18.10 -23.76 30.59
CA GLU A 472 -19.04 -24.87 30.82
C GLU A 472 -20.19 -24.47 31.74
N GLU A 473 -19.99 -23.46 32.58
CA GLU A 473 -21.02 -23.02 33.51
C GLU A 473 -21.78 -21.80 33.04
N ALA A 474 -21.38 -21.17 31.94
CA ALA A 474 -21.91 -19.87 31.56
C ALA A 474 -23.26 -19.94 30.88
N GLY A 475 -23.83 -21.13 30.71
CA GLY A 475 -25.13 -21.25 30.09
C GLY A 475 -26.11 -21.90 31.03
N GLN A 476 -25.69 -22.17 32.26
CA GLN A 476 -26.58 -22.77 33.22
C GLN A 476 -27.58 -21.75 33.72
N LYS A 477 -28.56 -22.24 34.48
CA LYS A 477 -29.66 -21.42 34.96
C LYS A 477 -29.15 -20.41 35.97
N GLY A 478 -29.08 -19.15 35.56
CA GLY A 478 -28.74 -18.09 36.49
C GLY A 478 -27.27 -17.79 36.62
N ALA A 479 -26.50 -17.89 35.55
CA ALA A 479 -25.07 -17.67 35.58
C ALA A 479 -24.72 -16.43 34.79
N VAL A 480 -24.01 -15.50 35.41
CA VAL A 480 -23.59 -14.25 34.78
C VAL A 480 -22.10 -14.33 34.50
N THR A 481 -21.71 -14.07 33.27
CA THR A 481 -20.31 -14.09 32.87
C THR A 481 -19.97 -12.73 32.29
N ILE A 482 -18.84 -12.16 32.71
CA ILE A 482 -18.26 -10.99 32.05
C ILE A 482 -17.07 -11.48 31.26
N ALA A 483 -16.96 -11.07 30.01
CA ALA A 483 -15.91 -11.62 29.16
C ALA A 483 -15.39 -10.56 28.23
N THR A 484 -14.07 -10.49 28.10
CA THR A 484 -13.43 -9.60 27.14
C THR A 484 -13.47 -10.21 25.75
N ASN A 485 -12.54 -9.81 24.89
CA ASN A 485 -12.37 -10.41 23.56
C ASN A 485 -12.13 -11.93 23.58
N MET A 486 -11.79 -12.50 24.73
CA MET A 486 -11.57 -13.94 24.89
C MET A 486 -12.77 -14.73 24.42
N ALA A 487 -13.92 -14.51 25.03
CA ALA A 487 -15.14 -15.21 24.65
C ALA A 487 -15.95 -14.36 23.69
N GLY A 488 -15.41 -14.20 22.49
CA GLY A 488 -16.12 -13.46 21.49
C GLY A 488 -15.85 -13.91 20.08
N ARG A 489 -15.17 -15.04 19.89
CA ARG A 489 -14.88 -15.45 18.52
C ARG A 489 -15.19 -16.91 18.28
N GLY A 490 -15.03 -17.78 19.27
CA GLY A 490 -15.33 -19.16 18.97
C GLY A 490 -16.03 -19.89 20.07
N THR A 491 -16.24 -19.20 21.18
CA THR A 491 -16.68 -19.80 22.42
C THR A 491 -18.09 -20.35 22.30
N ASP A 492 -18.24 -21.63 22.57
CA ASP A 492 -19.50 -22.36 22.35
C ASP A 492 -20.18 -22.58 23.69
N ILE A 493 -21.09 -21.68 24.05
CA ILE A 493 -21.78 -21.77 25.33
C ILE A 493 -23.03 -22.62 25.12
N LYS A 494 -22.99 -23.87 25.58
CA LYS A 494 -24.13 -24.76 25.47
C LYS A 494 -25.11 -24.50 26.59
N LEU A 495 -26.39 -24.44 26.22
CA LEU A 495 -27.43 -24.03 27.16
C LEU A 495 -27.74 -25.13 28.16
N GLY A 496 -28.11 -24.72 29.35
CA GLY A 496 -28.32 -25.64 30.46
C GLY A 496 -29.63 -26.36 30.40
N GLU A 497 -30.11 -26.77 31.56
CA GLU A 497 -31.36 -27.51 31.68
C GLU A 497 -32.48 -26.53 32.03
N GLY A 498 -33.50 -26.46 31.18
CA GLY A 498 -34.58 -25.53 31.40
C GLY A 498 -34.29 -24.11 31.01
N VAL A 499 -33.22 -23.87 30.26
CA VAL A 499 -32.75 -22.53 29.94
C VAL A 499 -33.17 -22.11 28.54
N LYS A 500 -33.41 -23.06 27.65
CA LYS A 500 -33.91 -22.74 26.31
C LYS A 500 -35.32 -22.19 26.37
N GLU A 501 -36.10 -22.59 27.37
CA GLU A 501 -37.50 -22.20 27.46
C GLU A 501 -37.69 -20.74 27.82
N LEU A 502 -36.67 -20.09 28.39
CA LEU A 502 -36.76 -18.70 28.81
C LEU A 502 -35.79 -17.80 28.05
N GLY A 503 -35.50 -18.12 26.80
CA GLY A 503 -34.66 -17.26 25.98
C GLY A 503 -33.20 -17.30 26.36
N GLY A 504 -32.51 -18.40 26.03
CA GLY A 504 -31.20 -18.64 26.60
C GLY A 504 -30.12 -17.71 26.10
N LEU A 505 -29.22 -17.35 27.02
CA LEU A 505 -27.99 -16.59 26.77
C LEU A 505 -28.28 -15.23 26.17
N ALA A 506 -28.80 -14.35 27.01
CA ALA A 506 -28.77 -12.94 26.70
C ALA A 506 -27.35 -12.44 26.67
N VAL A 507 -26.88 -12.03 25.49
CA VAL A 507 -25.58 -11.42 25.32
C VAL A 507 -25.76 -9.92 25.42
N VAL A 508 -24.98 -9.26 26.24
CA VAL A 508 -25.06 -7.82 26.41
C VAL A 508 -23.73 -7.22 26.02
N GLY A 509 -23.68 -6.54 24.90
CA GLY A 509 -22.49 -5.85 24.51
C GLY A 509 -22.27 -4.61 25.36
N THR A 510 -21.12 -4.01 25.18
CA THR A 510 -20.76 -2.83 25.94
C THR A 510 -20.08 -1.76 25.10
N GLU A 511 -19.46 -2.12 23.99
CA GLU A 511 -19.02 -1.12 23.04
C GLU A 511 -19.08 -1.71 21.65
N ARG A 512 -18.91 -0.84 20.67
CA ARG A 512 -18.81 -1.27 19.29
C ARG A 512 -17.35 -1.50 18.94
N HIS A 513 -17.09 -2.55 18.21
CA HIS A 513 -15.72 -2.96 17.95
C HIS A 513 -15.27 -2.31 16.65
N GLU A 514 -14.11 -2.70 16.17
CA GLU A 514 -13.52 -2.03 15.00
C GLU A 514 -14.14 -2.47 13.69
N SER A 515 -15.10 -3.40 13.69
CA SER A 515 -15.76 -3.83 12.48
C SER A 515 -17.13 -4.36 12.86
N ARG A 516 -17.97 -4.54 11.85
CA ARG A 516 -19.26 -5.14 12.09
C ARG A 516 -19.16 -6.64 12.30
N ARG A 517 -18.09 -7.26 11.81
CA ARG A 517 -17.96 -8.70 11.93
C ARG A 517 -17.69 -9.12 13.36
N ILE A 518 -16.99 -8.30 14.12
CA ILE A 518 -16.60 -8.68 15.47
C ILE A 518 -17.80 -8.66 16.40
N ASP A 519 -18.64 -7.64 16.28
CA ASP A 519 -19.83 -7.63 17.11
C ASP A 519 -20.91 -8.55 16.56
N ASN A 520 -20.92 -8.84 15.26
CA ASN A 520 -21.78 -9.91 14.76
C ASN A 520 -21.36 -11.27 15.32
N GLN A 521 -20.06 -11.44 15.60
CA GLN A 521 -19.58 -12.64 16.26
C GLN A 521 -20.04 -12.74 17.72
N LEU A 522 -20.08 -11.61 18.43
CA LEU A 522 -20.62 -11.61 19.80
C LEU A 522 -22.11 -11.98 19.83
N ARG A 523 -22.90 -11.38 18.93
CA ARG A 523 -24.29 -11.78 18.79
C ARG A 523 -24.43 -13.25 18.40
N GLY A 524 -23.46 -13.74 17.64
CA GLY A 524 -23.43 -15.15 17.32
C GLY A 524 -23.22 -16.05 18.52
N ARG A 525 -22.49 -15.56 19.54
CA ARG A 525 -22.40 -16.32 20.79
C ARG A 525 -23.76 -16.45 21.43
N SER A 526 -24.60 -15.42 21.26
CA SER A 526 -25.97 -15.57 21.78
C SER A 526 -26.79 -16.60 21.01
N GLY A 527 -26.75 -16.57 19.68
CA GLY A 527 -27.71 -17.35 18.89
C GLY A 527 -27.77 -18.88 18.98
N ARG A 528 -26.79 -19.57 18.39
CA ARG A 528 -26.48 -21.00 18.60
C ARG A 528 -27.56 -21.95 18.08
N GLN A 529 -27.74 -21.95 16.76
CA GLN A 529 -28.52 -22.88 15.92
C GLN A 529 -29.96 -23.09 16.41
N GLY A 530 -30.73 -22.03 16.23
CA GLY A 530 -32.16 -22.10 16.41
C GLY A 530 -32.64 -22.02 17.83
N ASP A 531 -31.76 -22.08 18.81
CA ASP A 531 -32.17 -21.77 20.15
C ASP A 531 -32.39 -20.27 20.27
N PRO A 532 -33.34 -19.84 21.09
CA PRO A 532 -33.61 -18.41 21.21
C PRO A 532 -32.49 -17.69 21.92
N GLY A 533 -32.42 -16.39 21.68
CA GLY A 533 -31.42 -15.58 22.35
C GLY A 533 -31.71 -14.12 22.09
N ILE A 534 -31.24 -13.28 23.01
CA ILE A 534 -31.43 -11.85 22.95
C ILE A 534 -30.07 -11.20 22.97
N THR A 535 -29.80 -10.31 22.03
CA THR A 535 -28.61 -9.49 22.14
C THR A 535 -29.01 -8.05 22.35
N GLN A 536 -28.10 -7.26 22.88
CA GLN A 536 -28.35 -5.86 23.12
C GLN A 536 -27.00 -5.19 23.25
N PHE A 537 -26.79 -4.09 22.56
CA PHE A 537 -25.56 -3.33 22.70
C PHE A 537 -25.86 -2.04 23.43
N TYR A 538 -25.13 -1.78 24.49
CA TYR A 538 -25.20 -0.51 25.19
C TYR A 538 -24.03 0.33 24.72
N LEU A 539 -24.28 1.56 24.34
CA LEU A 539 -23.27 2.39 23.73
C LEU A 539 -23.19 3.69 24.51
N SER A 540 -22.12 4.42 24.31
CA SER A 540 -22.02 5.75 24.89
C SER A 540 -21.56 6.71 23.82
N MET A 541 -21.63 7.99 24.12
CA MET A 541 -21.13 8.99 23.21
C MET A 541 -19.71 9.41 23.55
N GLU A 542 -19.24 9.13 24.76
CA GLU A 542 -17.83 9.30 25.10
C GLU A 542 -17.12 7.97 25.16
N ASP A 543 -17.43 7.08 24.23
CA ASP A 543 -16.77 5.81 24.02
C ASP A 543 -15.34 6.03 23.55
N GLU A 544 -14.62 4.95 23.27
CA GLU A 544 -13.34 5.16 22.63
C GLU A 544 -13.49 5.27 21.12
N LEU A 545 -14.47 4.57 20.55
CA LEU A 545 -14.68 4.65 19.11
C LEU A 545 -15.19 6.01 18.70
N MET A 546 -16.07 6.60 19.49
CA MET A 546 -16.63 7.89 19.15
C MET A 546 -15.65 9.02 19.42
N ARG A 547 -14.87 8.92 20.49
CA ARG A 547 -13.87 9.93 20.78
C ARG A 547 -12.76 9.92 19.74
N ARG A 548 -12.37 8.75 19.27
CA ARG A 548 -11.28 8.71 18.31
C ARG A 548 -11.77 9.00 16.90
N PHE A 549 -12.85 8.37 16.46
CA PHE A 549 -13.18 8.40 15.04
C PHE A 549 -14.49 9.09 14.71
N GLY A 550 -15.27 9.54 15.70
CA GLY A 550 -16.50 10.23 15.41
C GLY A 550 -16.25 11.61 14.86
N ALA A 551 -17.10 12.01 13.92
CA ALA A 551 -16.91 13.26 13.20
C ALA A 551 -17.17 14.45 14.10
N GLU A 552 -16.43 15.54 13.86
CA GLU A 552 -16.46 16.71 14.72
C GLU A 552 -17.77 17.49 14.65
N ARG A 553 -18.65 17.17 13.71
CA ARG A 553 -19.90 17.92 13.56
C ARG A 553 -20.89 17.60 14.67
N THR A 554 -20.96 16.33 15.08
CA THR A 554 -22.04 15.87 15.95
C THR A 554 -21.90 16.32 17.39
N MET A 555 -20.72 16.79 17.81
CA MET A 555 -20.45 17.06 19.22
C MET A 555 -21.28 18.23 19.75
N ALA A 556 -21.61 19.20 18.88
CA ALA A 556 -22.54 20.25 19.25
C ALA A 556 -23.92 19.67 19.56
N MET A 557 -24.34 18.68 18.77
CA MET A 557 -25.65 18.07 19.02
C MET A 557 -25.64 17.22 20.27
N LEU A 558 -24.51 16.60 20.60
CA LEU A 558 -24.43 15.87 21.86
C LEU A 558 -24.48 16.83 23.05
N ASP A 559 -23.93 18.03 22.89
CA ASP A 559 -24.16 19.08 23.88
C ASP A 559 -25.63 19.48 23.92
N ARG A 560 -26.31 19.44 22.76
CA ARG A 560 -27.72 19.84 22.70
C ARG A 560 -28.63 18.85 23.42
N PHE A 561 -28.28 17.56 23.43
CA PHE A 561 -29.22 16.51 23.84
C PHE A 561 -29.61 16.59 25.32
N GLY A 562 -28.72 17.08 26.17
CA GLY A 562 -29.04 17.26 27.56
C GLY A 562 -28.17 16.39 28.45
N MET A 563 -28.45 16.45 29.75
CA MET A 563 -27.65 15.69 30.71
C MET A 563 -28.55 15.25 31.87
N ASP A 564 -29.12 14.05 31.75
CA ASP A 564 -29.67 13.38 32.93
C ASP A 564 -29.23 11.93 32.97
N ASP A 565 -29.08 11.34 31.77
CA ASP A 565 -28.53 10.00 31.54
C ASP A 565 -29.28 8.90 32.28
N SER A 566 -30.57 9.08 32.54
CA SER A 566 -31.35 7.98 33.06
C SER A 566 -31.93 7.14 31.92
N THR A 567 -32.19 7.77 30.77
CA THR A 567 -32.76 7.20 29.58
C THR A 567 -31.80 7.39 28.41
N PRO A 568 -31.79 6.51 27.42
CA PRO A 568 -30.89 6.65 26.29
C PRO A 568 -31.33 7.78 25.36
N ILE A 569 -30.47 8.07 24.39
CA ILE A 569 -30.80 8.99 23.33
C ILE A 569 -31.65 8.28 22.30
N GLN A 570 -32.80 8.86 21.98
CA GLN A 570 -33.62 8.41 20.85
C GLN A 570 -33.51 9.48 19.76
N SER A 571 -32.59 9.26 18.83
CA SER A 571 -32.48 10.12 17.65
C SER A 571 -31.74 9.34 16.59
N LYS A 572 -31.90 9.79 15.34
CA LYS A 572 -31.16 9.20 14.24
C LYS A 572 -29.86 9.92 13.95
N MET A 573 -29.64 11.07 14.59
CA MET A 573 -28.38 11.78 14.40
C MET A 573 -27.22 11.04 15.05
N VAL A 574 -27.40 10.59 16.30
CA VAL A 574 -26.32 9.86 16.96
C VAL A 574 -26.16 8.47 16.40
N SER A 575 -27.23 7.88 15.87
CA SER A 575 -27.10 6.57 15.23
C SER A 575 -26.32 6.69 13.92
N ARG A 576 -26.55 7.77 13.18
CA ARG A 576 -25.73 8.03 12.00
C ARG A 576 -24.28 8.30 12.38
N ALA A 577 -24.06 8.96 13.52
CA ALA A 577 -22.69 9.22 13.97
C ALA A 577 -21.97 7.95 14.36
N VAL A 578 -22.66 7.03 15.03
CA VAL A 578 -22.09 5.75 15.44
C VAL A 578 -21.69 4.93 14.22
N GLU A 579 -22.62 4.79 13.27
CA GLU A 579 -22.32 3.97 12.10
C GLU A 579 -21.26 4.61 11.21
N SER A 580 -21.20 5.94 11.16
CA SER A 580 -20.18 6.59 10.34
C SER A 580 -18.81 6.45 10.97
N SER A 581 -18.72 6.49 12.30
CA SER A 581 -17.43 6.29 12.96
C SER A 581 -16.92 4.86 12.75
N GLN A 582 -17.82 3.88 12.85
CA GLN A 582 -17.39 2.49 12.63
C GLN A 582 -16.96 2.24 11.21
N LYS A 583 -17.65 2.85 10.22
CA LYS A 583 -17.21 2.70 8.84
C LYS A 583 -15.90 3.42 8.57
N ARG A 584 -15.60 4.47 9.33
CA ARG A 584 -14.29 5.09 9.16
C ARG A 584 -13.17 4.20 9.70
N VAL A 585 -13.42 3.49 10.80
CA VAL A 585 -12.40 2.55 11.29
C VAL A 585 -12.19 1.42 10.29
N GLU A 586 -13.28 0.93 9.68
CA GLU A 586 -13.14 -0.10 8.65
C GLU A 586 -12.34 0.39 7.46
N GLY A 587 -12.56 1.64 7.03
CA GLY A 587 -11.78 2.16 5.90
C GLY A 587 -10.32 2.38 6.21
N ASN A 588 -10.01 2.86 7.43
CA ASN A 588 -8.63 3.02 7.85
C ASN A 588 -7.90 1.69 7.89
N ASN A 589 -8.55 0.66 8.43
CA ASN A 589 -7.94 -0.66 8.49
C ASN A 589 -7.75 -1.25 7.10
N PHE A 590 -8.68 -0.98 6.19
CA PHE A 590 -8.54 -1.41 4.80
C PHE A 590 -7.29 -0.84 4.18
N ASP A 591 -7.07 0.48 4.33
CA ASP A 591 -5.93 1.09 3.67
C ASP A 591 -4.61 0.64 4.28
N SER A 592 -4.56 0.51 5.61
CA SER A 592 -3.35 0.02 6.26
C SER A 592 -3.00 -1.40 5.84
N ARG A 593 -4.03 -2.24 5.69
CA ARG A 593 -3.82 -3.60 5.22
C ARG A 593 -3.30 -3.62 3.79
N LYS A 594 -3.84 -2.77 2.93
CA LYS A 594 -3.43 -2.77 1.52
C LYS A 594 -1.99 -2.29 1.33
N GLN A 595 -1.58 -1.25 2.06
CA GLN A 595 -0.21 -0.78 1.86
C GLN A 595 0.81 -1.72 2.50
N LEU A 596 0.46 -2.37 3.62
CA LEU A 596 1.33 -3.42 4.16
C LEU A 596 1.47 -4.57 3.18
N LEU A 597 0.40 -4.87 2.43
CA LEU A 597 0.43 -5.93 1.44
C LEU A 597 1.43 -5.65 0.33
N GLN A 598 1.38 -4.45 -0.26
CA GLN A 598 2.29 -4.22 -1.39
C GLN A 598 3.75 -4.01 -0.96
N TYR A 599 3.99 -3.45 0.23
CA TYR A 599 5.38 -3.30 0.66
C TYR A 599 5.98 -4.65 1.08
N ASP A 600 5.19 -5.52 1.70
CA ASP A 600 5.73 -6.84 1.89
C ASP A 600 5.67 -7.70 0.64
N ASP A 601 5.06 -7.26 -0.45
CA ASP A 601 5.24 -7.96 -1.71
C ASP A 601 6.64 -7.75 -2.26
N VAL A 602 7.18 -6.54 -2.13
CA VAL A 602 8.59 -6.31 -2.44
C VAL A 602 9.50 -7.20 -1.58
N LEU A 603 9.34 -7.13 -0.26
CA LEU A 603 10.17 -7.95 0.61
C LEU A 603 9.88 -9.45 0.47
N ARG A 604 8.72 -9.83 -0.04
CA ARG A 604 8.42 -11.23 -0.28
C ARG A 604 9.23 -11.78 -1.44
N GLN A 605 9.38 -11.02 -2.53
CA GLN A 605 10.22 -11.47 -3.63
C GLN A 605 11.67 -11.66 -3.18
N GLN A 606 12.18 -10.73 -2.37
CA GLN A 606 13.55 -10.89 -1.89
C GLN A 606 13.70 -12.07 -0.92
N ARG A 607 12.74 -12.23 -0.01
CA ARG A 607 12.78 -13.31 0.97
C ARG A 607 12.64 -14.67 0.31
N GLU A 608 11.83 -14.78 -0.75
CA GLU A 608 11.71 -16.05 -1.45
C GLU A 608 13.01 -16.44 -2.12
N VAL A 609 13.71 -15.48 -2.74
CA VAL A 609 15.01 -15.77 -3.36
C VAL A 609 16.00 -16.29 -2.33
N ILE A 610 16.14 -15.58 -1.21
CA ILE A 610 17.17 -15.95 -0.24
C ILE A 610 16.82 -17.21 0.52
N TYR A 611 15.54 -17.43 0.83
CA TYR A 611 15.18 -18.62 1.58
C TYR A 611 15.29 -19.87 0.73
N LYS A 612 15.00 -19.76 -0.57
CA LYS A 612 15.21 -20.88 -1.48
C LYS A 612 16.69 -21.24 -1.59
N GLN A 613 17.56 -20.25 -1.74
CA GLN A 613 18.96 -20.60 -1.94
C GLN A 613 19.67 -20.94 -0.64
N ARG A 614 19.22 -20.43 0.49
CA ARG A 614 19.75 -20.88 1.76
C ARG A 614 19.36 -22.32 2.03
N PHE A 615 18.14 -22.70 1.66
CA PHE A 615 17.77 -24.10 1.83
C PHE A 615 18.54 -25.00 0.88
N GLU A 616 18.90 -24.53 -0.30
CA GLU A 616 19.69 -25.39 -1.15
C GLU A 616 21.20 -25.26 -0.95
N VAL A 617 21.66 -24.47 0.02
CA VAL A 617 22.99 -24.73 0.58
C VAL A 617 22.95 -25.47 1.91
N ILE A 618 21.77 -25.68 2.49
CA ILE A 618 21.70 -26.59 3.64
C ILE A 618 21.76 -28.04 3.19
N ASP A 619 20.85 -28.47 2.32
CA ASP A 619 20.87 -29.87 1.89
C ASP A 619 21.55 -30.03 0.53
N SER A 620 22.81 -29.63 0.49
CA SER A 620 23.64 -29.90 -0.66
C SER A 620 24.81 -30.75 -0.20
N GLU A 621 24.99 -31.89 -0.87
CA GLU A 621 25.97 -32.89 -0.46
C GLU A 621 27.40 -32.49 -0.78
N ASN A 622 27.60 -31.60 -1.74
CA ASN A 622 28.91 -31.05 -2.04
C ASN A 622 28.70 -29.66 -2.61
N LEU A 623 29.01 -28.64 -1.82
CA LEU A 623 28.75 -27.26 -2.22
C LEU A 623 30.02 -26.57 -2.66
N ARG A 624 30.86 -27.31 -3.36
CA ARG A 624 32.09 -26.76 -3.92
C ARG A 624 31.79 -25.79 -5.05
N GLU A 625 30.82 -26.11 -5.91
CA GLU A 625 30.53 -25.25 -7.06
C GLU A 625 29.82 -23.97 -6.65
N ILE A 626 29.06 -24.00 -5.56
CA ILE A 626 28.42 -22.80 -5.05
C ILE A 626 29.47 -21.81 -4.54
N VAL A 627 30.42 -22.30 -3.74
CA VAL A 627 31.50 -21.45 -3.23
C VAL A 627 32.40 -20.98 -4.36
N GLU A 628 32.62 -21.82 -5.38
CA GLU A 628 33.46 -21.40 -6.48
C GLU A 628 32.80 -20.34 -7.34
N ASN A 629 31.48 -20.41 -7.54
CA ASN A 629 30.81 -19.32 -8.23
C ASN A 629 30.77 -18.05 -7.41
N MET A 630 30.72 -18.17 -6.07
CA MET A 630 30.82 -16.97 -5.24
C MET A 630 32.19 -16.31 -5.36
N ILE A 631 33.25 -17.11 -5.36
CA ILE A 631 34.61 -16.56 -5.52
C ILE A 631 34.80 -15.99 -6.90
N LYS A 632 34.24 -16.63 -7.93
CA LYS A 632 34.40 -16.12 -9.29
C LYS A 632 33.62 -14.83 -9.51
N SER A 633 32.41 -14.72 -8.95
CA SER A 633 31.65 -13.49 -9.08
C SER A 633 32.28 -12.34 -8.32
N SER A 634 32.77 -12.60 -7.11
CA SER A 634 33.48 -11.56 -6.37
C SER A 634 34.77 -11.17 -7.05
N LEU A 635 35.43 -12.13 -7.72
CA LEU A 635 36.66 -11.85 -8.43
C LEU A 635 36.42 -10.98 -9.65
N GLU A 636 35.37 -11.28 -10.42
CA GLU A 636 35.11 -10.45 -11.60
C GLU A 636 34.60 -9.08 -11.22
N ARG A 637 33.93 -8.97 -10.06
CA ARG A 637 33.53 -7.63 -9.61
C ARG A 637 34.72 -6.85 -9.09
N ALA A 638 35.71 -7.53 -8.52
CA ALA A 638 36.93 -6.84 -8.10
C ALA A 638 37.79 -6.46 -9.28
N ILE A 639 37.73 -7.24 -10.36
CA ILE A 639 38.41 -6.88 -11.60
C ILE A 639 37.78 -5.64 -12.20
N ALA A 640 36.46 -5.64 -12.40
CA ALA A 640 35.79 -4.52 -13.03
C ALA A 640 35.68 -3.31 -12.13
N ALA A 641 35.89 -3.45 -10.82
CA ALA A 641 35.88 -2.29 -9.92
C ALA A 641 37.20 -1.52 -9.99
N TYR A 642 38.29 -2.22 -10.26
CA TYR A 642 39.50 -1.60 -10.78
C TYR A 642 39.35 -1.62 -12.30
N THR A 643 40.45 -1.38 -13.02
CA THR A 643 40.58 -1.47 -14.48
C THR A 643 39.37 -0.94 -15.27
N PRO A 644 39.00 0.34 -15.08
CA PRO A 644 37.69 0.79 -15.57
C PRO A 644 37.64 0.84 -17.09
N ARG A 645 36.57 0.28 -17.65
CA ARG A 645 36.54 0.00 -19.07
C ARG A 645 36.29 1.24 -19.92
N GLU A 646 35.91 2.38 -19.32
CA GLU A 646 35.95 3.62 -20.06
C GLU A 646 37.38 4.07 -20.30
N GLU A 647 38.27 3.77 -19.37
CA GLU A 647 39.65 4.21 -19.43
C GLU A 647 40.45 3.33 -20.38
N LEU A 648 41.36 3.94 -21.12
CA LEU A 648 42.27 3.21 -21.98
C LEU A 648 43.26 2.40 -21.14
N PRO A 649 43.68 1.22 -21.64
CA PRO A 649 44.64 0.37 -20.89
C PRO A 649 46.00 1.00 -20.67
N GLU A 650 46.85 0.29 -19.90
CA GLU A 650 48.16 0.76 -19.42
C GLU A 650 48.06 2.07 -18.65
N GLU A 651 46.92 2.30 -18.01
CA GLU A 651 46.75 3.36 -17.03
C GLU A 651 45.93 2.87 -15.85
N TRP A 652 45.70 1.56 -15.76
CA TRP A 652 44.61 0.95 -15.01
C TRP A 652 44.88 0.78 -13.53
N LYS A 653 46.00 1.30 -13.02
CA LYS A 653 46.51 1.16 -11.64
C LYS A 653 46.35 -0.27 -11.09
N LEU A 654 46.99 -1.21 -11.78
CA LEU A 654 46.90 -2.63 -11.45
C LEU A 654 47.62 -3.00 -10.14
N ASP A 655 48.42 -2.11 -9.57
CA ASP A 655 49.12 -2.42 -8.34
C ASP A 655 48.16 -2.57 -7.17
N GLY A 656 47.14 -1.72 -7.12
CA GLY A 656 46.09 -1.89 -6.13
C GLY A 656 45.28 -3.15 -6.35
N LEU A 657 45.15 -3.58 -7.60
CA LEU A 657 44.48 -4.84 -7.89
C LEU A 657 45.28 -6.03 -7.38
N VAL A 658 46.61 -6.00 -7.55
CA VAL A 658 47.44 -7.08 -7.04
C VAL A 658 47.43 -7.08 -5.51
N ASP A 659 47.40 -5.89 -4.90
CA ASP A 659 47.30 -5.81 -3.45
C ASP A 659 45.96 -6.37 -2.95
N LEU A 660 44.86 -6.04 -3.62
CA LEU A 660 43.56 -6.51 -3.18
C LEU A 660 43.40 -8.01 -3.37
N ILE A 661 43.88 -8.53 -4.50
CA ILE A 661 43.77 -9.97 -4.76
C ILE A 661 44.68 -10.75 -3.84
N ASN A 662 45.84 -10.20 -3.49
CA ASN A 662 46.70 -10.89 -2.54
C ASN A 662 46.16 -10.81 -1.11
N THR A 663 45.44 -9.74 -0.78
CA THR A 663 44.85 -9.65 0.56
C THR A 663 43.62 -10.54 0.68
N THR A 664 42.90 -10.75 -0.42
CA THR A 664 41.59 -11.39 -0.39
C THR A 664 41.59 -12.83 -0.91
N TYR A 665 42.46 -13.19 -1.86
CA TYR A 665 42.32 -14.51 -2.45
C TYR A 665 43.56 -15.39 -2.47
N LEU A 666 44.76 -14.83 -2.65
CA LEU A 666 45.90 -15.64 -3.07
C LEU A 666 47.13 -15.37 -2.19
N ASP A 667 46.95 -15.48 -0.87
CA ASP A 667 47.96 -15.52 0.20
C ASP A 667 49.22 -14.67 0.05
N GLU A 668 49.07 -13.41 -0.38
CA GLU A 668 50.07 -12.34 -0.29
C GLU A 668 51.38 -12.56 -1.05
N GLY A 669 51.53 -13.67 -1.75
CA GLY A 669 52.74 -13.85 -2.51
C GLY A 669 52.54 -14.42 -3.90
N ALA A 670 51.34 -14.94 -4.17
CA ALA A 670 51.14 -15.72 -5.37
C ALA A 670 50.97 -14.86 -6.61
N LEU A 671 50.42 -13.66 -6.45
CA LEU A 671 50.21 -12.75 -7.55
C LEU A 671 51.20 -11.60 -7.47
N GLU A 672 51.93 -11.36 -8.56
CA GLU A 672 52.70 -10.16 -8.75
C GLU A 672 52.29 -9.55 -10.09
N LYS A 673 52.69 -8.30 -10.32
CA LYS A 673 52.15 -7.51 -11.42
C LYS A 673 52.55 -8.03 -12.79
N SER A 674 53.63 -8.81 -12.89
CA SER A 674 54.09 -9.30 -14.18
C SER A 674 53.21 -10.42 -14.73
N ASP A 675 52.40 -11.07 -13.90
CA ASP A 675 51.56 -12.14 -14.41
C ASP A 675 50.37 -11.62 -15.21
N ILE A 676 49.92 -10.40 -14.95
CA ILE A 676 48.74 -9.84 -15.60
C ILE A 676 49.12 -8.75 -16.62
N PHE A 677 49.85 -7.72 -16.17
CA PHE A 677 50.61 -6.77 -17.00
C PHE A 677 49.75 -6.06 -18.04
N GLY A 678 48.53 -5.72 -17.67
CA GLY A 678 47.63 -5.04 -18.59
C GLY A 678 47.13 -5.90 -19.72
N LYS A 679 46.34 -6.92 -19.41
CA LYS A 679 45.66 -7.71 -20.42
C LYS A 679 44.23 -7.22 -20.55
N GLU A 680 43.51 -7.79 -21.51
CA GLU A 680 42.07 -7.72 -21.46
C GLU A 680 41.59 -8.55 -20.27
N PRO A 681 40.47 -8.17 -19.63
CA PRO A 681 40.13 -8.75 -18.33
C PRO A 681 39.82 -10.24 -18.33
N ASP A 682 39.50 -10.83 -19.49
CA ASP A 682 39.05 -12.22 -19.51
C ASP A 682 40.19 -13.20 -19.26
N GLU A 683 41.33 -13.01 -19.93
CA GLU A 683 42.40 -13.99 -19.78
C GLU A 683 43.11 -13.85 -18.43
N MET A 684 43.22 -12.62 -17.91
CA MET A 684 43.74 -12.48 -16.56
C MET A 684 42.74 -12.98 -15.53
N LEU A 685 41.44 -12.91 -15.83
CA LEU A 685 40.47 -13.51 -14.94
C LEU A 685 40.60 -15.02 -14.93
N GLU A 686 40.90 -15.62 -16.08
CA GLU A 686 41.17 -17.05 -16.10
C GLU A 686 42.45 -17.39 -15.35
N LEU A 687 43.45 -16.52 -15.39
CA LEU A 687 44.69 -16.76 -14.64
C LEU A 687 44.45 -16.72 -13.13
N ILE A 688 43.78 -15.67 -12.64
CA ILE A 688 43.48 -15.57 -11.21
C ILE A 688 42.51 -16.67 -10.78
N MET A 689 41.58 -17.05 -11.64
CA MET A 689 40.64 -18.10 -11.31
C MET A 689 41.32 -19.46 -11.27
N ASP A 690 42.33 -19.69 -12.12
CA ASP A 690 43.04 -20.96 -12.05
C ASP A 690 43.93 -21.03 -10.82
N ARG A 691 44.52 -19.90 -10.41
CA ARG A 691 45.30 -19.92 -9.18
C ARG A 691 44.40 -20.09 -7.96
N ILE A 692 43.20 -19.52 -7.99
CA ILE A 692 42.24 -19.71 -6.91
C ILE A 692 41.76 -21.15 -6.86
N ILE A 693 41.52 -21.76 -8.02
CA ILE A 693 40.98 -23.12 -8.02
C ILE A 693 42.07 -24.13 -7.66
N THR A 694 43.35 -23.83 -7.92
CA THR A 694 44.35 -24.78 -7.44
C THR A 694 44.63 -24.61 -5.94
N LYS A 695 44.52 -23.37 -5.41
CA LYS A 695 44.62 -23.19 -3.96
C LYS A 695 43.45 -23.85 -3.25
N TYR A 696 42.26 -23.79 -3.86
CA TYR A 696 41.08 -24.39 -3.25
C TYR A 696 41.12 -25.90 -3.34
N ASN A 697 41.62 -26.46 -4.45
CA ASN A 697 41.70 -27.91 -4.55
C ASN A 697 42.79 -28.47 -3.65
N GLU A 698 43.85 -27.70 -3.43
CA GLU A 698 44.82 -28.07 -2.40
C GLU A 698 44.17 -28.07 -1.03
N LYS A 699 43.36 -27.06 -0.72
CA LYS A 699 42.67 -27.02 0.57
C LYS A 699 41.65 -28.14 0.71
N GLU A 700 41.03 -28.56 -0.38
CA GLU A 700 40.04 -29.63 -0.32
C GLU A 700 40.69 -30.98 -0.10
N GLU A 701 41.79 -31.27 -0.82
CA GLU A 701 42.49 -32.52 -0.59
C GLU A 701 43.27 -32.52 0.72
N GLN A 702 43.51 -31.35 1.31
CA GLN A 702 44.21 -31.24 2.59
C GLN A 702 43.27 -31.35 3.78
N PHE A 703 42.17 -30.58 3.77
CA PHE A 703 41.26 -30.46 4.90
C PHE A 703 40.46 -31.75 5.14
N GLY A 704 40.16 -32.49 4.09
CA GLY A 704 39.26 -33.63 4.16
C GLY A 704 38.02 -33.29 3.36
N LYS A 705 37.45 -34.30 2.70
CA LYS A 705 36.33 -34.07 1.81
C LYS A 705 35.06 -33.69 2.56
N GLU A 706 34.90 -34.20 3.78
CA GLU A 706 33.69 -33.98 4.56
C GLU A 706 33.80 -32.82 5.53
N GLN A 707 34.96 -32.60 6.13
CA GLN A 707 35.13 -31.51 7.07
C GLN A 707 35.16 -30.17 6.36
N MET A 708 35.64 -30.16 5.11
CA MET A 708 35.61 -28.94 4.30
C MET A 708 34.19 -28.47 4.05
N ARG A 709 33.27 -29.41 3.82
CA ARG A 709 31.89 -29.04 3.52
C ARG A 709 31.19 -28.47 4.75
N GLU A 710 31.45 -29.03 5.93
CA GLU A 710 30.89 -28.45 7.14
C GLU A 710 31.48 -27.08 7.43
N PHE A 711 32.77 -26.91 7.13
CA PHE A 711 33.42 -25.60 7.30
C PHE A 711 32.78 -24.55 6.41
N GLU A 712 32.72 -24.79 5.10
CA GLU A 712 32.16 -23.77 4.24
C GLU A 712 30.65 -23.68 4.32
N LYS A 713 29.95 -24.70 4.84
CA LYS A 713 28.54 -24.53 5.15
C LYS A 713 28.32 -23.56 6.28
N VAL A 714 29.15 -23.65 7.32
CA VAL A 714 29.07 -22.68 8.42
C VAL A 714 29.38 -21.28 7.93
N ILE A 715 30.38 -21.15 7.04
CA ILE A 715 30.76 -19.83 6.51
C ILE A 715 29.64 -19.23 5.67
N VAL A 716 29.07 -20.01 4.76
CA VAL A 716 28.03 -19.53 3.87
C VAL A 716 26.77 -19.16 4.64
N LEU A 717 26.36 -20.02 5.58
CA LEU A 717 25.13 -19.76 6.33
C LEU A 717 25.28 -18.57 7.26
N ARG A 718 26.45 -18.39 7.87
CA ARG A 718 26.66 -17.25 8.74
C ARG A 718 26.68 -15.95 7.95
N ALA A 719 27.26 -15.97 6.75
CA ALA A 719 27.26 -14.75 5.94
C ALA A 719 25.87 -14.40 5.46
N VAL A 720 25.10 -15.39 5.01
CA VAL A 720 23.75 -15.15 4.53
C VAL A 720 22.86 -14.65 5.65
N ASP A 721 22.98 -15.23 6.84
CA ASP A 721 22.13 -14.85 7.94
C ASP A 721 22.44 -13.45 8.46
N SER A 722 23.72 -13.07 8.56
CA SER A 722 24.02 -11.73 9.06
C SER A 722 23.67 -10.65 8.04
N LYS A 723 24.01 -10.86 6.76
CA LYS A 723 23.67 -9.83 5.78
C LYS A 723 22.16 -9.73 5.54
N TRP A 724 21.43 -10.84 5.70
CA TRP A 724 19.98 -10.74 5.52
C TRP A 724 19.30 -10.07 6.70
N MET A 725 19.81 -10.23 7.93
CA MET A 725 19.30 -9.45 9.05
C MET A 725 19.51 -7.96 8.82
N ASP A 726 20.71 -7.58 8.36
CA ASP A 726 20.97 -6.18 8.11
C ASP A 726 20.11 -5.65 6.97
N HIS A 727 19.75 -6.49 6.01
CA HIS A 727 18.90 -6.03 4.92
C HIS A 727 17.47 -5.85 5.36
N ILE A 728 16.97 -6.71 6.25
CA ILE A 728 15.63 -6.53 6.82
C ILE A 728 15.55 -5.19 7.55
N ASP A 729 16.57 -4.83 8.32
CA ASP A 729 16.51 -3.56 9.03
C ASP A 729 16.67 -2.36 8.10
N ALA A 730 17.52 -2.46 7.07
CA ALA A 730 17.65 -1.36 6.12
C ALA A 730 16.39 -1.15 5.30
N MET A 731 15.68 -2.23 4.95
CA MET A 731 14.42 -2.08 4.25
C MET A 731 13.34 -1.50 5.13
N ASP A 732 13.40 -1.72 6.46
CA ASP A 732 12.44 -1.05 7.33
C ASP A 732 12.67 0.46 7.41
N GLN A 733 13.92 0.89 7.45
CA GLN A 733 14.17 2.34 7.45
C GLN A 733 13.78 3.00 6.13
N LEU A 734 14.00 2.30 5.01
CA LEU A 734 13.52 2.79 3.73
C LEU A 734 12.01 2.92 3.69
N ARG A 735 11.29 1.95 4.28
CA ARG A 735 9.84 2.01 4.30
C ARG A 735 9.33 3.16 5.16
N GLN A 736 10.12 3.62 6.13
CA GLN A 736 9.74 4.88 6.78
C GLN A 736 9.85 6.08 5.82
N GLY A 737 10.99 6.24 5.15
CA GLY A 737 11.18 7.47 4.35
C GLY A 737 10.36 7.57 3.07
N ILE A 738 9.63 6.51 2.75
CA ILE A 738 9.00 6.38 1.44
C ILE A 738 7.94 7.45 1.12
N HIS A 739 7.08 7.85 2.06
CA HIS A 739 6.00 8.78 1.68
C HIS A 739 6.53 10.20 1.44
N LEU A 740 7.56 10.58 2.19
CA LEU A 740 8.28 11.80 1.92
C LEU A 740 8.81 11.81 0.50
N ARG A 741 9.23 10.66 -0.01
CA ARG A 741 9.51 10.61 -1.46
C ARG A 741 8.29 10.85 -2.36
N ALA A 742 7.06 10.80 -1.85
CA ALA A 742 5.91 11.16 -2.68
C ALA A 742 5.70 12.64 -2.74
N TYR A 743 6.40 13.41 -1.90
CA TYR A 743 6.34 14.87 -2.07
C TYR A 743 6.79 15.34 -3.46
N ALA A 744 7.99 14.99 -3.89
CA ALA A 744 8.34 15.21 -5.30
C ALA A 744 7.55 14.26 -6.16
N GLN A 745 6.77 14.80 -7.10
CA GLN A 745 5.56 14.18 -7.62
C GLN A 745 5.86 12.89 -8.37
N THR A 746 6.07 11.83 -7.60
CA THR A 746 6.24 10.48 -8.10
C THR A 746 5.43 9.55 -7.22
N ASN A 747 5.25 8.30 -7.67
CA ASN A 747 4.64 7.52 -6.61
C ASN A 747 5.71 6.77 -5.84
N PRO A 748 5.56 6.66 -4.53
CA PRO A 748 6.66 6.17 -3.72
C PRO A 748 6.83 4.66 -3.75
N LEU A 749 5.86 3.91 -4.24
CA LEU A 749 6.04 2.46 -4.31
C LEU A 749 7.07 2.09 -5.36
N ARG A 750 7.12 2.83 -6.46
CA ARG A 750 8.12 2.56 -7.49
C ARG A 750 9.52 2.89 -6.99
N GLU A 751 9.63 3.93 -6.17
CA GLU A 751 10.89 4.24 -5.53
C GLU A 751 11.29 3.16 -4.55
N TYR A 752 10.33 2.60 -3.82
CA TYR A 752 10.60 1.53 -2.89
C TYR A 752 11.07 0.27 -3.61
N GLN A 753 10.47 -0.06 -4.76
CA GLN A 753 10.89 -1.24 -5.50
C GLN A 753 12.27 -1.08 -6.10
N MET A 754 12.57 0.11 -6.64
CA MET A 754 13.88 0.34 -7.23
C MET A 754 14.98 0.39 -6.18
N GLU A 755 14.74 1.08 -5.05
CA GLU A 755 15.71 1.10 -3.96
C GLU A 755 15.86 -0.26 -3.31
N GLY A 756 14.79 -1.04 -3.23
CA GLY A 756 14.90 -2.37 -2.68
C GLY A 756 15.67 -3.31 -3.56
N PHE A 757 15.54 -3.18 -4.88
CA PHE A 757 16.34 -4.00 -5.78
C PHE A 757 17.81 -3.63 -5.74
N ALA A 758 18.12 -2.33 -5.71
CA ALA A 758 19.51 -1.90 -5.58
C ALA A 758 20.13 -2.34 -4.26
N MET A 759 19.36 -2.24 -3.18
CA MET A 759 19.85 -2.62 -1.86
C MET A 759 20.02 -4.13 -1.74
N PHE A 760 19.14 -4.89 -2.37
CA PHE A 760 19.26 -6.35 -2.37
C PHE A 760 20.50 -6.79 -3.11
N GLU A 761 20.76 -6.20 -4.28
CA GLU A 761 21.93 -6.62 -5.03
C GLU A 761 23.22 -6.20 -4.36
N HIS A 762 23.24 -5.06 -3.67
CA HIS A 762 24.42 -4.71 -2.87
C HIS A 762 24.62 -5.69 -1.73
N MET A 763 23.52 -6.17 -1.15
CA MET A 763 23.62 -7.18 -0.09
C MET A 763 24.20 -8.47 -0.61
N ILE A 764 23.81 -8.88 -1.80
CA ILE A 764 24.26 -10.17 -2.31
C ILE A 764 25.70 -10.10 -2.78
N GLU A 765 26.12 -8.96 -3.32
CA GLU A 765 27.52 -8.73 -3.58
C GLU A 765 28.34 -8.75 -2.30
N SER A 766 27.78 -8.24 -1.21
CA SER A 766 28.48 -8.31 0.08
C SER A 766 28.58 -9.75 0.59
N ILE A 767 27.54 -10.55 0.37
CA ILE A 767 27.58 -11.96 0.80
C ILE A 767 28.67 -12.71 0.07
N GLU A 768 28.74 -12.52 -1.25
CA GLU A 768 29.75 -13.20 -2.06
C GLU A 768 31.16 -12.76 -1.70
N ASP A 769 31.36 -11.46 -1.41
CA ASP A 769 32.67 -11.00 -1.00
C ASP A 769 33.09 -11.57 0.34
N GLU A 770 32.16 -11.64 1.31
CA GLU A 770 32.47 -12.19 2.61
C GLU A 770 32.79 -13.67 2.53
N VAL A 771 32.01 -14.44 1.77
CA VAL A 771 32.26 -15.87 1.64
C VAL A 771 33.57 -16.14 0.92
N ALA A 772 33.89 -15.36 -0.11
CA ALA A 772 35.14 -15.54 -0.85
C ALA A 772 36.35 -15.26 0.02
N LYS A 773 36.34 -14.15 0.76
CA LYS A 773 37.50 -13.85 1.60
C LYS A 773 37.58 -14.74 2.83
N PHE A 774 36.47 -15.33 3.28
CA PHE A 774 36.55 -16.20 4.44
C PHE A 774 36.93 -17.62 4.07
N VAL A 775 36.64 -18.04 2.85
CA VAL A 775 37.04 -19.37 2.42
C VAL A 775 38.48 -19.36 1.93
N MET A 776 38.87 -18.33 1.19
CA MET A 776 40.19 -18.34 0.56
C MET A 776 41.29 -17.77 1.43
N LYS A 777 40.98 -17.14 2.54
CA LYS A 777 42.02 -16.65 3.44
C LYS A 777 41.96 -17.35 4.79
N ALA A 778 41.49 -18.59 4.79
CA ALA A 778 41.42 -19.35 6.03
C ALA A 778 41.46 -20.83 5.75
N PHE B 2 18.38 -2.34 -29.89
CA PHE B 2 19.04 -2.03 -28.63
C PHE B 2 19.04 -3.25 -27.71
N ARG B 3 19.25 -2.99 -26.42
CA ARG B 3 19.21 -4.01 -25.39
C ARG B 3 17.96 -3.91 -24.51
N THR B 4 17.63 -2.71 -24.04
CA THR B 4 16.50 -2.56 -23.13
C THR B 4 15.17 -2.62 -23.88
N ILE B 5 15.15 -2.22 -25.15
CA ILE B 5 13.94 -2.36 -25.97
C ILE B 5 13.68 -3.83 -26.25
N SER B 6 14.74 -4.58 -26.55
CA SER B 6 14.62 -6.02 -26.70
C SER B 6 14.27 -6.69 -25.37
N ASN B 7 14.69 -6.08 -24.25
CA ASN B 7 14.30 -6.58 -22.94
C ASN B 7 12.81 -6.39 -22.70
N PHE B 8 12.25 -5.28 -23.20
CA PHE B 8 10.82 -5.06 -23.12
C PHE B 8 10.06 -6.08 -23.97
N MET B 9 10.53 -6.32 -25.20
CA MET B 9 9.86 -7.27 -26.08
C MET B 9 10.01 -8.71 -25.59
N ARG B 10 11.10 -9.01 -24.89
CA ARG B 10 11.40 -10.37 -24.48
C ARG B 10 10.48 -10.86 -23.37
N VAL B 11 10.09 -10.00 -22.45
CA VAL B 11 9.15 -10.34 -21.39
C VAL B 11 7.74 -10.29 -21.96
N SER B 12 6.87 -11.19 -21.50
CA SER B 12 5.53 -11.26 -22.07
C SER B 12 4.56 -10.28 -21.43
N ASP B 13 4.71 -9.99 -20.13
CA ASP B 13 3.78 -9.09 -19.44
C ASP B 13 3.95 -7.64 -19.90
N ILE B 14 5.20 -7.18 -19.99
CA ILE B 14 5.50 -5.82 -20.42
C ILE B 14 5.11 -5.63 -21.89
N ARG B 15 5.36 -6.65 -22.72
CA ARG B 15 5.00 -6.53 -24.12
C ARG B 15 3.49 -6.59 -24.31
N ASN B 16 2.79 -7.34 -23.46
CA ASN B 16 1.33 -7.35 -23.45
C ASN B 16 0.78 -5.96 -23.15
N LYS B 17 1.35 -5.27 -22.17
CA LYS B 17 0.77 -3.96 -21.85
C LYS B 17 1.23 -2.85 -22.81
N ILE B 18 2.41 -2.95 -23.44
CA ILE B 18 2.71 -1.94 -24.46
C ILE B 18 1.88 -2.18 -25.73
N ILE B 19 1.51 -3.43 -26.02
CA ILE B 19 0.66 -3.67 -27.17
C ILE B 19 -0.77 -3.24 -26.87
N PHE B 20 -1.21 -3.39 -25.62
CA PHE B 20 -2.53 -2.89 -25.24
C PHE B 20 -2.60 -1.37 -25.31
N THR B 21 -1.51 -0.70 -24.92
CA THR B 21 -1.48 0.75 -25.01
C THR B 21 -1.52 1.23 -26.46
N LEU B 22 -0.77 0.59 -27.35
CA LEU B 22 -0.82 0.97 -28.76
C LEU B 22 -2.18 0.67 -29.40
N LEU B 23 -2.86 -0.39 -28.95
CA LEU B 23 -4.19 -0.67 -29.47
C LEU B 23 -5.20 0.39 -29.03
N MET B 24 -5.15 0.80 -27.76
CA MET B 24 -6.10 1.82 -27.31
C MET B 24 -5.75 3.20 -27.88
N LEU B 25 -4.48 3.45 -28.22
CA LEU B 25 -4.16 4.69 -28.92
C LEU B 25 -4.66 4.68 -30.34
N ILE B 26 -4.64 3.51 -31.02
CA ILE B 26 -5.27 3.41 -32.34
C ILE B 26 -6.76 3.67 -32.24
N VAL B 27 -7.41 3.10 -31.20
CA VAL B 27 -8.84 3.30 -30.96
C VAL B 27 -9.16 4.78 -30.73
N PHE B 28 -8.29 5.48 -30.00
CA PHE B 28 -8.45 6.92 -29.84
C PHE B 28 -8.23 7.66 -31.16
N ARG B 29 -7.34 7.16 -32.01
CA ARG B 29 -6.98 7.90 -33.22
C ARG B 29 -7.93 7.65 -34.38
N ILE B 30 -8.78 6.62 -34.32
CA ILE B 30 -9.84 6.54 -35.33
C ILE B 30 -10.93 7.57 -35.04
N GLY B 31 -10.99 8.09 -33.83
CA GLY B 31 -12.05 9.02 -33.50
C GLY B 31 -11.81 10.44 -33.95
N THR B 32 -10.59 10.78 -34.34
CA THR B 32 -10.34 12.13 -34.82
C THR B 32 -10.85 12.35 -36.22
N PHE B 33 -11.25 11.29 -36.92
CA PHE B 33 -11.84 11.41 -38.25
C PHE B 33 -13.35 11.25 -38.22
N ILE B 34 -13.89 10.63 -37.19
CA ILE B 34 -15.33 10.48 -36.99
C ILE B 34 -15.91 11.86 -36.70
N PRO B 35 -16.66 12.46 -37.62
CA PRO B 35 -17.17 13.81 -37.36
C PRO B 35 -18.39 13.78 -36.46
N VAL B 36 -18.76 14.95 -35.99
CA VAL B 36 -19.99 15.09 -35.21
C VAL B 36 -21.17 15.04 -36.16
N PRO B 37 -22.20 14.24 -35.88
CA PRO B 37 -23.41 14.28 -36.70
C PRO B 37 -24.15 15.60 -36.50
N SER B 38 -24.96 15.94 -37.51
CA SER B 38 -25.72 17.16 -37.70
C SER B 38 -24.85 18.40 -37.90
N VAL B 39 -23.53 18.27 -38.00
CA VAL B 39 -22.71 19.43 -38.34
C VAL B 39 -22.18 19.24 -39.75
N ASN B 40 -22.17 17.99 -40.24
CA ASN B 40 -21.36 17.56 -41.39
C ASN B 40 -21.70 18.31 -42.69
N THR B 41 -22.91 18.85 -42.82
CA THR B 41 -23.34 19.52 -44.04
C THR B 41 -22.94 20.99 -43.98
N ASP B 42 -21.67 21.27 -44.27
CA ASP B 42 -21.17 22.63 -44.12
C ASP B 42 -19.95 22.86 -45.01
N VAL B 43 -19.22 23.92 -44.67
CA VAL B 43 -17.93 24.25 -45.29
C VAL B 43 -16.78 23.50 -44.64
N LEU B 44 -17.05 22.64 -43.65
CA LEU B 44 -15.99 21.83 -43.05
C LEU B 44 -15.41 20.85 -44.06
N LYS B 45 -16.23 20.38 -45.00
CA LYS B 45 -15.73 19.64 -46.14
C LYS B 45 -15.11 20.54 -47.20
N LEU B 46 -15.19 21.87 -47.04
CA LEU B 46 -14.63 22.81 -48.00
C LEU B 46 -13.51 23.66 -47.42
N GLN B 47 -13.46 23.84 -46.09
CA GLN B 47 -12.44 24.67 -45.46
C GLN B 47 -11.10 23.95 -45.52
N ASP B 48 -10.33 24.23 -46.56
CA ASP B 48 -9.00 23.65 -46.73
C ASP B 48 -7.96 24.73 -47.00
N CYS B 60 -9.94 32.16 -43.87
CA CYS B 60 -9.88 32.18 -42.41
C CYS B 60 -10.65 30.99 -41.83
N GLY B 61 -9.92 29.99 -41.36
CA GLY B 61 -10.52 28.78 -40.82
C GLY B 61 -9.72 28.23 -39.65
N GLY B 62 -10.16 27.07 -39.18
CA GLY B 62 -9.48 26.40 -38.07
C GLY B 62 -8.13 25.85 -38.43
N ALA B 63 -8.10 24.81 -39.27
CA ALA B 63 -6.95 24.25 -39.99
C ALA B 63 -5.94 23.50 -39.12
N LEU B 64 -6.07 23.66 -37.81
CA LEU B 64 -5.23 22.96 -36.86
C LEU B 64 -6.18 22.13 -36.01
N GLN B 65 -7.05 22.83 -35.30
CA GLN B 65 -8.02 22.19 -34.43
C GLN B 65 -9.00 21.35 -35.21
N ASN B 66 -9.45 21.88 -36.35
CA ASN B 66 -10.39 21.20 -37.23
C ASN B 66 -11.64 20.85 -36.45
N PHE B 67 -12.09 19.61 -36.59
CA PHE B 67 -13.25 19.14 -35.83
C PHE B 67 -13.29 17.62 -35.72
N SER B 68 -14.00 17.14 -34.71
CA SER B 68 -14.20 15.72 -34.50
C SER B 68 -14.88 15.38 -33.19
N ILE B 69 -15.23 14.11 -33.02
CA ILE B 69 -15.38 13.53 -31.69
C ILE B 69 -14.04 13.70 -30.98
N PHE B 70 -14.09 13.97 -29.66
CA PHE B 70 -12.92 14.36 -28.84
C PHE B 70 -12.35 15.68 -29.35
N ALA B 71 -13.22 16.62 -29.70
CA ALA B 71 -12.78 17.99 -29.89
C ALA B 71 -12.43 18.61 -28.56
N MET B 72 -13.10 18.18 -27.50
CA MET B 72 -12.74 18.62 -26.16
C MET B 72 -11.39 18.07 -25.74
N GLY B 73 -11.01 16.90 -26.26
CA GLY B 73 -9.89 16.20 -25.70
C GLY B 73 -10.23 15.72 -24.32
N VAL B 74 -9.27 15.81 -23.41
CA VAL B 74 -9.51 15.52 -22.00
C VAL B 74 -9.52 16.82 -21.20
N MET B 75 -9.56 17.96 -21.89
CA MET B 75 -9.51 19.26 -21.24
C MET B 75 -10.66 19.56 -20.26
N PRO B 76 -11.89 19.07 -20.44
CA PRO B 76 -12.84 19.15 -19.32
C PRO B 76 -12.39 18.42 -18.07
N TYR B 77 -11.70 17.28 -18.21
CA TYR B 77 -11.23 16.56 -17.03
C TYR B 77 -10.07 17.29 -16.35
N ILE B 78 -9.21 17.93 -17.15
CA ILE B 78 -8.14 18.76 -16.61
C ILE B 78 -8.71 19.94 -15.84
N THR B 79 -9.71 20.62 -16.42
CA THR B 79 -10.30 21.78 -15.75
C THR B 79 -11.06 21.36 -14.50
N ALA B 80 -11.76 20.23 -14.54
CA ALA B 80 -12.45 19.73 -13.37
C ALA B 80 -11.47 19.41 -12.24
N SER B 81 -10.33 18.79 -12.59
CA SER B 81 -9.35 18.41 -11.57
C SER B 81 -8.69 19.63 -10.95
N ILE B 82 -8.31 20.62 -11.76
CA ILE B 82 -7.65 21.79 -11.19
C ILE B 82 -8.64 22.64 -10.39
N ILE B 83 -9.92 22.66 -10.79
CA ILE B 83 -10.90 23.44 -10.05
C ILE B 83 -11.20 22.81 -8.70
N VAL B 84 -11.41 21.48 -8.67
CA VAL B 84 -11.69 20.85 -7.38
C VAL B 84 -10.44 20.82 -6.48
N GLN B 85 -9.24 20.88 -7.06
CA GLN B 85 -8.04 20.97 -6.24
C GLN B 85 -7.91 22.34 -5.62
N LEU B 86 -8.29 23.39 -6.36
CA LEU B 86 -8.32 24.71 -5.73
C LEU B 86 -9.49 24.86 -4.76
N LEU B 87 -10.55 24.08 -4.91
CA LEU B 87 -11.64 24.13 -3.94
C LEU B 87 -11.36 23.33 -2.68
N GLN B 88 -10.43 22.37 -2.73
CA GLN B 88 -10.06 21.64 -1.51
C GLN B 88 -9.40 22.53 -0.47
N MET B 89 -8.77 23.62 -0.91
CA MET B 89 -7.98 24.47 -0.02
C MET B 89 -8.88 25.50 0.65
N ASP B 90 -9.72 24.99 1.57
CA ASP B 90 -10.51 25.78 2.52
C ASP B 90 -11.51 26.71 1.83
N VAL B 91 -12.14 26.23 0.77
CA VAL B 91 -13.15 26.99 0.04
C VAL B 91 -14.52 26.34 0.12
N VAL B 92 -14.60 25.06 -0.21
CA VAL B 92 -15.71 24.23 0.21
C VAL B 92 -15.18 23.33 1.32
N PRO B 93 -15.64 23.49 2.58
CA PRO B 93 -15.05 22.71 3.67
C PRO B 93 -15.42 21.23 3.63
N LYS B 94 -16.51 20.88 2.93
CA LYS B 94 -16.86 19.48 2.73
C LYS B 94 -15.75 18.73 2.00
N PHE B 95 -15.15 19.36 1.00
CA PHE B 95 -14.03 18.76 0.29
C PHE B 95 -12.79 18.64 1.15
N ALA B 96 -12.60 19.59 2.07
CA ALA B 96 -11.47 19.51 2.99
C ALA B 96 -11.62 18.32 3.94
N GLU B 97 -12.83 18.10 4.48
CA GLU B 97 -13.06 16.92 5.30
C GLU B 97 -12.96 15.62 4.50
N TRP B 98 -13.38 15.64 3.25
CA TRP B 98 -13.26 14.45 2.40
C TRP B 98 -11.81 14.14 2.10
N SER B 99 -10.98 15.18 1.97
CA SER B 99 -9.55 14.97 1.77
C SER B 99 -8.89 14.46 3.04
N LYS B 100 -9.30 15.00 4.19
CA LYS B 100 -8.69 14.62 5.47
C LYS B 100 -9.17 13.27 5.96
N GLN B 101 -10.26 12.72 5.42
CA GLN B 101 -10.77 11.47 5.98
C GLN B 101 -10.03 10.24 5.44
N GLY B 102 -9.51 10.28 4.21
CA GLY B 102 -8.83 9.10 3.71
C GLY B 102 -9.26 8.63 2.32
N GLU B 103 -9.05 7.34 2.04
CA GLU B 103 -9.19 6.83 0.68
C GLU B 103 -10.65 6.77 0.23
N MET B 104 -11.58 6.59 1.17
CA MET B 104 -13.00 6.68 0.82
C MET B 104 -13.35 8.09 0.37
N GLY B 105 -12.75 9.09 1.02
CA GLY B 105 -12.86 10.46 0.55
C GLY B 105 -12.18 10.69 -0.79
N ARG B 106 -11.13 9.92 -1.08
CA ARG B 106 -10.50 10.03 -2.40
C ARG B 106 -11.40 9.46 -3.48
N ARG B 107 -12.14 8.39 -3.17
CA ARG B 107 -13.11 7.87 -4.13
C ARG B 107 -14.28 8.84 -4.30
N LYS B 108 -14.68 9.51 -3.21
CA LYS B 108 -15.71 10.53 -3.29
C LYS B 108 -15.29 11.70 -4.17
N LEU B 109 -14.03 12.11 -4.03
CA LEU B 109 -13.52 13.21 -4.83
C LEU B 109 -13.32 12.81 -6.29
N ALA B 110 -12.97 11.56 -6.55
CA ALA B 110 -12.86 11.10 -7.95
C ALA B 110 -14.24 11.06 -8.62
N GLN B 111 -15.26 10.58 -7.92
CA GLN B 111 -16.60 10.60 -8.50
C GLN B 111 -17.13 12.02 -8.65
N PHE B 112 -16.72 12.94 -7.75
CA PHE B 112 -17.08 14.33 -7.94
C PHE B 112 -16.40 14.91 -9.17
N THR B 113 -15.15 14.50 -9.45
CA THR B 113 -14.51 14.98 -10.66
C THR B 113 -15.19 14.43 -11.89
N ARG B 114 -15.73 13.21 -11.83
CA ARG B 114 -16.42 12.67 -12.98
C ARG B 114 -17.74 13.41 -13.27
N TYR B 115 -18.50 13.73 -12.22
CA TYR B 115 -19.73 14.46 -12.50
C TYR B 115 -19.48 15.94 -12.81
N PHE B 116 -18.48 16.55 -12.17
CA PHE B 116 -18.03 17.89 -12.53
C PHE B 116 -17.54 17.94 -13.97
N THR B 117 -16.82 16.92 -14.44
CA THR B 117 -16.35 17.03 -15.81
C THR B 117 -17.44 16.71 -16.82
N ILE B 118 -18.50 15.99 -16.43
CA ILE B 118 -19.62 15.87 -17.37
C ILE B 118 -20.35 17.21 -17.48
N VAL B 119 -20.53 17.90 -16.34
CA VAL B 119 -21.12 19.25 -16.34
C VAL B 119 -20.28 20.21 -17.17
N LEU B 120 -18.97 20.16 -16.99
CA LEU B 120 -18.10 21.11 -17.65
C LEU B 120 -17.96 20.79 -19.12
N GLY B 121 -17.89 19.51 -19.48
CA GLY B 121 -17.86 19.14 -20.87
C GLY B 121 -19.11 19.55 -21.60
N PHE B 122 -20.26 19.50 -20.92
CA PHE B 122 -21.50 20.01 -21.49
C PHE B 122 -21.42 21.50 -21.79
N ILE B 123 -21.04 22.32 -20.79
CA ILE B 123 -21.13 23.76 -21.03
C ILE B 123 -20.00 24.25 -21.95
N GLN B 124 -18.82 23.60 -21.93
CA GLN B 124 -17.80 23.95 -22.91
C GLN B 124 -18.13 23.43 -24.29
N ALA B 125 -18.95 22.38 -24.39
CA ALA B 125 -19.35 21.93 -25.71
C ALA B 125 -20.31 22.91 -26.36
N LEU B 126 -21.25 23.45 -25.56
CA LEU B 126 -22.05 24.60 -25.99
C LEU B 126 -21.18 25.78 -26.44
N GLY B 127 -20.20 26.14 -25.61
CA GLY B 127 -19.36 27.29 -25.91
C GLY B 127 -18.53 27.11 -27.16
N MET B 128 -17.88 25.95 -27.31
CA MET B 128 -17.02 25.71 -28.46
C MET B 128 -17.84 25.54 -29.74
N SER B 129 -19.04 24.95 -29.66
CA SER B 129 -19.87 24.81 -30.85
C SER B 129 -20.33 26.17 -31.36
N TYR B 130 -20.82 27.03 -30.45
CA TYR B 130 -21.24 28.36 -30.91
C TYR B 130 -20.04 29.22 -31.32
N GLY B 131 -18.88 28.99 -30.71
CA GLY B 131 -17.72 29.78 -31.08
C GLY B 131 -17.15 29.38 -32.43
N PHE B 132 -17.18 28.09 -32.76
CA PHE B 132 -16.73 27.69 -34.08
C PHE B 132 -17.77 28.05 -35.13
N ASN B 133 -19.05 28.13 -34.73
CA ASN B 133 -20.06 28.69 -35.64
C ASN B 133 -19.78 30.15 -35.94
N ASN B 134 -19.40 30.93 -34.92
CA ASN B 134 -19.15 32.34 -35.15
C ASN B 134 -17.83 32.58 -35.88
N LEU B 135 -16.82 31.72 -35.63
CA LEU B 135 -15.59 31.75 -36.43
C LEU B 135 -15.88 31.45 -37.89
N ALA B 136 -16.74 30.45 -38.15
CA ALA B 136 -17.17 30.13 -39.51
C ALA B 136 -18.15 31.14 -40.06
N GLY B 137 -18.67 32.05 -39.24
CA GLY B 137 -19.60 33.05 -39.70
C GLY B 137 -21.04 32.61 -39.68
N GLY B 138 -21.38 31.61 -38.87
CA GLY B 138 -22.72 31.07 -38.88
C GLY B 138 -22.90 29.82 -39.71
N MET B 139 -22.45 29.84 -40.98
CA MET B 139 -22.76 28.77 -41.92
C MET B 139 -21.86 27.56 -41.71
N LEU B 140 -22.02 26.92 -40.55
CA LEU B 140 -21.38 25.65 -40.27
C LEU B 140 -22.30 24.63 -39.64
N ILE B 141 -23.44 25.03 -39.09
CA ILE B 141 -24.45 24.12 -38.58
C ILE B 141 -25.76 24.50 -39.26
N GLN B 142 -26.24 23.64 -40.15
CA GLN B 142 -27.53 23.88 -40.78
C GLN B 142 -28.64 23.74 -39.74
N ASN B 143 -29.67 24.58 -39.88
CA ASN B 143 -30.72 24.82 -38.89
C ASN B 143 -30.11 25.09 -37.51
N PRO B 144 -29.55 26.28 -37.26
CA PRO B 144 -29.04 26.55 -35.90
C PRO B 144 -30.15 26.68 -34.89
N GLY B 145 -30.34 25.63 -34.09
CA GLY B 145 -31.45 25.56 -33.16
C GLY B 145 -31.03 24.88 -31.88
N ILE B 146 -31.99 24.80 -30.95
CA ILE B 146 -31.68 24.34 -29.60
C ILE B 146 -31.46 22.83 -29.58
N GLY B 147 -32.24 22.09 -30.37
CA GLY B 147 -32.15 20.64 -30.35
C GLY B 147 -30.86 20.11 -30.94
N THR B 148 -30.42 20.67 -32.06
CA THR B 148 -29.18 20.22 -32.67
C THR B 148 -27.95 20.62 -31.86
N TYR B 149 -27.98 21.80 -31.24
CA TYR B 149 -26.85 22.24 -30.42
C TYR B 149 -26.77 21.42 -29.15
N LEU B 150 -27.92 21.07 -28.57
CA LEU B 150 -27.92 20.15 -27.44
C LEU B 150 -27.48 18.75 -27.86
N LEU B 151 -27.79 18.35 -29.09
CA LEU B 151 -27.35 17.05 -29.59
C LEU B 151 -25.82 17.00 -29.71
N ILE B 152 -25.22 18.03 -30.31
CA ILE B 152 -23.78 18.02 -30.46
C ILE B 152 -23.06 18.30 -29.14
N ALA B 153 -23.72 18.94 -28.18
CA ALA B 153 -23.12 19.07 -26.86
C ALA B 153 -23.09 17.74 -26.12
N VAL B 154 -24.18 16.96 -26.19
CA VAL B 154 -24.17 15.63 -25.59
C VAL B 154 -23.19 14.73 -26.34
N VAL B 155 -23.01 14.97 -27.64
CA VAL B 155 -22.04 14.19 -28.41
C VAL B 155 -20.60 14.48 -27.98
N LEU B 156 -20.25 15.75 -27.77
CA LEU B 156 -18.89 16.08 -27.34
C LEU B 156 -18.64 15.65 -25.90
N THR B 157 -19.65 15.73 -25.03
CA THR B 157 -19.45 15.24 -23.68
C THR B 157 -19.38 13.72 -23.65
N ALA B 158 -20.04 13.04 -24.60
CA ALA B 158 -19.84 11.60 -24.76
C ALA B 158 -18.44 11.29 -25.24
N GLY B 159 -17.87 12.15 -26.08
CA GLY B 159 -16.48 11.98 -26.49
C GLY B 159 -15.52 12.09 -25.32
N THR B 160 -15.72 13.09 -24.47
CA THR B 160 -14.89 13.24 -23.28
C THR B 160 -15.09 12.08 -22.30
N ALA B 161 -16.31 11.55 -22.21
CA ALA B 161 -16.56 10.42 -21.32
C ALA B 161 -15.87 9.15 -21.83
N PHE B 162 -15.92 8.92 -23.14
CA PHE B 162 -15.21 7.78 -23.70
C PHE B 162 -13.71 7.93 -23.57
N LEU B 163 -13.19 9.15 -23.70
CA LEU B 163 -11.75 9.34 -23.55
C LEU B 163 -11.29 9.17 -22.13
N MET B 164 -12.11 9.57 -21.15
CA MET B 164 -11.73 9.36 -19.76
C MET B 164 -11.82 7.89 -19.38
N TRP B 165 -12.84 7.18 -19.87
CA TRP B 165 -12.90 5.74 -19.62
C TRP B 165 -11.75 5.03 -20.30
N LEU B 166 -11.36 5.51 -21.49
CA LEU B 166 -10.20 4.97 -22.19
C LEU B 166 -8.92 5.20 -21.40
N GLY B 167 -8.80 6.37 -20.79
CA GLY B 167 -7.63 6.65 -19.97
C GLY B 167 -7.57 5.78 -18.72
N GLU B 168 -8.72 5.55 -18.09
CA GLU B 168 -8.75 4.62 -16.96
C GLU B 168 -8.42 3.19 -17.39
N GLN B 169 -8.87 2.80 -18.59
CA GLN B 169 -8.55 1.48 -19.13
C GLN B 169 -7.06 1.32 -19.36
N ILE B 170 -6.44 2.29 -20.01
CA ILE B 170 -5.02 2.21 -20.32
C ILE B 170 -4.15 2.50 -19.09
N THR B 171 -4.69 3.06 -18.02
CA THR B 171 -3.87 3.10 -16.80
C THR B 171 -4.07 1.89 -15.91
N ALA B 172 -5.15 1.13 -16.11
CA ALA B 172 -5.29 -0.10 -15.34
C ALA B 172 -4.55 -1.24 -16.01
N LYS B 173 -4.60 -1.33 -17.34
CA LYS B 173 -4.08 -2.48 -18.05
C LYS B 173 -2.96 -2.15 -19.04
N GLY B 174 -2.53 -0.90 -19.15
CA GLY B 174 -1.47 -0.53 -20.08
C GLY B 174 -0.24 -0.02 -19.38
N VAL B 175 0.49 0.92 -19.97
CA VAL B 175 1.81 1.24 -19.44
C VAL B 175 1.74 2.17 -18.23
N GLY B 176 1.25 3.38 -18.38
CA GLY B 176 1.42 4.40 -17.38
C GLY B 176 0.11 5.04 -17.03
N ASN B 177 0.19 6.30 -16.60
CA ASN B 177 -1.00 7.09 -16.35
C ASN B 177 -1.72 7.33 -17.67
N GLY B 178 -3.03 7.17 -17.66
CA GLY B 178 -3.76 7.15 -18.92
C GLY B 178 -4.01 8.50 -19.55
N ILE B 179 -4.44 9.44 -18.71
CA ILE B 179 -4.77 10.78 -19.18
C ILE B 179 -3.54 11.47 -19.74
N SER B 180 -2.38 11.24 -19.11
CA SER B 180 -1.14 11.81 -19.62
C SER B 180 -0.73 11.19 -20.93
N ILE B 181 -0.99 9.89 -21.12
CA ILE B 181 -0.68 9.23 -22.37
C ILE B 181 -1.58 9.74 -23.49
N ILE B 182 -2.84 10.03 -23.18
CA ILE B 182 -3.75 10.52 -24.21
C ILE B 182 -3.44 11.98 -24.58
N ILE B 183 -3.08 12.81 -23.60
CA ILE B 183 -2.65 14.18 -23.89
C ILE B 183 -1.38 14.20 -24.73
N PHE B 184 -0.42 13.35 -24.36
CA PHE B 184 0.80 13.18 -25.13
C PHE B 184 0.52 12.67 -26.53
N ALA B 185 -0.50 11.83 -26.68
CA ALA B 185 -0.86 11.30 -27.99
C ALA B 185 -1.45 12.39 -28.87
N GLY B 186 -2.23 13.30 -28.28
CA GLY B 186 -2.73 14.44 -29.04
C GLY B 186 -1.62 15.35 -29.55
N ILE B 187 -0.62 15.63 -28.70
CA ILE B 187 0.48 16.49 -29.12
C ILE B 187 1.33 15.83 -30.21
N VAL B 188 1.77 14.59 -29.99
CA VAL B 188 2.65 13.99 -30.98
C VAL B 188 1.90 13.59 -32.25
N SER B 189 0.57 13.46 -32.18
CA SER B 189 -0.21 13.31 -33.40
C SER B 189 -0.31 14.62 -34.16
N GLY B 190 -0.28 15.75 -33.44
CA GLY B 190 -0.20 17.01 -34.15
C GLY B 190 1.13 17.27 -34.83
N ILE B 191 2.18 16.59 -34.36
CA ILE B 191 3.53 16.82 -34.93
C ILE B 191 3.67 16.59 -36.45
N PRO B 192 3.22 15.45 -37.04
CA PRO B 192 3.57 15.20 -38.46
C PRO B 192 2.97 16.18 -39.47
N THR B 193 1.82 16.79 -39.19
CA THR B 193 1.34 17.85 -40.07
C THR B 193 2.25 19.07 -40.03
N ILE B 194 2.82 19.37 -38.86
CA ILE B 194 3.78 20.47 -38.76
C ILE B 194 5.05 20.14 -39.53
N LEU B 195 5.48 18.87 -39.48
CA LEU B 195 6.63 18.46 -40.29
C LEU B 195 6.32 18.56 -41.77
N ASN B 196 5.07 18.28 -42.15
CA ASN B 196 4.65 18.42 -43.55
C ASN B 196 4.69 19.87 -44.01
N GLN B 197 4.24 20.81 -43.16
CA GLN B 197 4.30 22.22 -43.52
C GLN B 197 5.74 22.73 -43.57
N ILE B 198 6.59 22.23 -42.67
CA ILE B 198 7.99 22.61 -42.66
C ILE B 198 8.69 22.14 -43.93
N TYR B 199 8.38 20.93 -44.39
CA TYR B 199 8.98 20.45 -45.64
C TYR B 199 8.43 21.20 -46.85
N ALA B 200 7.09 21.33 -46.93
CA ALA B 200 6.46 22.00 -48.07
C ALA B 200 6.75 23.50 -48.12
N GLN B 201 7.29 24.08 -47.06
CA GLN B 201 7.95 25.37 -47.18
C GLN B 201 9.15 25.28 -48.13
N THR B 202 10.05 24.33 -47.87
CA THR B 202 11.26 24.18 -48.66
C THR B 202 11.02 23.22 -49.83
N LEU B 212 14.95 29.04 -45.31
CA LEU B 212 14.73 28.29 -46.53
C LEU B 212 16.10 27.81 -47.03
N ASN B 213 16.72 26.94 -46.24
CA ASN B 213 17.99 26.32 -46.62
C ASN B 213 18.10 25.03 -45.82
N ILE B 214 19.31 24.46 -45.79
CA ILE B 214 19.57 23.35 -44.88
C ILE B 214 20.16 23.86 -43.57
N VAL B 215 20.81 25.03 -43.57
CA VAL B 215 21.47 25.49 -42.34
C VAL B 215 20.44 26.01 -41.34
N ARG B 216 19.28 26.47 -41.82
CA ARG B 216 18.24 26.95 -40.92
C ARG B 216 17.61 25.78 -40.17
N LEU B 217 17.37 24.67 -40.88
CA LEU B 217 16.83 23.47 -40.24
C LEU B 217 17.82 22.88 -39.24
N LEU B 218 19.11 22.88 -39.56
CA LEU B 218 20.09 22.32 -38.64
C LEU B 218 20.26 23.18 -37.40
N LEU B 219 20.26 24.51 -37.55
CA LEU B 219 20.36 25.36 -36.37
C LEU B 219 19.12 25.28 -35.50
N VAL B 220 17.93 25.23 -36.12
CA VAL B 220 16.73 25.15 -35.30
C VAL B 220 16.56 23.75 -34.69
N ALA B 221 17.08 22.70 -35.34
CA ALA B 221 16.96 21.37 -34.76
C ALA B 221 17.98 21.13 -33.66
N LEU B 222 19.17 21.70 -33.79
CA LEU B 222 20.12 21.64 -32.68
C LEU B 222 19.65 22.48 -31.51
N ALA B 223 18.94 23.59 -31.76
CA ALA B 223 18.36 24.34 -30.65
C ALA B 223 17.19 23.60 -30.01
N VAL B 224 16.44 22.82 -30.79
CA VAL B 224 15.36 22.01 -30.23
C VAL B 224 15.92 20.89 -29.34
N VAL B 225 16.99 20.22 -29.78
CA VAL B 225 17.58 19.19 -28.93
C VAL B 225 18.29 19.80 -27.71
N ALA B 226 18.82 21.01 -27.84
CA ALA B 226 19.42 21.69 -26.70
C ALA B 226 18.37 22.06 -25.65
N VAL B 227 17.20 22.53 -26.10
CA VAL B 227 16.18 22.86 -25.12
C VAL B 227 15.51 21.60 -24.57
N ILE B 228 15.58 20.48 -25.29
CA ILE B 228 15.11 19.22 -24.72
C ILE B 228 16.03 18.77 -23.58
N VAL B 229 17.34 18.92 -23.78
CA VAL B 229 18.30 18.63 -22.70
C VAL B 229 18.13 19.57 -21.52
N GLY B 230 17.80 20.84 -21.76
CA GLY B 230 17.54 21.74 -20.65
C GLY B 230 16.30 21.38 -19.86
N VAL B 231 15.25 20.93 -20.55
CA VAL B 231 14.02 20.51 -19.88
C VAL B 231 14.25 19.23 -19.07
N ILE B 232 15.06 18.30 -19.59
CA ILE B 232 15.41 17.09 -18.83
C ILE B 232 16.21 17.47 -17.58
N TYR B 233 17.09 18.46 -17.71
CA TYR B 233 17.93 18.88 -16.60
C TYR B 233 17.13 19.53 -15.47
N ILE B 234 16.18 20.39 -15.81
CA ILE B 234 15.44 21.07 -14.75
C ILE B 234 14.30 20.21 -14.22
N GLN B 235 13.73 19.35 -15.06
CA GLN B 235 12.59 18.54 -14.62
C GLN B 235 13.00 17.45 -13.66
N GLN B 236 14.21 16.93 -13.76
CA GLN B 236 14.68 15.79 -12.98
C GLN B 236 15.69 16.19 -11.91
N ALA B 237 15.46 17.32 -11.25
CA ALA B 237 16.36 17.82 -10.23
C ALA B 237 15.60 18.03 -8.93
N PHE B 238 16.08 17.41 -7.85
CA PHE B 238 15.42 17.43 -6.56
C PHE B 238 16.34 18.04 -5.52
N ARG B 239 15.85 19.00 -4.77
CA ARG B 239 16.54 19.42 -3.56
C ARG B 239 16.09 18.49 -2.45
N LYS B 240 17.00 17.73 -1.89
CA LYS B 240 16.66 16.64 -0.98
C LYS B 240 16.93 17.10 0.44
N ILE B 241 15.89 17.48 1.16
CA ILE B 241 16.06 17.85 2.56
C ILE B 241 16.25 16.58 3.38
N PRO B 242 17.20 16.51 4.30
CA PRO B 242 17.33 15.31 5.11
C PRO B 242 16.31 15.29 6.24
N ILE B 243 15.75 14.11 6.49
CA ILE B 243 14.69 13.94 7.49
C ILE B 243 15.15 12.84 8.42
N GLN B 244 15.07 13.09 9.72
CA GLN B 244 15.48 12.13 10.73
C GLN B 244 14.26 11.69 11.52
N TYR B 245 13.93 10.42 11.43
CA TYR B 245 12.85 9.85 12.21
C TYR B 245 13.43 9.30 13.50
N ALA B 246 12.99 9.84 14.62
CA ALA B 246 13.43 9.36 15.92
C ALA B 246 12.41 8.44 16.55
N LYS B 247 11.70 7.65 15.75
CA LYS B 247 10.77 6.67 16.25
C LYS B 247 11.28 5.25 16.09
N ARG B 248 12.46 5.06 15.50
CA ARG B 248 13.06 3.73 15.47
C ARG B 248 14.53 3.83 15.81
N LEU B 249 15.07 2.70 16.28
CA LEU B 249 16.34 2.67 17.00
C LEU B 249 17.51 3.12 16.13
N GLU B 250 17.53 2.68 14.86
CA GLU B 250 18.64 2.85 13.92
C GLU B 250 19.94 2.30 14.50
N GLY B 251 19.88 1.05 14.93
CA GLY B 251 20.99 0.49 15.69
C GLY B 251 21.74 -0.65 15.04
N ARG B 252 23.00 -0.37 14.71
CA ARG B 252 24.05 -1.31 14.35
C ARG B 252 23.82 -2.06 13.05
N ASN B 253 22.84 -1.63 12.25
CA ASN B 253 22.75 -2.07 10.85
C ASN B 253 22.72 -0.92 9.82
N PRO B 254 23.67 0.11 9.90
CA PRO B 254 23.66 1.14 8.83
C PRO B 254 24.67 0.94 7.70
N VAL B 255 24.31 1.33 6.49
CA VAL B 255 25.32 1.52 5.44
C VAL B 255 25.57 3.00 5.18
N GLY B 256 24.51 3.76 4.89
CA GLY B 256 24.62 5.18 4.70
C GLY B 256 24.34 5.69 3.30
N GLY B 257 23.87 4.84 2.40
CA GLY B 257 23.59 5.26 1.04
C GLY B 257 22.22 5.86 0.83
N HIS B 258 21.17 5.09 1.16
CA HIS B 258 19.79 5.48 0.86
C HIS B 258 19.10 6.00 2.12
N SER B 259 19.59 7.13 2.63
CA SER B 259 18.98 7.74 3.80
C SER B 259 17.65 8.39 3.43
N THR B 260 16.80 8.58 4.44
CA THR B 260 15.49 9.16 4.19
C THR B 260 15.60 10.65 3.98
N HIS B 261 14.83 11.16 3.04
CA HIS B 261 14.89 12.56 2.67
C HIS B 261 13.51 12.98 2.18
N LEU B 262 13.36 14.26 1.97
CA LEU B 262 12.14 14.85 1.43
C LEU B 262 12.53 15.58 0.16
N PRO B 263 12.21 15.07 -0.98
CA PRO B 263 12.65 15.75 -2.20
C PRO B 263 11.67 16.82 -2.61
N LEU B 264 12.15 18.03 -2.87
CA LEU B 264 11.34 19.06 -3.50
C LEU B 264 11.84 19.23 -4.91
N LYS B 265 10.94 19.43 -5.86
CA LYS B 265 11.43 19.64 -7.21
C LYS B 265 11.88 21.07 -7.39
N VAL B 266 12.63 21.32 -8.46
CA VAL B 266 12.98 22.69 -8.81
C VAL B 266 11.77 23.40 -9.43
N ASN B 267 10.98 22.68 -10.20
CA ASN B 267 9.73 23.18 -10.74
C ASN B 267 8.55 22.49 -10.08
N PRO B 268 8.10 22.92 -8.92
CA PRO B 268 7.11 22.15 -8.17
C PRO B 268 5.72 22.27 -8.76
N ALA B 269 5.45 23.41 -9.39
CA ALA B 269 4.10 23.75 -9.79
C ALA B 269 3.62 22.94 -10.98
N GLY B 270 4.52 22.53 -11.85
CA GLY B 270 4.11 21.74 -12.98
C GLY B 270 4.06 22.58 -14.23
N VAL B 271 2.89 22.70 -14.83
CA VAL B 271 2.75 23.49 -16.04
C VAL B 271 1.49 24.35 -15.95
N ILE B 272 0.68 24.10 -14.94
CA ILE B 272 -0.51 24.86 -14.52
C ILE B 272 -0.29 26.37 -14.34
N PRO B 273 0.91 26.88 -14.01
CA PRO B 273 1.13 28.32 -14.15
C PRO B 273 0.83 28.90 -15.52
N VAL B 274 1.04 28.14 -16.58
CA VAL B 274 0.74 28.66 -17.90
C VAL B 274 -0.76 28.71 -18.15
N ILE B 275 -1.57 27.81 -17.54
CA ILE B 275 -3.03 27.90 -17.74
C ILE B 275 -3.59 29.10 -17.00
N PHE B 276 -3.05 29.39 -15.81
CA PHE B 276 -3.52 30.59 -15.14
C PHE B 276 -3.03 31.85 -15.84
N ALA B 277 -1.85 31.81 -16.46
CA ALA B 277 -1.34 32.98 -17.15
C ALA B 277 -2.05 33.25 -18.46
N VAL B 278 -2.38 32.22 -19.24
CA VAL B 278 -3.13 32.48 -20.45
C VAL B 278 -4.57 32.83 -20.15
N SER B 279 -5.14 32.35 -19.02
CA SER B 279 -6.46 32.79 -18.62
C SER B 279 -6.48 34.27 -18.31
N PHE B 280 -5.60 34.72 -17.43
CA PHE B 280 -5.52 36.13 -17.08
C PHE B 280 -5.02 36.99 -18.23
N LEU B 281 -4.43 36.39 -19.27
CA LEU B 281 -4.00 37.18 -20.41
C LEU B 281 -5.10 37.36 -21.45
N ILE B 282 -5.87 36.30 -21.76
CA ILE B 282 -6.82 36.38 -22.85
C ILE B 282 -8.25 36.55 -22.37
N ALA B 283 -8.48 36.67 -21.06
CA ALA B 283 -9.82 37.05 -20.65
C ALA B 283 -10.22 38.49 -20.98
N PRO B 284 -9.37 39.53 -20.85
CA PRO B 284 -9.82 40.87 -21.23
C PRO B 284 -10.04 41.08 -22.73
N PRO B 285 -9.28 40.46 -23.66
CA PRO B 285 -9.74 40.52 -25.06
C PRO B 285 -11.06 39.81 -25.31
N THR B 286 -11.35 38.74 -24.57
CA THR B 286 -12.64 38.08 -24.70
C THR B 286 -13.77 38.96 -24.19
N ILE B 287 -13.56 39.68 -23.08
CA ILE B 287 -14.56 40.61 -22.57
C ILE B 287 -14.76 41.77 -23.54
N ALA B 288 -13.65 42.32 -24.06
CA ALA B 288 -13.73 43.47 -24.95
C ALA B 288 -14.35 43.11 -26.31
N SER B 289 -14.22 41.86 -26.75
CA SER B 289 -14.89 41.44 -27.96
C SER B 289 -16.33 40.99 -27.70
N PHE B 290 -16.62 40.56 -26.47
CA PHE B 290 -17.99 40.33 -26.04
C PHE B 290 -18.78 41.63 -26.09
N PHE B 291 -18.13 42.75 -25.78
CA PHE B 291 -18.80 44.03 -25.94
C PHE B 291 -18.94 44.42 -27.40
N GLY B 292 -17.82 44.49 -28.12
CA GLY B 292 -17.81 44.90 -29.51
C GLY B 292 -16.69 45.86 -29.80
N THR B 293 -16.57 46.21 -31.09
CA THR B 293 -15.45 46.98 -31.58
C THR B 293 -15.50 48.43 -31.10
N ASN B 294 -14.35 48.97 -30.73
CA ASN B 294 -14.24 50.32 -30.18
C ASN B 294 -12.80 50.77 -30.38
N ASP B 295 -12.40 51.82 -29.66
CA ASP B 295 -11.03 52.32 -29.70
C ASP B 295 -10.20 51.77 -28.53
N VAL B 296 -10.76 51.80 -27.33
CA VAL B 296 -10.08 51.19 -26.18
C VAL B 296 -10.12 49.67 -26.30
N THR B 297 -11.15 49.13 -26.97
CA THR B 297 -11.17 47.71 -27.32
C THR B 297 -10.02 47.35 -28.25
N LEU B 298 -9.75 48.19 -29.25
CA LEU B 298 -8.61 47.93 -30.14
C LEU B 298 -7.28 48.09 -29.40
N TRP B 299 -7.20 49.03 -28.46
CA TRP B 299 -5.99 49.16 -27.66
C TRP B 299 -5.76 47.94 -26.76
N ILE B 300 -6.84 47.41 -26.18
CA ILE B 300 -6.74 46.21 -25.35
C ILE B 300 -6.31 45.02 -26.19
N ARG B 301 -6.94 44.85 -27.37
CA ARG B 301 -6.62 43.70 -28.21
C ARG B 301 -5.23 43.80 -28.82
N ARG B 302 -4.69 45.01 -28.97
CA ARG B 302 -3.30 45.14 -29.39
C ARG B 302 -2.33 44.96 -28.23
N THR B 303 -2.73 45.37 -27.03
CA THR B 303 -1.83 45.36 -25.88
C THR B 303 -1.66 43.96 -25.31
N PHE B 304 -2.73 43.20 -25.20
CA PHE B 304 -2.71 41.89 -24.56
C PHE B 304 -2.42 40.76 -25.52
N ASP B 305 -1.75 41.03 -26.63
CA ASP B 305 -1.23 39.99 -27.51
C ASP B 305 0.21 39.72 -27.11
N TYR B 306 0.53 38.45 -26.83
CA TYR B 306 1.83 38.14 -26.26
C TYR B 306 2.91 37.92 -27.32
N THR B 307 2.62 38.19 -28.58
CA THR B 307 3.67 38.31 -29.58
C THR B 307 4.28 39.71 -29.63
N HIS B 308 3.80 40.62 -28.77
CA HIS B 308 4.23 41.99 -28.64
C HIS B 308 4.91 42.20 -27.29
N PRO B 309 5.87 43.14 -27.19
CA PRO B 309 6.69 43.21 -25.97
C PRO B 309 5.96 43.61 -24.70
N VAL B 310 4.95 44.46 -24.77
CA VAL B 310 4.17 44.77 -23.58
C VAL B 310 3.32 43.58 -23.15
N GLY B 311 2.70 42.91 -24.12
CA GLY B 311 1.96 41.70 -23.82
C GLY B 311 2.84 40.55 -23.38
N MET B 312 4.05 40.46 -23.93
CA MET B 312 4.94 39.38 -23.51
C MET B 312 5.52 39.66 -22.13
N THR B 313 5.73 40.92 -21.79
CA THR B 313 6.16 41.26 -20.44
C THR B 313 5.09 40.94 -19.42
N ILE B 314 3.82 41.25 -19.73
CA ILE B 314 2.77 40.91 -18.77
C ILE B 314 2.51 39.40 -18.75
N TYR B 315 2.80 38.69 -19.84
CA TYR B 315 2.71 37.24 -19.84
C TYR B 315 3.77 36.61 -18.94
N VAL B 316 5.00 37.11 -19.03
CA VAL B 316 6.09 36.58 -18.21
C VAL B 316 5.87 36.89 -16.74
N VAL B 317 5.35 38.08 -16.42
CA VAL B 317 5.08 38.42 -15.02
C VAL B 317 3.95 37.55 -14.48
N LEU B 318 2.93 37.27 -15.30
CA LEU B 318 1.87 36.39 -14.82
C LEU B 318 2.34 34.96 -14.65
N ILE B 319 3.27 34.49 -15.49
CA ILE B 319 3.81 33.14 -15.33
C ILE B 319 4.60 33.02 -14.04
N ILE B 320 5.40 34.04 -13.70
CA ILE B 320 6.19 34.01 -12.48
C ILE B 320 5.30 34.09 -11.24
N ALA B 321 4.28 34.95 -11.27
CA ALA B 321 3.38 35.07 -10.12
C ALA B 321 2.55 33.81 -9.92
N PHE B 322 2.07 33.20 -11.00
CA PHE B 322 1.28 32.01 -10.83
C PHE B 322 2.12 30.78 -10.55
N THR B 323 3.41 30.81 -10.89
CA THR B 323 4.29 29.73 -10.45
C THR B 323 4.54 29.79 -8.96
N TYR B 324 4.69 30.98 -8.40
CA TYR B 324 4.82 31.10 -6.96
C TYR B 324 3.55 30.68 -6.24
N PHE B 325 2.39 31.11 -6.75
CA PHE B 325 1.12 30.74 -6.12
C PHE B 325 0.89 29.24 -6.18
N TYR B 326 1.18 28.61 -7.32
CA TYR B 326 0.88 27.20 -7.41
C TYR B 326 1.93 26.32 -6.74
N ALA B 327 3.17 26.78 -6.63
CA ALA B 327 4.15 26.04 -5.87
C ALA B 327 3.85 26.09 -4.38
N PHE B 328 3.29 27.19 -3.90
CA PHE B 328 2.91 27.18 -2.50
C PHE B 328 1.54 26.55 -2.26
N VAL B 329 0.76 26.31 -3.31
CA VAL B 329 -0.43 25.49 -3.13
C VAL B 329 -0.06 24.02 -3.10
N GLN B 330 0.82 23.59 -3.99
CA GLN B 330 1.07 22.16 -4.14
C GLN B 330 2.03 21.60 -3.09
N VAL B 331 3.06 22.34 -2.73
CA VAL B 331 3.99 21.86 -1.71
C VAL B 331 3.43 22.09 -0.32
N ASN B 332 2.88 23.28 -0.08
CA ASN B 332 2.25 23.72 1.16
C ASN B 332 3.16 23.52 2.35
N PRO B 333 4.13 24.42 2.58
CA PRO B 333 5.07 24.25 3.69
C PRO B 333 4.44 24.14 5.08
N GLU B 334 3.34 24.83 5.34
CA GLU B 334 2.71 24.75 6.65
C GLU B 334 2.08 23.39 6.89
N GLN B 335 1.41 22.85 5.87
CA GLN B 335 0.78 21.56 6.04
C GLN B 335 1.80 20.44 6.08
N MET B 336 2.91 20.54 5.35
CA MET B 336 3.91 19.50 5.45
C MET B 336 4.72 19.59 6.72
N ALA B 337 4.84 20.77 7.32
CA ALA B 337 5.51 20.83 8.62
C ALA B 337 4.62 20.29 9.72
N ASP B 338 3.31 20.56 9.66
CA ASP B 338 2.39 19.95 10.62
C ASP B 338 2.27 18.45 10.39
N ASN B 339 2.44 18.02 9.15
CA ASN B 339 2.44 16.60 8.81
C ASN B 339 3.72 15.91 9.24
N LEU B 340 4.83 16.65 9.34
CA LEU B 340 6.06 16.05 9.83
C LEU B 340 6.09 16.00 11.35
N LYS B 341 5.59 17.04 12.02
CA LYS B 341 5.46 16.99 13.47
C LYS B 341 4.47 15.92 13.88
N LYS B 342 3.42 15.72 13.08
CA LYS B 342 2.36 14.78 13.41
C LYS B 342 2.85 13.33 13.45
N GLN B 343 3.89 12.99 12.70
CA GLN B 343 4.45 11.65 12.81
C GLN B 343 5.97 11.68 12.89
N GLY B 344 6.49 11.97 14.08
CA GLY B 344 7.88 11.73 14.36
C GLY B 344 8.93 12.65 13.78
N GLY B 345 8.98 12.76 12.44
CA GLY B 345 10.18 13.19 11.77
C GLY B 345 10.51 14.65 11.94
N TYR B 346 11.77 14.98 11.68
CA TYR B 346 12.25 16.36 11.81
C TYR B 346 13.48 16.53 10.95
N ILE B 347 13.74 17.76 10.54
CA ILE B 347 14.97 18.09 9.85
C ILE B 347 16.08 18.24 10.90
N PRO B 348 17.26 17.66 10.70
CA PRO B 348 18.24 17.67 11.78
C PRO B 348 18.83 19.03 12.06
N GLY B 349 18.39 19.63 13.15
CA GLY B 349 18.82 20.95 13.52
C GLY B 349 17.63 21.85 13.76
N ILE B 350 16.52 21.55 13.10
CA ILE B 350 15.38 22.44 13.03
C ILE B 350 14.27 21.88 13.89
N ARG B 351 13.85 22.65 14.87
CA ARG B 351 12.80 22.28 15.80
C ARG B 351 11.46 22.10 15.09
N PRO B 352 10.75 21.01 15.30
CA PRO B 352 9.80 20.53 14.28
C PRO B 352 8.44 21.20 14.23
N GLY B 353 8.27 22.37 14.81
CA GLY B 353 6.95 22.98 14.74
C GLY B 353 6.81 23.98 13.62
N LYS B 354 6.98 25.26 13.97
CA LYS B 354 6.94 26.36 13.01
C LYS B 354 8.28 26.55 12.31
N ASN B 355 9.39 26.24 12.97
CA ASN B 355 10.70 26.44 12.38
C ASN B 355 10.96 25.53 11.18
N THR B 356 10.37 24.34 11.18
CA THR B 356 10.44 23.49 10.01
C THR B 356 9.68 24.11 8.85
N GLN B 357 8.53 24.72 9.13
CA GLN B 357 7.75 25.40 8.10
C GLN B 357 8.50 26.56 7.49
N GLU B 358 9.15 27.37 8.32
CA GLU B 358 9.86 28.52 7.75
C GLU B 358 11.15 28.10 7.04
N TYR B 359 11.78 26.99 7.47
CA TYR B 359 12.94 26.48 6.74
C TYR B 359 12.56 26.00 5.35
N VAL B 360 11.52 25.17 5.25
CA VAL B 360 11.14 24.65 3.95
C VAL B 360 10.47 25.74 3.10
N THR B 361 9.94 26.80 3.71
CA THR B 361 9.46 27.95 2.95
C THR B 361 10.61 28.70 2.29
N ARG B 362 11.72 28.90 3.01
CA ARG B 362 12.86 29.56 2.41
C ARG B 362 13.46 28.76 1.26
N ILE B 363 13.58 27.44 1.45
CA ILE B 363 14.02 26.56 0.35
C ILE B 363 13.09 26.68 -0.85
N LEU B 364 11.79 26.80 -0.58
CA LEU B 364 10.82 26.88 -1.65
C LEU B 364 10.88 28.21 -2.40
N TYR B 365 11.18 29.31 -1.71
CA TYR B 365 11.30 30.61 -2.37
C TYR B 365 12.44 30.61 -3.37
N ARG B 366 13.61 30.12 -2.97
CA ARG B 366 14.75 30.11 -3.89
C ARG B 366 14.55 29.15 -5.06
N LEU B 367 14.11 27.92 -4.75
CA LEU B 367 13.91 26.91 -5.77
C LEU B 367 12.83 27.32 -6.76
N THR B 368 11.77 27.99 -6.28
CA THR B 368 10.71 28.39 -7.18
C THR B 368 11.10 29.57 -8.03
N LEU B 369 12.03 30.42 -7.55
CA LEU B 369 12.57 31.47 -8.42
C LEU B 369 13.23 30.88 -9.65
N VAL B 370 14.06 29.85 -9.44
CA VAL B 370 14.73 29.22 -10.58
C VAL B 370 13.73 28.50 -11.48
N GLY B 371 12.79 27.74 -10.89
CA GLY B 371 11.81 27.02 -11.69
C GLY B 371 10.83 27.90 -12.45
N SER B 372 10.47 29.05 -11.87
CA SER B 372 9.57 29.98 -12.54
C SER B 372 10.26 30.67 -13.70
N LEU B 373 11.54 31.02 -13.55
CA LEU B 373 12.25 31.60 -14.68
C LEU B 373 12.42 30.60 -15.81
N PHE B 374 12.64 29.32 -15.48
CA PHE B 374 12.70 28.31 -16.53
C PHE B 374 11.37 28.14 -17.24
N LEU B 375 10.27 28.19 -16.50
CA LEU B 375 8.94 28.06 -17.11
C LEU B 375 8.62 29.25 -18.00
N ALA B 376 8.98 30.46 -17.57
CA ALA B 376 8.73 31.65 -18.38
C ALA B 376 9.58 31.66 -19.63
N PHE B 377 10.82 31.17 -19.55
CA PHE B 377 11.64 31.11 -20.76
C PHE B 377 11.15 30.02 -21.72
N ILE B 378 10.60 28.92 -21.20
CA ILE B 378 10.05 27.89 -22.09
C ILE B 378 8.78 28.40 -22.77
N ALA B 379 7.91 29.09 -22.03
CA ALA B 379 6.60 29.41 -22.58
C ALA B 379 6.62 30.51 -23.64
N VAL B 380 7.65 31.35 -23.67
CA VAL B 380 7.79 32.37 -24.70
C VAL B 380 8.91 32.04 -25.67
N LEU B 381 9.50 30.86 -25.56
CA LEU B 381 10.42 30.37 -26.57
C LEU B 381 9.86 30.29 -27.99
N PRO B 382 8.66 29.76 -28.27
CA PRO B 382 8.27 29.59 -29.68
C PRO B 382 7.99 30.88 -30.42
N VAL B 383 7.58 31.96 -29.74
CA VAL B 383 7.40 33.21 -30.47
C VAL B 383 8.76 33.78 -30.87
N PHE B 384 9.79 33.54 -30.05
CA PHE B 384 11.15 33.91 -30.43
C PHE B 384 11.64 33.05 -31.57
N PHE B 385 11.22 31.79 -31.61
CA PHE B 385 11.65 30.89 -32.68
C PHE B 385 10.96 31.24 -33.99
N VAL B 386 9.68 31.63 -33.94
CA VAL B 386 8.95 31.98 -35.16
C VAL B 386 9.45 33.32 -35.70
N ASN B 387 9.76 34.27 -34.82
CA ASN B 387 10.32 35.53 -35.30
C ASN B 387 11.74 35.34 -35.81
N PHE B 388 12.67 34.92 -34.94
CA PHE B 388 14.08 34.83 -35.26
C PHE B 388 14.45 33.59 -36.10
N ALA B 389 13.47 32.78 -36.51
CA ALA B 389 13.80 31.59 -37.30
C ALA B 389 12.80 31.30 -38.39
N ASN B 390 11.91 32.25 -38.71
CA ASN B 390 10.89 32.28 -39.80
C ASN B 390 10.25 30.93 -40.09
N LEU B 391 9.79 30.29 -39.03
CA LEU B 391 8.98 29.08 -39.16
C LEU B 391 7.54 29.46 -39.49
N PRO B 392 6.74 28.52 -40.01
CA PRO B 392 5.30 28.73 -40.10
C PRO B 392 4.68 28.83 -38.73
N PRO B 393 3.82 29.82 -38.48
CA PRO B 393 3.39 30.13 -37.12
C PRO B 393 2.45 29.13 -36.48
N SER B 394 2.12 28.03 -37.13
CA SER B 394 1.43 26.93 -36.47
C SER B 394 2.39 25.93 -35.85
N ALA B 395 3.70 26.22 -35.84
CA ALA B 395 4.67 25.26 -35.35
C ALA B 395 4.62 25.14 -33.84
N GLN B 396 4.94 26.22 -33.15
CA GLN B 396 5.10 26.29 -31.69
C GLN B 396 6.07 25.21 -31.19
N ILE B 397 7.31 25.33 -31.64
CA ILE B 397 8.32 24.33 -31.33
C ILE B 397 8.85 24.56 -29.92
N GLY B 398 8.19 23.94 -28.96
CA GLY B 398 8.60 24.08 -27.57
C GLY B 398 7.84 25.09 -26.75
N GLY B 399 6.52 24.98 -26.70
CA GLY B 399 5.76 25.71 -25.71
C GLY B 399 5.68 24.88 -24.45
N THR B 400 4.48 24.69 -23.90
CA THR B 400 4.32 23.73 -22.83
C THR B 400 3.98 22.34 -23.35
N SER B 401 3.74 22.21 -24.65
CA SER B 401 3.69 20.91 -25.27
C SER B 401 5.00 20.16 -25.12
N LEU B 402 6.12 20.88 -25.13
CA LEU B 402 7.42 20.26 -24.92
C LEU B 402 7.55 19.71 -23.52
N LEU B 403 7.02 20.41 -22.53
CA LEU B 403 7.07 19.93 -21.16
C LEU B 403 6.18 18.72 -20.95
N ILE B 404 5.00 18.72 -21.56
CA ILE B 404 4.13 17.54 -21.45
C ILE B 404 4.76 16.34 -22.14
N VAL B 405 5.39 16.56 -23.29
CA VAL B 405 6.00 15.48 -24.06
C VAL B 405 7.16 14.85 -23.28
N VAL B 406 8.04 15.69 -22.73
CA VAL B 406 9.18 15.20 -21.98
C VAL B 406 8.73 14.48 -20.72
N GLY B 407 7.76 15.04 -19.99
CA GLY B 407 7.30 14.42 -18.76
C GLY B 407 6.65 13.07 -18.98
N VAL B 408 5.77 12.97 -19.98
CA VAL B 408 5.07 11.70 -20.18
C VAL B 408 6.00 10.62 -20.70
N ALA B 409 6.94 10.99 -21.58
CA ALA B 409 7.90 10.01 -22.10
C ALA B 409 8.78 9.45 -20.98
N LEU B 410 9.23 10.32 -20.08
CA LEU B 410 10.11 9.86 -19.01
C LEU B 410 9.36 9.02 -17.98
N GLU B 411 8.13 9.39 -17.60
CA GLU B 411 7.49 8.57 -16.57
C GLU B 411 6.96 7.25 -17.12
N THR B 412 6.63 7.17 -18.39
CA THR B 412 6.29 5.87 -18.95
C THR B 412 7.52 4.96 -19.02
N MET B 413 8.69 5.54 -19.36
CA MET B 413 9.92 4.76 -19.34
C MET B 413 10.26 4.28 -17.94
N LYS B 414 10.06 5.11 -16.93
CA LYS B 414 10.40 4.69 -15.57
C LYS B 414 9.47 3.63 -15.03
N GLN B 415 8.18 3.68 -15.40
CA GLN B 415 7.26 2.62 -15.00
C GLN B 415 7.65 1.27 -15.62
N LEU B 416 8.04 1.28 -16.90
CA LEU B 416 8.48 0.04 -17.52
C LEU B 416 9.79 -0.47 -16.93
N GLU B 417 10.69 0.44 -16.54
CA GLU B 417 11.93 0.04 -15.89
C GLU B 417 11.67 -0.61 -14.53
N SER B 418 10.67 -0.13 -13.80
CA SER B 418 10.36 -0.74 -12.51
C SER B 418 9.81 -2.15 -12.67
N GLN B 419 9.04 -2.40 -13.74
CA GLN B 419 8.61 -3.78 -14.00
C GLN B 419 9.80 -4.69 -14.38
N LEU B 420 10.75 -4.15 -15.14
CA LEU B 420 11.97 -4.89 -15.44
C LEU B 420 12.76 -5.26 -14.19
N VAL B 421 12.94 -4.32 -13.25
CA VAL B 421 13.75 -4.65 -12.08
C VAL B 421 13.00 -5.57 -11.14
N LYS B 422 11.67 -5.62 -11.26
CA LYS B 422 10.96 -6.72 -10.60
C LYS B 422 11.40 -8.06 -11.17
N ARG B 423 11.62 -8.15 -12.48
CA ARG B 423 11.98 -9.46 -13.05
C ARG B 423 13.47 -9.83 -12.95
N HIS B 424 14.30 -9.16 -12.15
CA HIS B 424 15.75 -9.38 -12.23
C HIS B 424 16.39 -9.90 -10.94
N TYR B 425 15.66 -10.59 -10.07
CA TYR B 425 16.21 -10.98 -8.78
C TYR B 425 17.15 -12.16 -8.94
N ARG B 426 18.42 -11.97 -8.60
CA ARG B 426 19.47 -12.90 -9.00
C ARG B 426 19.71 -14.00 -7.98
N GLY B 427 20.08 -13.65 -6.77
CA GLY B 427 20.49 -14.64 -5.80
C GLY B 427 22.00 -14.87 -5.82
N PHE B 428 22.52 -15.41 -4.73
CA PHE B 428 23.96 -15.57 -4.63
C PHE B 428 24.47 -16.87 -5.23
N ILE B 429 23.57 -17.77 -5.62
CA ILE B 429 23.99 -19.05 -6.16
C ILE B 429 24.09 -19.01 -7.67
N LYS B 430 23.07 -18.45 -8.33
CA LYS B 430 22.93 -18.40 -9.79
C LYS B 430 23.04 -19.78 -10.45
N GLN C 2 21.25 45.96 1.47
CA GLN C 2 21.01 45.29 0.21
C GLN C 2 20.52 43.86 0.42
N ARG C 3 19.22 43.66 0.27
CA ARG C 3 18.63 42.35 0.47
C ARG C 3 18.53 41.54 -0.82
N VAL C 4 18.51 42.19 -1.98
CA VAL C 4 18.26 41.48 -3.22
C VAL C 4 19.50 40.75 -3.70
N THR C 5 20.68 41.37 -3.60
CA THR C 5 21.90 40.66 -3.98
C THR C 5 22.25 39.57 -2.97
N ASN C 6 21.91 39.78 -1.69
CA ASN C 6 21.99 38.72 -0.71
C ASN C 6 21.05 37.57 -1.07
N PHE C 7 19.86 37.89 -1.58
CA PHE C 7 18.92 36.86 -1.98
C PHE C 7 19.41 36.08 -3.17
N PHE C 8 20.04 36.75 -4.13
CA PHE C 8 20.53 36.01 -5.29
C PHE C 8 21.79 35.21 -4.97
N LYS C 9 22.57 35.65 -3.98
CA LYS C 9 23.64 34.82 -3.46
C LYS C 9 23.09 33.57 -2.77
N GLU C 10 21.99 33.72 -2.02
CA GLU C 10 21.32 32.57 -1.44
C GLU C 10 20.74 31.65 -2.50
N VAL C 11 20.25 32.20 -3.60
CA VAL C 11 19.68 31.40 -4.68
C VAL C 11 20.77 30.58 -5.36
N VAL C 12 21.97 31.15 -5.56
CA VAL C 12 23.04 30.37 -6.18
C VAL C 12 23.58 29.31 -5.23
N ARG C 13 23.60 29.61 -3.92
CA ARG C 13 23.97 28.57 -2.94
C ARG C 13 22.96 27.43 -2.92
N GLU C 14 21.68 27.79 -3.00
CA GLU C 14 20.61 26.79 -3.07
C GLU C 14 20.72 25.96 -4.33
N LEU C 15 21.10 26.58 -5.45
CA LEU C 15 21.33 25.84 -6.68
C LEU C 15 22.53 24.93 -6.57
N LYS C 16 23.49 25.25 -5.71
CA LYS C 16 24.55 24.29 -5.45
C LYS C 16 24.00 23.07 -4.73
N LYS C 17 23.07 23.26 -3.79
CA LYS C 17 22.61 22.11 -3.01
C LYS C 17 21.65 21.17 -3.75
N VAL C 18 21.09 21.57 -4.89
CA VAL C 18 20.17 20.72 -5.64
C VAL C 18 20.93 19.55 -6.24
N SER C 19 20.31 18.37 -6.25
CA SER C 19 20.96 17.19 -6.81
C SER C 19 20.57 17.04 -8.28
N TRP C 20 21.36 17.64 -9.16
CA TRP C 20 21.14 17.61 -10.58
C TRP C 20 21.53 16.25 -11.15
N PRO C 21 20.97 15.86 -12.29
CA PRO C 21 21.37 14.59 -12.90
C PRO C 21 22.77 14.68 -13.48
N ASN C 22 23.43 13.53 -13.55
CA ASN C 22 24.79 13.49 -14.07
C ASN C 22 24.77 13.45 -15.60
N ARG C 23 25.94 13.29 -16.20
CA ARG C 23 26.04 13.31 -17.65
C ARG C 23 25.46 12.03 -18.26
N LYS C 24 25.67 10.90 -17.60
CA LYS C 24 25.21 9.61 -18.13
C LYS C 24 23.69 9.53 -18.14
N GLU C 25 23.06 9.95 -17.04
CA GLU C 25 21.61 9.94 -17.00
C GLU C 25 21.01 10.97 -17.95
N LEU C 26 21.71 12.07 -18.19
CA LEU C 26 21.21 13.08 -19.12
C LEU C 26 21.22 12.57 -20.55
N VAL C 27 22.28 11.87 -20.96
CA VAL C 27 22.27 11.35 -22.33
C VAL C 27 21.33 10.16 -22.47
N ASN C 28 21.16 9.35 -21.42
CA ASN C 28 20.20 8.25 -21.50
C ASN C 28 18.77 8.78 -21.58
N TYR C 29 18.44 9.80 -20.78
CA TYR C 29 17.10 10.38 -20.80
C TYR C 29 16.81 11.09 -22.11
N THR C 30 17.80 11.80 -22.67
CA THR C 30 17.56 12.47 -23.95
C THR C 30 17.40 11.48 -25.09
N ALA C 31 18.12 10.36 -25.03
CA ALA C 31 17.91 9.31 -26.00
C ALA C 31 16.50 8.72 -25.89
N VAL C 32 16.02 8.52 -24.66
CA VAL C 32 14.67 7.98 -24.47
C VAL C 32 13.61 8.95 -24.98
N VAL C 33 13.79 10.25 -24.72
CA VAL C 33 12.80 11.25 -25.12
C VAL C 33 12.75 11.39 -26.64
N LEU C 34 13.92 11.51 -27.29
CA LEU C 34 13.94 11.64 -28.74
C LEU C 34 13.48 10.36 -29.43
N ALA C 35 13.80 9.20 -28.87
CA ALA C 35 13.34 7.94 -29.45
C ALA C 35 11.84 7.77 -29.33
N THR C 36 11.26 8.17 -28.19
CA THR C 36 9.81 8.05 -28.02
C THR C 36 9.05 9.01 -28.91
N VAL C 37 9.57 10.25 -29.07
CA VAL C 37 8.92 11.20 -29.96
C VAL C 37 9.03 10.76 -31.41
N ALA C 38 10.20 10.22 -31.81
CA ALA C 38 10.37 9.77 -33.19
C ALA C 38 9.48 8.56 -33.49
N PHE C 39 9.42 7.60 -32.57
CA PHE C 39 8.56 6.43 -32.78
C PHE C 39 7.09 6.81 -32.81
N PHE C 40 6.63 7.67 -31.90
CA PHE C 40 5.22 8.00 -31.90
C PHE C 40 4.82 8.93 -33.03
N THR C 41 5.75 9.77 -33.50
CA THR C 41 5.50 10.57 -34.68
C THR C 41 5.32 9.71 -35.91
N VAL C 42 6.23 8.73 -36.10
CA VAL C 42 6.14 7.84 -37.25
C VAL C 42 4.90 6.94 -37.16
N PHE C 43 4.59 6.49 -35.94
CA PHE C 43 3.42 5.64 -35.71
C PHE C 43 2.13 6.38 -36.01
N PHE C 44 2.01 7.63 -35.58
CA PHE C 44 0.77 8.37 -35.83
C PHE C 44 0.67 8.83 -37.27
N ALA C 45 1.80 9.08 -37.94
CA ALA C 45 1.74 9.39 -39.37
C ALA C 45 1.25 8.18 -40.17
N VAL C 46 1.77 6.99 -39.85
CA VAL C 46 1.35 5.77 -40.55
C VAL C 46 -0.12 5.46 -40.27
N ILE C 47 -0.55 5.66 -39.02
CA ILE C 47 -1.95 5.44 -38.65
C ILE C 47 -2.86 6.41 -39.40
N ASP C 48 -2.49 7.69 -39.46
CA ASP C 48 -3.32 8.68 -40.13
C ASP C 48 -3.43 8.39 -41.62
N LEU C 49 -2.32 8.00 -42.25
CA LEU C 49 -2.33 7.70 -43.69
C LEU C 49 -3.18 6.47 -43.99
N GLY C 50 -3.04 5.41 -43.19
CA GLY C 50 -3.82 4.20 -43.44
C GLY C 50 -5.30 4.38 -43.19
N ILE C 51 -5.67 5.05 -42.10
CA ILE C 51 -7.09 5.23 -41.80
C ILE C 51 -7.74 6.21 -42.75
N SER C 52 -7.01 7.25 -43.18
CA SER C 52 -7.56 8.18 -44.16
C SER C 52 -7.74 7.51 -45.52
N GLN C 53 -6.79 6.65 -45.91
CA GLN C 53 -6.93 5.94 -47.18
C GLN C 53 -8.06 4.92 -47.12
N LEU C 54 -8.25 4.27 -45.97
CA LEU C 54 -9.37 3.35 -45.81
C LEU C 54 -10.71 4.06 -45.85
N ILE C 55 -10.79 5.24 -45.22
CA ILE C 55 -12.02 6.02 -45.23
C ILE C 55 -12.34 6.51 -46.63
N ARG C 56 -11.30 6.88 -47.39
CA ARG C 56 -11.49 7.27 -48.78
C ARG C 56 -11.87 6.07 -49.65
N LEU C 57 -11.40 4.88 -49.30
CA LEU C 57 -11.77 3.68 -50.05
C LEU C 57 -13.21 3.28 -49.77
N VAL C 58 -13.72 3.55 -48.57
CA VAL C 58 -15.13 3.26 -48.28
C VAL C 58 -16.03 4.40 -48.77
N PHE C 59 -15.47 5.61 -48.93
CA PHE C 59 -16.15 6.84 -49.35
C PHE C 59 -17.30 7.20 -48.43
N ALA D 2 -8.23 37.57 3.92
CA ALA D 2 -8.45 36.14 3.72
C ALA D 2 -8.01 35.72 2.32
N LYS D 3 -7.55 34.48 2.16
CA LYS D 3 -7.09 33.99 0.85
C LYS D 3 -8.22 33.35 0.02
N LYS D 4 -9.40 33.25 0.64
CA LYS D 4 -10.56 32.64 0.00
C LYS D 4 -10.94 33.41 -1.25
N THR D 5 -10.89 34.74 -1.18
CA THR D 5 -11.25 35.55 -2.32
C THR D 5 -10.29 35.25 -3.47
N ILE D 6 -8.99 35.13 -3.19
CA ILE D 6 -8.04 34.85 -4.26
C ILE D 6 -8.33 33.49 -4.89
N LEU D 7 -8.62 32.49 -4.07
CA LEU D 7 -8.90 31.18 -4.65
C LEU D 7 -10.13 31.23 -5.54
N PHE D 8 -11.17 31.92 -5.07
CA PHE D 8 -12.40 32.04 -5.84
C PHE D 8 -12.16 32.76 -7.15
N LEU D 9 -11.35 33.81 -7.11
CA LEU D 9 -11.04 34.58 -8.29
C LEU D 9 -10.35 33.70 -9.30
N LEU D 10 -9.39 32.89 -8.85
CA LEU D 10 -8.70 32.02 -9.79
C LEU D 10 -9.68 31.05 -10.43
N THR D 11 -10.56 30.47 -9.62
CA THR D 11 -11.51 29.52 -10.20
C THR D 11 -12.42 30.20 -11.23
N VAL D 12 -12.91 31.39 -10.89
CA VAL D 12 -13.81 32.06 -11.83
C VAL D 12 -13.09 32.42 -13.12
N LEU D 13 -11.84 32.85 -13.01
CA LEU D 13 -11.09 33.20 -14.22
C LEU D 13 -10.92 31.98 -15.10
N THR D 14 -10.61 30.84 -14.48
CA THR D 14 -10.43 29.62 -15.28
C THR D 14 -11.74 29.26 -15.98
N THR D 15 -12.85 29.38 -15.26
CA THR D 15 -14.14 29.05 -15.84
C THR D 15 -14.46 29.98 -17.01
N VAL D 16 -14.15 31.26 -16.84
CA VAL D 16 -14.40 32.24 -17.89
C VAL D 16 -13.58 31.90 -19.12
N LEU D 17 -12.32 31.51 -18.91
CA LEU D 17 -11.47 31.15 -20.02
C LEU D 17 -12.02 29.94 -20.77
N VAL D 18 -12.49 28.90 -20.06
CA VAL D 18 -13.03 27.74 -20.78
C VAL D 18 -14.34 28.00 -21.54
N SER D 19 -15.23 28.79 -20.92
CA SER D 19 -16.53 29.11 -21.49
C SER D 19 -16.52 30.41 -22.29
N GLY D 20 -15.42 31.16 -22.25
CA GLY D 20 -15.26 32.32 -23.11
C GLY D 20 -14.57 31.98 -24.41
N TRP D 21 -15.01 30.90 -25.05
CA TRP D 21 -14.59 30.57 -26.40
C TRP D 21 -15.62 31.03 -27.42
N VAL D 22 -16.28 32.17 -27.15
CA VAL D 22 -17.46 32.56 -27.90
C VAL D 22 -17.12 33.40 -29.12
N VAL D 23 -16.06 34.20 -29.06
CA VAL D 23 -15.57 34.95 -30.22
C VAL D 23 -14.13 34.52 -30.46
N LEU D 24 -13.85 34.03 -31.66
CA LEU D 24 -12.56 33.45 -32.01
C LEU D 24 -11.75 34.36 -32.92
N GLY D 25 -11.90 35.67 -32.76
CA GLY D 25 -11.19 36.61 -33.63
C GLY D 25 -11.73 36.60 -35.05
N CYS D 26 -10.98 37.26 -35.93
CA CYS D 26 -11.16 37.24 -37.39
C CYS D 26 -12.53 37.75 -37.87
N GLY D 34 -9.09 32.44 -33.49
CA GLY D 34 -8.36 32.68 -32.25
C GLY D 34 -6.89 32.33 -32.33
N VAL D 35 -6.03 33.21 -31.82
CA VAL D 35 -4.59 32.97 -31.81
C VAL D 35 -4.10 32.48 -30.46
N VAL D 36 -5.00 32.23 -29.51
CA VAL D 36 -4.62 31.74 -28.19
C VAL D 36 -5.48 30.55 -27.77
N ILE D 37 -6.68 30.44 -28.32
CA ILE D 37 -7.69 29.52 -27.78
C ILE D 37 -7.35 28.08 -28.13
N LEU D 38 -6.91 27.83 -29.36
CA LEU D 38 -6.51 26.48 -29.75
C LEU D 38 -5.24 26.05 -29.04
N LYS D 39 -4.31 26.99 -28.85
CA LYS D 39 -3.14 26.76 -28.01
C LYS D 39 -3.56 26.30 -26.63
N THR D 40 -4.48 27.05 -26.00
CA THR D 40 -5.05 26.71 -24.69
C THR D 40 -5.70 25.33 -24.70
N LEU D 41 -6.29 24.97 -25.83
CA LEU D 41 -6.94 23.67 -25.98
C LEU D 41 -5.95 22.51 -25.88
N HIS D 42 -4.76 22.66 -26.47
CA HIS D 42 -3.88 21.49 -26.55
C HIS D 42 -2.68 21.47 -25.58
N MET D 43 -2.52 22.45 -24.70
CA MET D 43 -1.20 22.61 -24.11
C MET D 43 -1.13 22.39 -22.60
N PHE D 44 -2.13 21.76 -21.96
CA PHE D 44 -2.07 21.62 -20.51
C PHE D 44 -2.25 20.18 -20.07
N GLU D 45 -1.62 19.85 -18.95
CA GLU D 45 -1.56 18.51 -18.39
C GLU D 45 -2.20 18.50 -17.01
N VAL D 46 -2.67 17.33 -16.60
CA VAL D 46 -3.36 17.12 -15.32
C VAL D 46 -2.40 17.42 -14.17
N PRO D 47 -2.87 18.00 -13.07
CA PRO D 47 -2.00 18.14 -11.90
C PRO D 47 -1.71 16.78 -11.30
N PHE D 48 -0.63 16.72 -10.54
CA PHE D 48 -0.38 15.49 -9.79
C PHE D 48 -1.28 15.47 -8.56
N LEU D 49 -1.72 14.27 -8.20
CA LEU D 49 -2.66 14.11 -7.10
C LEU D 49 -2.02 14.48 -5.78
N LEU D 50 -2.76 15.22 -4.96
CA LEU D 50 -2.16 15.86 -3.79
C LEU D 50 -1.81 14.83 -2.72
N VAL D 51 -0.82 15.20 -1.90
CA VAL D 51 -0.15 14.30 -0.98
C VAL D 51 -1.08 13.84 0.14
N ASP D 61 0.49 2.10 14.69
CA ASP D 61 0.65 1.86 16.11
C ASP D 61 1.94 1.12 16.43
N SER D 62 1.92 0.35 17.49
CA SER D 62 3.13 -0.22 18.09
C SER D 62 3.39 -1.61 17.53
N PRO D 63 4.57 -1.85 16.96
CA PRO D 63 4.91 -3.19 16.47
C PRO D 63 5.60 -4.05 17.51
N HIS D 64 5.33 -5.34 17.41
CA HIS D 64 5.80 -6.33 18.36
C HIS D 64 6.73 -7.31 17.66
N SER D 65 7.31 -8.22 18.44
CA SER D 65 8.33 -9.13 17.93
C SER D 65 8.49 -10.27 18.89
N TYR D 66 8.27 -11.49 18.45
CA TYR D 66 8.34 -12.66 19.31
C TYR D 66 9.78 -13.01 19.58
N HIS D 67 10.29 -12.63 20.75
CA HIS D 67 11.67 -12.94 21.07
C HIS D 67 11.83 -14.43 21.37
N SER D 68 12.22 -15.19 20.36
CA SER D 68 12.86 -16.47 20.58
C SER D 68 14.19 -16.58 19.83
N GLY D 69 14.16 -16.39 18.51
CA GLY D 69 15.21 -16.86 17.64
C GLY D 69 14.86 -18.24 17.12
MG MG E . -15.80 -21.45 16.12
BE BEF F . -17.06 -22.37 15.64
F1 BEF F . -18.48 -21.31 15.49
F2 BEF F . -15.83 -22.34 14.39
F3 BEF F . -16.57 -22.86 17.26
PB ADP G . -19.57 -23.28 14.51
O1B ADP G . -20.32 -22.03 14.26
O2B ADP G . -18.23 -22.92 15.10
O3B ADP G . -19.65 -24.35 13.41
PA ADP G . -19.75 -25.00 16.68
O1A ADP G . -19.57 -26.18 15.79
O2A ADP G . -18.62 -24.48 17.49
O3A ADP G . -20.33 -23.82 15.79
O5' ADP G . -20.94 -25.30 17.68
C5' ADP G . -22.27 -25.41 17.20
C4' ADP G . -23.00 -26.50 17.96
O4' ADP G . -23.80 -27.23 17.04
C3' ADP G . -22.02 -27.48 18.54
O3' ADP G . -22.18 -27.55 19.95
C2' ADP G . -22.38 -28.82 17.99
O2' ADP G . -22.56 -29.65 19.12
C1' ADP G . -23.71 -28.62 17.32
N9 ADP G . -23.84 -29.46 16.11
C8 ADP G . -23.08 -29.40 15.02
N7 ADP G . -23.47 -30.33 14.11
C5 ADP G . -24.50 -31.01 14.63
C6 ADP G . -25.38 -32.13 14.20
N6 ADP G . -25.29 -32.78 13.00
N1 ADP G . -26.33 -32.51 15.08
C2 ADP G . -26.46 -31.93 16.27
N3 ADP G . -25.71 -30.92 16.71
C4 ADP G . -24.73 -30.44 15.95
#